data_7RHH
#
_entry.id   7RHH
#
_cell.length_a   1.00
_cell.length_b   1.00
_cell.length_c   1.00
_cell.angle_alpha   90.00
_cell.angle_beta   90.00
_cell.angle_gamma   90.00
#
_symmetry.space_group_name_H-M   'P 1'
#
loop_
_entity.id
_entity.type
_entity.pdbx_description
1 polymer 'cGMP-gated cation channel alpha-1'
2 polymer 'Cyclic nucleotide-gated cation channel beta-1'
3 non-polymer 'CYCLIC GUANOSINE MONOPHOSPHATE'
#
loop_
_entity_poly.entity_id
_entity_poly.type
_entity_poly.pdbx_seq_one_letter_code
_entity_poly.pdbx_strand_id
1 'polypeptide(L)'
;MDYKDDDDKGGSASKDKKEEEKKEVVVIDPSGNTYYNWLFCITLPVMYNWTMVIARACFDELQSDYLEYWLILDYVSDIV
YLIDMFVRTRTGYLEQGLLVKEELKLINKYKSNLQFKLDVLSLIPTDLLYFKLGWNYPEIRLNRLLRFSRMFEFFQRTET
RTNYPNIFRISNLVMYIVIIIHWNACVFYSISKAIGFGNDTWVYPDINDPEFGRLARKYVYSLYWSTLTLTTIGETPPPV
RDSEYVFVVVDFLIGVLIFATIVGNIGSMISNMNAARAEFQARIDAIKQYMHFRNVSKDMEKRVIKWFDYLWTNKKTVDE
KEVLKYLPDKLRAEIAINVHLDTLKKVRIFADCEAGLLVELVLKLQPQVYSPGDYICKKGDIGREMYIIKEGKLAVVADD
GVTQFVVLSDGSYFGEISILNIKGSKAGNRRTANIKSIGYSDLFCLSKDDLMEALTEYPDAKTMLEEKGKQILMKDGLLD
LNIANAGSDPKDLEEKVTRMEGSVDLLQTRFARILAEYESMQQKLKQRLTKVEKFLKPLIDTEFSSIEGPGAESGPIDST
;
A,C,D
2 'polypeptide(L)'
;MDYKDDDDKGGSASSGVPATKQHPEVQVEDTDADSCPLMAEENPPSTVLPPPSPAKSDTLIVPSSASGTHRKKLPSEDDE
AEELKALSPAESPVVAWSDPTTPKDTDGQDRAASTASTNSAIINDRLQELVKLFKERTEKVKEKLIDPDVTSDEESPKPS
PAKKAPEPAPDTKPAEAEPVEEEHYCDMLCCKFKHRPWKKYQFPQSIDPLTNLMYVLWLFFVVMAWNWNCWLIPVRWAFP
YQTPDNIHHWLLMDYLCDLIYFLDITVFQTRLQFVRGGDIITDKKDMRNNYLKSRRFKMDLLSLLPLDFLYLKVGVNPLL
RLPRCLKYMAFFEFNSRLESILSKAYVYRVIRTTAYLLYSLHLNSCLYYWASAYQGLGSTHWVYDGVGNSYIRCYYFAVK
TLITIGGLPDPKTLFEIVFQLLNYFTGVFAFSVMIGQMRDVVGAATAGQTYYRSCMDSTVKYMNFYKIPKSVQNRVKTWY
EYTWHSQGMLDESELMVQLPDKMRLDLAIDVNYNIVSKVALFQGCDRQMIFDMLKRLRSVVYLPNDYVCKKGEIGREMYI
IQAGQVQVLGGPDGKSVLVTLKAGSVFGEISLLAVGGGNRRTANVVAHGFTNLFILDKKDLNEILVHYPESQKLLRKKAR
RMLRSNNKPKEEKSVLILPPRAGTPKLFNAALAMTGKMGGKGAKGGKLAHLRARLKELAALEAAAKQQELVEQAKSSQDV
KGEEGSAAPDQHTHPKEAATDPPAPRTPPEPPGSPPSSPPPASLGRPEGEEEGPAEPEEHSVRICMSPGPEPGEQILSVK
MPEEREEKAE
;
B
#
loop_
_chem_comp.id
_chem_comp.type
_chem_comp.name
_chem_comp.formula
PCG non-polymer 'CYCLIC GUANOSINE MONOPHOSPHATE' 'C10 H12 N5 O7 P'
#
# COMPACT_ATOMS: atom_id res chain seq x y z
CA VAL A 26 -24.06 -39.16 -13.04
C VAL A 26 -23.02 -38.15 -13.51
N VAL A 27 -22.96 -36.99 -12.85
CA VAL A 27 -22.05 -35.92 -13.21
C VAL A 27 -21.24 -35.55 -11.97
N ILE A 28 -20.05 -35.00 -12.21
CA ILE A 28 -19.17 -34.54 -11.13
C ILE A 28 -19.27 -33.01 -11.07
N ASP A 29 -19.68 -32.50 -9.90
CA ASP A 29 -19.77 -31.06 -9.71
C ASP A 29 -18.42 -30.52 -9.27
N PRO A 30 -17.84 -29.57 -10.00
CA PRO A 30 -16.54 -29.01 -9.58
C PRO A 30 -16.56 -28.36 -8.21
N SER A 31 -17.68 -27.75 -7.82
CA SER A 31 -17.78 -27.15 -6.50
C SER A 31 -17.99 -28.17 -5.39
N GLY A 32 -18.23 -29.45 -5.73
CA GLY A 32 -18.47 -30.46 -4.73
C GLY A 32 -17.21 -30.89 -4.01
N ASN A 33 -17.41 -31.62 -2.90
CA ASN A 33 -16.29 -32.10 -2.11
C ASN A 33 -15.60 -33.27 -2.79
N THR A 34 -16.34 -34.08 -3.55
CA THR A 34 -15.72 -35.22 -4.24
C THR A 34 -14.77 -34.76 -5.34
N TYR A 35 -15.05 -33.63 -5.98
CA TYR A 35 -14.14 -33.10 -6.98
C TYR A 35 -12.83 -32.64 -6.32
N TYR A 36 -12.93 -32.02 -5.14
CA TYR A 36 -11.72 -31.63 -4.41
C TYR A 36 -10.94 -32.85 -3.94
N ASN A 37 -11.65 -33.90 -3.52
CA ASN A 37 -10.99 -35.14 -3.14
C ASN A 37 -10.25 -35.76 -4.32
N TRP A 38 -10.88 -35.74 -5.50
CA TRP A 38 -10.18 -36.27 -6.67
C TRP A 38 -9.03 -35.36 -7.10
N LEU A 39 -9.15 -34.04 -6.88
CA LEU A 39 -8.03 -33.16 -7.15
C LEU A 39 -6.84 -33.50 -6.26
N PHE A 40 -7.10 -33.78 -4.98
CA PHE A 40 -6.03 -34.24 -4.10
C PHE A 40 -5.47 -35.58 -4.57
N CYS A 41 -6.34 -36.47 -5.06
CA CYS A 41 -5.89 -37.79 -5.47
C CYS A 41 -5.07 -37.74 -6.76
N ILE A 42 -5.32 -36.76 -7.62
CA ILE A 42 -4.55 -36.63 -8.87
C ILE A 42 -3.30 -35.77 -8.68
N THR A 43 -3.29 -34.90 -7.66
CA THR A 43 -2.12 -34.05 -7.44
C THR A 43 -0.89 -34.88 -7.05
N LEU A 44 -1.09 -35.93 -6.25
CA LEU A 44 0.04 -36.75 -5.82
C LEU A 44 0.78 -37.43 -6.97
N PRO A 45 0.14 -38.02 -8.00
CA PRO A 45 0.92 -38.43 -9.18
C PRO A 45 1.63 -37.28 -9.87
N VAL A 46 1.03 -36.09 -9.91
CA VAL A 46 1.68 -34.95 -10.56
C VAL A 46 2.89 -34.50 -9.75
N MET A 47 2.75 -34.43 -8.43
CA MET A 47 3.89 -34.07 -7.58
C MET A 47 4.98 -35.13 -7.64
N TYR A 48 4.60 -36.41 -7.69
CA TYR A 48 5.59 -37.47 -7.82
C TYR A 48 6.32 -37.38 -9.15
N ASN A 49 5.60 -37.08 -10.22
CA ASN A 49 6.23 -36.93 -11.53
C ASN A 49 7.14 -35.72 -11.58
N TRP A 50 6.74 -34.62 -10.95
CA TRP A 50 7.58 -33.42 -10.98
C TRP A 50 8.81 -33.56 -10.09
N THR A 51 8.75 -34.42 -9.08
CA THR A 51 9.89 -34.64 -8.20
C THR A 51 10.79 -35.77 -8.67
N MET A 52 10.22 -36.96 -8.87
CA MET A 52 11.02 -38.16 -8.98
C MET A 52 11.46 -38.49 -10.39
N VAL A 53 10.73 -38.03 -11.42
CA VAL A 53 11.10 -38.36 -12.79
C VAL A 53 12.42 -37.71 -13.15
N ILE A 54 12.57 -36.41 -12.86
CA ILE A 54 13.83 -35.73 -13.15
C ILE A 54 14.96 -36.26 -12.28
N ALA A 55 14.67 -36.64 -11.03
CA ALA A 55 15.68 -37.20 -10.15
C ALA A 55 16.20 -38.53 -10.67
N ARG A 56 15.30 -39.39 -11.16
CA ARG A 56 15.71 -40.65 -11.74
C ARG A 56 16.42 -40.45 -13.07
N ALA A 57 16.01 -39.43 -13.83
CA ALA A 57 16.67 -39.14 -15.10
C ALA A 57 18.10 -38.70 -14.90
N CYS A 58 18.35 -37.85 -13.90
CA CYS A 58 19.69 -37.33 -13.68
C CYS A 58 20.54 -38.25 -12.81
N PHE A 59 20.03 -38.64 -11.65
CA PHE A 59 20.69 -39.63 -10.81
C PHE A 59 20.32 -41.01 -11.33
N ASP A 60 21.21 -41.62 -12.12
CA ASP A 60 20.90 -42.89 -12.76
C ASP A 60 20.79 -44.03 -11.76
N GLU A 61 21.60 -43.99 -10.68
CA GLU A 61 21.55 -45.04 -9.67
C GLU A 61 20.17 -45.12 -9.03
N LEU A 62 19.56 -43.96 -8.76
CA LEU A 62 18.20 -43.92 -8.24
C LEU A 62 17.22 -44.60 -9.19
N GLN A 63 17.49 -44.52 -10.50
CA GLN A 63 16.66 -45.25 -11.46
C GLN A 63 16.95 -46.74 -11.40
N SER A 64 18.20 -47.13 -11.16
CA SER A 64 18.59 -48.53 -11.23
C SER A 64 18.36 -49.28 -9.93
N ASP A 65 18.55 -48.61 -8.79
CA ASP A 65 18.44 -49.30 -7.50
C ASP A 65 17.01 -49.68 -7.17
N TYR A 66 16.05 -48.80 -7.49
CA TYR A 66 14.65 -49.00 -7.12
C TYR A 66 13.78 -49.10 -8.36
N LEU A 67 14.26 -49.82 -9.38
CA LEU A 67 13.52 -49.97 -10.63
C LEU A 67 12.20 -50.69 -10.40
N GLU A 68 12.21 -51.74 -9.58
CA GLU A 68 10.98 -52.47 -9.28
C GLU A 68 9.98 -51.64 -8.50
N TYR A 69 10.43 -50.58 -7.82
CA TYR A 69 9.52 -49.66 -7.13
C TYR A 69 9.08 -48.52 -8.03
N TRP A 70 10.01 -47.96 -8.81
CA TRP A 70 9.64 -46.87 -9.71
C TRP A 70 8.71 -47.34 -10.82
N LEU A 71 8.86 -48.58 -11.28
CA LEU A 71 7.93 -49.09 -12.30
C LEU A 71 6.51 -49.18 -11.76
N ILE A 72 6.35 -49.69 -10.53
CA ILE A 72 5.03 -49.80 -9.92
C ILE A 72 4.44 -48.41 -9.67
N LEU A 73 5.26 -47.49 -9.15
CA LEU A 73 4.77 -46.14 -8.90
C LEU A 73 4.38 -45.42 -10.19
N ASP A 74 5.16 -45.62 -11.25
CA ASP A 74 4.85 -45.00 -12.54
C ASP A 74 3.59 -45.58 -13.15
N TYR A 75 3.39 -46.91 -13.03
CA TYR A 75 2.18 -47.52 -13.55
C TYR A 75 0.96 -47.05 -12.77
N VAL A 76 1.08 -46.92 -11.45
CA VAL A 76 -0.01 -46.40 -10.63
C VAL A 76 -0.32 -44.96 -11.02
N SER A 77 0.72 -44.15 -11.24
CA SER A 77 0.52 -42.76 -11.66
C SER A 77 -0.15 -42.69 -13.02
N ASP A 78 0.21 -43.58 -13.94
CA ASP A 78 -0.44 -43.61 -15.25
C ASP A 78 -1.90 -44.03 -15.15
N ILE A 79 -2.20 -44.98 -14.26
CA ILE A 79 -3.58 -45.40 -14.04
C ILE A 79 -4.40 -44.23 -13.49
N VAL A 80 -3.85 -43.51 -12.50
CA VAL A 80 -4.56 -42.37 -11.94
C VAL A 80 -4.70 -41.25 -12.98
N TYR A 81 -3.72 -41.08 -13.85
CA TYR A 81 -3.83 -40.13 -14.95
C TYR A 81 -4.97 -40.49 -15.89
N LEU A 82 -5.09 -41.78 -16.18
CA LEU A 82 -6.17 -42.25 -17.04
C LEU A 82 -7.51 -41.99 -16.39
N ILE A 83 -7.62 -42.29 -15.09
CA ILE A 83 -8.86 -42.06 -14.37
C ILE A 83 -9.20 -40.56 -14.34
N ASP A 84 -8.18 -39.71 -14.22
CA ASP A 84 -8.40 -38.27 -14.28
C ASP A 84 -8.89 -37.82 -15.66
N MET A 85 -8.38 -38.46 -16.69
CA MET A 85 -8.80 -38.11 -18.05
C MET A 85 -10.28 -38.44 -18.15
N PHE A 86 -10.66 -39.58 -17.58
CA PHE A 86 -12.05 -40.02 -17.58
C PHE A 86 -12.92 -39.05 -16.79
N VAL A 87 -12.42 -38.59 -15.64
CA VAL A 87 -13.16 -37.67 -14.79
C VAL A 87 -13.48 -36.38 -15.56
N ARG A 88 -12.51 -35.92 -16.33
CA ARG A 88 -12.69 -34.70 -17.12
C ARG A 88 -13.66 -34.89 -18.28
N THR A 89 -13.98 -36.13 -18.66
CA THR A 89 -15.07 -36.42 -19.58
C THR A 89 -16.40 -36.57 -18.85
N ARG A 90 -16.40 -36.48 -17.52
CA ARG A 90 -17.60 -36.69 -16.72
C ARG A 90 -17.97 -35.50 -15.85
N THR A 91 -17.03 -34.61 -15.55
CA THR A 91 -17.33 -33.45 -14.73
C THR A 91 -18.04 -32.38 -15.55
N GLY A 92 -18.90 -31.62 -14.87
CA GLY A 92 -19.66 -30.57 -15.52
C GLY A 92 -18.90 -29.26 -15.58
N TYR A 93 -19.44 -28.33 -16.37
CA TYR A 93 -18.93 -26.98 -16.45
C TYR A 93 -20.09 -26.00 -16.39
N LEU A 94 -19.80 -24.79 -15.90
CA LEU A 94 -20.81 -23.79 -15.64
C LEU A 94 -20.99 -22.90 -16.88
N GLU A 95 -22.14 -23.01 -17.52
CA GLU A 95 -22.51 -22.12 -18.61
C GLU A 95 -23.84 -21.46 -18.26
N GLN A 96 -23.90 -20.14 -18.43
CA GLN A 96 -25.05 -19.32 -18.05
C GLN A 96 -25.41 -19.52 -16.58
N GLY A 97 -24.40 -19.76 -15.74
CA GLY A 97 -24.63 -20.00 -14.33
C GLY A 97 -25.28 -21.32 -14.01
N LEU A 98 -25.32 -22.26 -14.95
CA LEU A 98 -25.97 -23.54 -14.76
C LEU A 98 -24.99 -24.67 -15.08
N LEU A 99 -25.16 -25.79 -14.40
CA LEU A 99 -24.28 -26.94 -14.56
C LEU A 99 -24.84 -27.86 -15.63
N VAL A 100 -23.98 -28.27 -16.57
CA VAL A 100 -24.38 -29.16 -17.65
C VAL A 100 -24.49 -30.58 -17.11
N LYS A 101 -25.55 -31.28 -17.51
CA LYS A 101 -25.82 -32.63 -17.05
C LYS A 101 -25.60 -33.70 -18.10
N GLU A 102 -25.80 -33.38 -19.39
CA GLU A 102 -25.71 -34.39 -20.43
C GLU A 102 -24.25 -34.71 -20.75
N GLU A 103 -23.98 -36.00 -20.98
CA GLU A 103 -22.61 -36.47 -21.12
C GLU A 103 -21.98 -36.01 -22.44
N LEU A 104 -22.77 -35.96 -23.51
CA LEU A 104 -22.22 -35.66 -24.83
C LEU A 104 -21.65 -34.24 -24.90
N LYS A 105 -22.36 -33.27 -24.33
CA LYS A 105 -21.88 -31.90 -24.34
C LYS A 105 -20.62 -31.76 -23.49
N LEU A 106 -20.55 -32.49 -22.37
CA LEU A 106 -19.34 -32.47 -21.55
C LEU A 106 -18.16 -33.05 -22.30
N ILE A 107 -18.37 -34.16 -23.02
CA ILE A 107 -17.30 -34.78 -23.78
C ILE A 107 -16.82 -33.84 -24.88
N ASN A 108 -17.75 -33.19 -25.58
CA ASN A 108 -17.37 -32.24 -26.63
C ASN A 108 -16.63 -31.04 -26.07
N LYS A 109 -17.10 -30.52 -24.93
CA LYS A 109 -16.44 -29.38 -24.30
C LYS A 109 -15.03 -29.72 -23.86
N TYR A 110 -14.85 -30.91 -23.29
CA TYR A 110 -13.50 -31.33 -22.88
C TYR A 110 -12.59 -31.53 -24.08
N LYS A 111 -13.08 -32.23 -25.12
CA LYS A 111 -12.25 -32.53 -26.28
C LYS A 111 -11.91 -31.27 -27.07
N SER A 112 -12.79 -30.27 -27.04
CA SER A 112 -12.52 -29.02 -27.73
C SER A 112 -11.58 -28.09 -26.95
N ASN A 113 -11.26 -28.43 -25.71
CA ASN A 113 -10.39 -27.61 -24.89
C ASN A 113 -8.93 -28.04 -25.04
N LEU A 114 -8.03 -27.13 -24.66
CA LEU A 114 -6.60 -27.42 -24.67
C LEU A 114 -6.22 -28.46 -23.63
N GLN A 115 -7.02 -28.60 -22.57
CA GLN A 115 -6.72 -29.56 -21.52
C GLN A 115 -6.75 -31.00 -22.02
N PHE A 116 -7.63 -31.31 -22.97
CA PHE A 116 -7.64 -32.65 -23.57
C PHE A 116 -6.35 -32.91 -24.33
N LYS A 117 -5.86 -31.91 -25.07
CA LYS A 117 -4.60 -32.07 -25.78
C LYS A 117 -3.44 -32.24 -24.81
N LEU A 118 -3.43 -31.47 -23.72
CA LEU A 118 -2.38 -31.62 -22.72
C LEU A 118 -2.43 -32.99 -22.07
N ASP A 119 -3.63 -33.49 -21.76
CA ASP A 119 -3.76 -34.82 -21.16
C ASP A 119 -3.34 -35.91 -22.12
N VAL A 120 -3.67 -35.77 -23.40
CA VAL A 120 -3.26 -36.75 -24.40
C VAL A 120 -1.74 -36.77 -24.54
N LEU A 121 -1.12 -35.59 -24.60
CA LEU A 121 0.33 -35.50 -24.64
C LEU A 121 0.97 -36.06 -23.38
N SER A 122 0.29 -35.92 -22.24
CA SER A 122 0.78 -36.51 -21.00
C SER A 122 0.76 -38.02 -21.07
N LEU A 123 -0.36 -38.60 -21.52
CA LEU A 123 -0.51 -40.05 -21.57
C LEU A 123 -0.11 -40.66 -22.91
N ILE A 124 0.79 -40.01 -23.64
CA ILE A 124 1.37 -40.65 -24.82
C ILE A 124 2.27 -41.80 -24.37
N PRO A 125 2.12 -43.00 -24.91
CA PRO A 125 2.92 -44.14 -24.42
C PRO A 125 4.39 -44.03 -24.80
N THR A 126 5.10 -43.13 -24.13
CA THR A 126 6.54 -42.99 -24.34
C THR A 126 7.34 -44.04 -23.59
N ASP A 127 6.70 -44.81 -22.70
CA ASP A 127 7.41 -45.86 -21.97
C ASP A 127 7.86 -47.00 -22.88
N LEU A 128 7.28 -47.11 -24.08
CA LEU A 128 7.75 -48.09 -25.05
C LEU A 128 9.16 -47.78 -25.54
N LEU A 129 9.63 -46.55 -25.36
CA LEU A 129 11.02 -46.22 -25.63
C LEU A 129 11.97 -46.82 -24.60
N TYR A 130 11.44 -47.39 -23.50
CA TYR A 130 12.29 -48.11 -22.56
C TYR A 130 12.94 -49.32 -23.20
N PHE A 131 12.27 -49.95 -24.18
CA PHE A 131 12.85 -51.08 -24.87
C PHE A 131 14.01 -50.64 -25.76
N LYS A 132 13.85 -49.52 -26.47
CA LYS A 132 14.92 -49.05 -27.35
C LYS A 132 16.07 -48.43 -26.57
N LEU A 133 15.76 -47.63 -25.55
CA LEU A 133 16.78 -46.86 -24.83
C LEU A 133 17.25 -47.55 -23.56
N GLY A 134 16.74 -48.74 -23.25
CA GLY A 134 17.10 -49.39 -22.01
C GLY A 134 16.40 -48.76 -20.82
N TRP A 135 16.75 -49.26 -19.64
CA TRP A 135 16.23 -48.72 -18.39
C TRP A 135 17.04 -47.55 -17.87
N ASN A 136 18.14 -47.21 -18.54
CA ASN A 136 19.04 -46.16 -18.07
C ASN A 136 18.48 -44.76 -18.26
N TYR A 137 17.56 -44.58 -19.21
CA TYR A 137 17.04 -43.26 -19.57
C TYR A 137 15.55 -43.20 -19.23
N PRO A 138 15.19 -42.72 -18.04
CA PRO A 138 13.78 -42.55 -17.68
C PRO A 138 13.21 -41.17 -17.94
N GLU A 139 13.93 -40.30 -18.66
CA GLU A 139 13.45 -38.97 -18.97
C GLU A 139 12.45 -38.96 -20.12
N ILE A 140 11.97 -40.14 -20.54
CA ILE A 140 10.86 -40.23 -21.49
C ILE A 140 9.52 -39.91 -20.85
N ARG A 141 9.49 -39.72 -19.54
CA ARG A 141 8.27 -39.40 -18.81
C ARG A 141 8.12 -37.91 -18.52
N LEU A 142 8.96 -37.06 -19.14
CA LEU A 142 8.80 -35.62 -19.00
C LEU A 142 7.50 -35.11 -19.64
N ASN A 143 6.89 -35.90 -20.53
CA ASN A 143 5.60 -35.51 -21.10
C ASN A 143 4.49 -35.52 -20.06
N ARG A 144 4.65 -36.28 -18.98
CA ARG A 144 3.63 -36.40 -17.95
C ARG A 144 3.62 -35.23 -16.98
N LEU A 145 4.51 -34.26 -17.14
CA LEU A 145 4.46 -33.04 -16.36
C LEU A 145 3.47 -32.04 -16.93
N LEU A 146 2.84 -32.34 -18.06
CA LEU A 146 1.88 -31.43 -18.69
C LEU A 146 0.54 -31.43 -17.99
N ARG A 147 0.34 -32.26 -16.96
CA ARG A 147 -0.83 -32.16 -16.10
C ARG A 147 -0.56 -31.29 -14.87
N PHE A 148 0.29 -30.28 -15.02
CA PHE A 148 0.50 -29.29 -13.96
C PHE A 148 -0.77 -28.50 -13.68
N SER A 149 -1.69 -28.43 -14.64
CA SER A 149 -2.92 -27.68 -14.45
C SER A 149 -3.77 -28.28 -13.34
N ARG A 150 -3.79 -29.61 -13.24
CA ARG A 150 -4.54 -30.26 -12.16
C ARG A 150 -3.97 -29.90 -10.79
N MET A 151 -2.64 -29.92 -10.67
CA MET A 151 -1.99 -29.58 -9.40
C MET A 151 -2.22 -28.12 -9.04
N PHE A 152 -2.10 -27.22 -10.02
CA PHE A 152 -2.35 -25.80 -9.76
C PHE A 152 -3.81 -25.56 -9.38
N GLU A 153 -4.74 -26.26 -10.03
CA GLU A 153 -6.16 -26.14 -9.71
C GLU A 153 -6.45 -26.65 -8.31
N PHE A 154 -5.81 -27.76 -7.91
CA PHE A 154 -6.00 -28.26 -6.55
C PHE A 154 -5.44 -27.29 -5.52
N PHE A 155 -4.29 -26.68 -5.80
CA PHE A 155 -3.74 -25.69 -4.88
C PHE A 155 -4.64 -24.46 -4.79
N GLN A 156 -5.21 -24.04 -5.93
CA GLN A 156 -6.13 -22.90 -5.93
C GLN A 156 -7.39 -23.20 -5.15
N ARG A 157 -7.93 -24.41 -5.30
CA ARG A 157 -9.15 -24.80 -4.60
C ARG A 157 -8.91 -25.00 -3.11
N THR A 158 -7.70 -25.43 -2.74
CA THR A 158 -7.38 -25.67 -1.33
C THR A 158 -7.32 -24.36 -0.56
N GLU A 159 -6.91 -23.27 -1.23
CA GLU A 159 -6.79 -21.97 -0.55
C GLU A 159 -8.15 -21.51 -0.03
N THR A 160 -9.20 -21.65 -0.81
CA THR A 160 -10.53 -21.22 -0.38
C THR A 160 -11.14 -22.18 0.65
N ARG A 161 -10.83 -23.47 0.54
CA ARG A 161 -11.47 -24.45 1.41
C ARG A 161 -10.90 -24.44 2.82
N THR A 162 -9.58 -24.27 2.96
CA THR A 162 -8.94 -24.42 4.26
C THR A 162 -9.20 -23.21 5.15
N ASN A 163 -9.10 -23.43 6.47
CA ASN A 163 -9.31 -22.38 7.44
C ASN A 163 -8.08 -21.50 7.61
N TYR A 164 -6.90 -22.01 7.29
CA TYR A 164 -5.66 -21.23 7.31
C TYR A 164 -5.12 -21.10 5.89
N PRO A 165 -5.62 -20.14 5.12
CA PRO A 165 -5.26 -20.06 3.69
C PRO A 165 -3.92 -19.41 3.45
N ASN A 166 -3.57 -18.40 4.25
CA ASN A 166 -2.26 -17.77 4.12
C ASN A 166 -1.14 -18.73 4.50
N ILE A 167 -1.36 -19.53 5.54
CA ILE A 167 -0.37 -20.54 5.92
C ILE A 167 -0.20 -21.56 4.80
N PHE A 168 -1.32 -21.98 4.19
CA PHE A 168 -1.24 -22.92 3.07
C PHE A 168 -0.53 -22.30 1.87
N ARG A 169 -0.76 -21.01 1.62
CA ARG A 169 -0.07 -20.35 0.51
C ARG A 169 1.43 -20.24 0.76
N ILE A 170 1.82 -19.95 2.00
CA ILE A 170 3.23 -19.92 2.35
C ILE A 170 3.85 -21.31 2.19
N SER A 171 3.13 -22.35 2.62
CA SER A 171 3.62 -23.71 2.47
C SER A 171 3.73 -24.10 0.99
N ASN A 172 2.78 -23.65 0.17
CA ASN A 172 2.83 -23.95 -1.26
C ASN A 172 4.01 -23.24 -1.93
N LEU A 173 4.29 -22.01 -1.52
CA LEU A 173 5.46 -21.31 -2.07
C LEU A 173 6.76 -21.95 -1.60
N VAL A 174 6.81 -22.43 -0.36
CA VAL A 174 7.97 -23.18 0.11
C VAL A 174 8.13 -24.47 -0.68
N MET A 175 7.01 -25.12 -1.01
CA MET A 175 7.05 -26.31 -1.85
C MET A 175 7.58 -25.99 -3.23
N TYR A 176 7.17 -24.85 -3.80
CA TYR A 176 7.69 -24.43 -5.10
C TYR A 176 9.19 -24.18 -5.04
N ILE A 177 9.65 -23.58 -3.94
CA ILE A 177 11.08 -23.39 -3.71
C ILE A 177 11.80 -24.74 -3.66
N VAL A 178 11.21 -25.71 -2.96
CA VAL A 178 11.80 -27.04 -2.87
C VAL A 178 11.87 -27.69 -4.26
N ILE A 179 10.82 -27.53 -5.06
CA ILE A 179 10.81 -28.10 -6.41
C ILE A 179 11.91 -27.47 -7.26
N ILE A 180 12.04 -26.13 -7.20
CA ILE A 180 13.05 -25.45 -8.00
C ILE A 180 14.45 -25.86 -7.57
N ILE A 181 14.70 -25.94 -6.25
CA ILE A 181 16.00 -26.33 -5.75
C ILE A 181 16.33 -27.77 -6.16
N HIS A 182 15.35 -28.67 -6.05
CA HIS A 182 15.56 -30.06 -6.42
C HIS A 182 15.84 -30.20 -7.92
N TRP A 183 15.10 -29.46 -8.75
CA TRP A 183 15.35 -29.49 -10.19
C TRP A 183 16.72 -28.94 -10.53
N ASN A 184 17.14 -27.86 -9.85
CA ASN A 184 18.48 -27.34 -10.08
C ASN A 184 19.55 -28.33 -9.65
N ALA A 185 19.31 -29.05 -8.55
CA ALA A 185 20.24 -30.09 -8.11
C ALA A 185 20.37 -31.18 -9.16
N CYS A 186 19.23 -31.60 -9.73
CA CYS A 186 19.26 -32.60 -10.80
C CYS A 186 20.00 -32.09 -12.03
N VAL A 187 19.76 -30.83 -12.40
CA VAL A 187 20.43 -30.25 -13.56
C VAL A 187 21.94 -30.16 -13.34
N PHE A 188 22.35 -29.75 -12.13
CA PHE A 188 23.77 -29.68 -11.81
C PHE A 188 24.43 -31.05 -11.85
N TYR A 189 23.76 -32.07 -11.30
CA TYR A 189 24.32 -33.41 -11.35
C TYR A 189 24.42 -33.93 -12.78
N SER A 190 23.39 -33.65 -13.60
CA SER A 190 23.43 -34.10 -14.99
C SER A 190 24.52 -33.38 -15.78
N ILE A 191 24.73 -32.09 -15.49
CA ILE A 191 25.79 -31.34 -16.17
C ILE A 191 27.16 -31.87 -15.75
N SER A 192 27.33 -32.18 -14.46
CA SER A 192 28.58 -32.78 -14.00
C SER A 192 28.80 -34.15 -14.64
N LYS A 193 27.73 -34.92 -14.83
CA LYS A 193 27.83 -36.21 -15.50
C LYS A 193 28.24 -36.05 -16.96
N ALA A 194 27.65 -35.05 -17.65
CA ALA A 194 28.00 -34.82 -19.04
C ALA A 194 29.44 -34.35 -19.19
N ILE A 195 29.89 -33.45 -18.32
CA ILE A 195 31.27 -32.99 -18.37
C ILE A 195 32.22 -34.09 -17.90
N GLY A 196 31.86 -34.76 -16.80
CA GLY A 196 32.69 -35.82 -16.26
C GLY A 196 32.92 -35.69 -14.78
N PHE A 197 32.63 -36.76 -14.03
CA PHE A 197 32.79 -36.73 -12.58
C PHE A 197 34.27 -36.77 -12.21
N GLY A 198 34.67 -35.85 -11.32
CA GLY A 198 36.04 -35.77 -10.88
C GLY A 198 36.99 -35.11 -11.85
N ASN A 199 36.49 -34.66 -13.00
CA ASN A 199 37.34 -34.01 -13.99
C ASN A 199 37.85 -32.67 -13.49
N ASP A 200 37.00 -31.90 -12.83
CA ASP A 200 37.33 -30.55 -12.39
C ASP A 200 36.90 -30.36 -10.95
N THR A 201 37.28 -29.20 -10.40
CA THR A 201 36.89 -28.86 -9.04
C THR A 201 35.43 -28.41 -8.95
N TRP A 202 34.84 -27.96 -10.05
CA TRP A 202 33.48 -27.45 -10.01
C TRP A 202 32.45 -28.57 -10.08
N VAL A 203 32.72 -29.60 -10.88
CA VAL A 203 31.78 -30.70 -11.09
C VAL A 203 31.68 -31.56 -9.85
N TYR A 204 30.70 -32.45 -9.82
CA TYR A 204 30.62 -33.44 -8.75
C TYR A 204 31.85 -34.34 -8.81
N PRO A 205 32.40 -34.75 -7.65
CA PRO A 205 33.60 -35.61 -7.66
C PRO A 205 33.37 -36.98 -8.27
N ASP A 206 34.43 -37.79 -8.34
CA ASP A 206 34.35 -39.08 -9.00
C ASP A 206 33.45 -40.04 -8.23
N ILE A 207 32.67 -40.82 -8.96
CA ILE A 207 31.79 -41.81 -8.36
C ILE A 207 32.60 -42.93 -7.70
N ASN A 208 33.78 -43.24 -8.25
CA ASN A 208 34.61 -44.30 -7.71
C ASN A 208 35.11 -44.02 -6.30
N ASP A 209 35.10 -42.76 -5.89
CA ASP A 209 35.34 -42.43 -4.49
C ASP A 209 34.20 -42.98 -3.65
N PRO A 210 34.48 -43.74 -2.59
CA PRO A 210 33.39 -44.34 -1.82
C PRO A 210 32.62 -43.34 -0.97
N GLU A 211 33.21 -42.17 -0.67
CA GLU A 211 32.48 -41.16 0.09
C GLU A 211 31.42 -40.49 -0.76
N PHE A 212 31.78 -40.11 -2.00
CA PHE A 212 30.86 -39.45 -2.91
C PHE A 212 30.15 -40.42 -3.86
N GLY A 213 30.44 -41.71 -3.77
CA GLY A 213 29.77 -42.67 -4.64
C GLY A 213 28.37 -43.03 -4.21
N ARG A 214 28.01 -42.73 -2.96
CA ARG A 214 26.69 -43.07 -2.46
C ARG A 214 25.63 -42.19 -3.12
N LEU A 215 24.49 -42.81 -3.45
CA LEU A 215 23.39 -42.10 -4.09
C LEU A 215 22.85 -41.00 -3.19
N ALA A 216 22.72 -41.29 -1.89
CA ALA A 216 22.29 -40.28 -0.94
C ALA A 216 23.27 -39.13 -0.89
N ARG A 217 24.57 -39.42 -0.88
CA ARG A 217 25.57 -38.37 -0.91
C ARG A 217 25.49 -37.57 -2.21
N LYS A 218 25.26 -38.25 -3.34
CA LYS A 218 25.14 -37.56 -4.62
C LYS A 218 23.99 -36.56 -4.60
N TYR A 219 22.80 -37.02 -4.19
CA TYR A 219 21.64 -36.14 -4.18
C TYR A 219 21.78 -35.03 -3.15
N VAL A 220 22.34 -35.34 -1.99
CA VAL A 220 22.44 -34.35 -0.93
C VAL A 220 23.46 -33.27 -1.27
N TYR A 221 24.59 -33.67 -1.87
CA TYR A 221 25.56 -32.66 -2.31
C TYR A 221 25.02 -31.84 -3.48
N SER A 222 24.28 -32.48 -4.39
CA SER A 222 23.66 -31.71 -5.48
C SER A 222 22.66 -30.70 -4.92
N LEU A 223 21.88 -31.09 -3.92
CA LEU A 223 20.97 -30.17 -3.26
C LEU A 223 21.71 -29.06 -2.54
N TYR A 224 22.87 -29.38 -1.96
CA TYR A 224 23.71 -28.36 -1.32
C TYR A 224 24.16 -27.31 -2.34
N TRP A 225 24.70 -27.77 -3.47
CA TRP A 225 25.12 -26.85 -4.52
C TRP A 225 23.95 -26.05 -5.06
N SER A 226 22.80 -26.70 -5.25
CA SER A 226 21.60 -26.02 -5.73
C SER A 226 21.14 -24.94 -4.76
N THR A 227 21.14 -25.24 -3.47
CA THR A 227 20.68 -24.29 -2.48
C THR A 227 21.61 -23.09 -2.40
N LEU A 228 22.93 -23.33 -2.34
CA LEU A 228 23.86 -22.20 -2.24
C LEU A 228 23.95 -21.40 -3.53
N THR A 229 23.72 -22.02 -4.68
CA THR A 229 23.81 -21.25 -5.91
C THR A 229 22.52 -20.49 -6.18
N LEU A 230 21.36 -21.09 -5.88
CA LEU A 230 20.08 -20.41 -6.08
C LEU A 230 19.91 -19.26 -5.10
N THR A 231 20.25 -19.48 -3.83
CA THR A 231 20.12 -18.46 -2.81
C THR A 231 21.23 -17.42 -2.85
N THR A 232 22.06 -17.44 -3.91
CA THR A 232 23.17 -16.49 -4.11
C THR A 232 24.14 -16.50 -2.93
N ILE A 233 24.48 -17.71 -2.46
CA ILE A 233 25.44 -17.84 -1.37
C ILE A 233 26.87 -17.95 -1.88
N GLY A 234 27.07 -18.49 -3.08
CA GLY A 234 28.41 -18.88 -3.48
C GLY A 234 28.92 -19.99 -2.58
N GLU A 235 30.16 -19.85 -2.10
CA GLU A 235 30.81 -20.83 -1.22
C GLU A 235 30.83 -22.21 -1.87
N THR A 236 31.05 -22.21 -3.19
CA THR A 236 31.15 -23.39 -4.02
C THR A 236 32.39 -23.19 -4.89
N PRO A 237 33.00 -24.28 -5.36
CA PRO A 237 34.17 -24.13 -6.25
C PRO A 237 33.80 -23.39 -7.51
N PRO A 238 34.62 -22.42 -7.92
CA PRO A 238 34.29 -21.61 -9.10
C PRO A 238 34.32 -22.46 -10.36
N PRO A 239 33.52 -22.12 -11.37
CA PRO A 239 33.58 -22.83 -12.64
C PRO A 239 34.94 -22.65 -13.30
N VAL A 240 35.38 -23.69 -14.02
CA VAL A 240 36.63 -23.64 -14.76
C VAL A 240 36.44 -23.81 -16.26
N ARG A 241 35.21 -24.01 -16.73
CA ARG A 241 34.95 -24.18 -18.15
C ARG A 241 33.86 -23.22 -18.61
N ASP A 242 33.86 -22.92 -19.91
CA ASP A 242 32.91 -21.99 -20.50
C ASP A 242 31.48 -22.43 -20.27
N SER A 243 31.20 -23.73 -20.50
CA SER A 243 29.86 -24.26 -20.24
C SER A 243 29.51 -24.15 -18.76
N GLU A 244 30.46 -24.46 -17.89
CA GLU A 244 30.24 -24.31 -16.45
C GLU A 244 29.99 -22.86 -16.07
N TYR A 245 30.74 -21.93 -16.67
CA TYR A 245 30.54 -20.51 -16.41
C TYR A 245 29.15 -20.07 -16.86
N VAL A 246 28.72 -20.54 -18.04
CA VAL A 246 27.39 -20.18 -18.56
C VAL A 246 26.31 -20.70 -17.62
N PHE A 247 26.44 -21.97 -17.19
CA PHE A 247 25.43 -22.53 -16.31
C PHE A 247 25.39 -21.83 -14.96
N VAL A 248 26.55 -21.49 -14.42
CA VAL A 248 26.62 -20.77 -13.14
C VAL A 248 25.98 -19.40 -13.26
N VAL A 249 26.30 -18.66 -14.33
CA VAL A 249 25.71 -17.34 -14.53
C VAL A 249 24.20 -17.44 -14.67
N VAL A 250 23.73 -18.40 -15.48
CA VAL A 250 22.30 -18.58 -15.69
C VAL A 250 21.61 -18.97 -14.40
N ASP A 251 22.28 -19.76 -13.55
CA ASP A 251 21.60 -20.24 -12.36
C ASP A 251 21.54 -19.17 -11.27
N PHE A 252 22.58 -18.34 -11.13
CA PHE A 252 22.42 -17.15 -10.29
C PHE A 252 21.39 -16.19 -10.87
N LEU A 253 21.28 -16.10 -12.19
CA LEU A 253 20.23 -15.28 -12.80
C LEU A 253 18.85 -15.80 -12.41
N ILE A 254 18.67 -17.11 -12.43
CA ILE A 254 17.40 -17.73 -12.02
C ILE A 254 17.15 -17.45 -10.54
N GLY A 255 18.18 -17.57 -9.71
CA GLY A 255 18.01 -17.31 -8.29
C GLY A 255 17.65 -15.88 -7.98
N VAL A 256 18.19 -14.93 -8.74
CA VAL A 256 17.81 -13.53 -8.57
C VAL A 256 16.39 -13.29 -9.07
N LEU A 257 16.05 -13.84 -10.23
CA LEU A 257 14.79 -13.49 -10.89
C LEU A 257 13.61 -14.34 -10.41
N ILE A 258 13.81 -15.64 -10.26
CA ILE A 258 12.71 -16.55 -9.92
C ILE A 258 12.67 -16.87 -8.44
N PHE A 259 13.83 -17.23 -7.86
CA PHE A 259 13.87 -17.63 -6.45
C PHE A 259 13.56 -16.46 -5.53
N ALA A 260 14.23 -15.33 -5.76
CA ALA A 260 14.02 -14.16 -4.91
C ALA A 260 12.61 -13.61 -5.06
N THR A 261 11.99 -13.77 -6.24
CA THR A 261 10.60 -13.36 -6.42
C THR A 261 9.68 -14.20 -5.54
N ILE A 262 9.93 -15.50 -5.45
CA ILE A 262 9.10 -16.36 -4.60
C ILE A 262 9.33 -16.05 -3.13
N VAL A 263 10.57 -15.73 -2.75
CA VAL A 263 10.85 -15.35 -1.37
C VAL A 263 10.15 -14.04 -1.02
N GLY A 264 10.18 -13.07 -1.93
CA GLY A 264 9.43 -11.84 -1.72
C GLY A 264 7.93 -12.07 -1.67
N ASN A 265 7.44 -13.04 -2.44
CA ASN A 265 6.03 -13.40 -2.35
C ASN A 265 5.68 -13.99 -0.98
N ILE A 266 6.59 -14.81 -0.44
CA ILE A 266 6.40 -15.35 0.91
C ILE A 266 6.34 -14.22 1.94
N GLY A 267 7.26 -13.26 1.81
CA GLY A 267 7.21 -12.09 2.67
C GLY A 267 5.92 -11.30 2.51
N SER A 268 5.42 -11.21 1.27
CA SER A 268 4.16 -10.52 1.02
C SER A 268 2.99 -11.22 1.68
N MET A 269 2.93 -12.55 1.61
CA MET A 269 1.86 -13.28 2.29
C MET A 269 1.96 -13.15 3.80
N ILE A 270 3.19 -13.13 4.33
CA ILE A 270 3.37 -12.94 5.78
C ILE A 270 2.90 -11.55 6.18
N SER A 271 3.17 -10.54 5.34
CA SER A 271 2.68 -9.19 5.61
C SER A 271 1.16 -9.14 5.54
N ASN A 272 0.56 -9.84 4.57
CA ASN A 272 -0.89 -9.89 4.46
C ASN A 272 -1.54 -10.66 5.59
N MET A 273 -0.79 -11.54 6.27
CA MET A 273 -1.30 -12.17 7.48
C MET A 273 -1.58 -11.13 8.56
N ASN A 274 -0.69 -10.14 8.69
CA ASN A 274 -0.80 -9.11 9.71
C ASN A 274 -1.18 -7.76 9.11
N ALA A 275 -1.90 -7.78 7.99
CA ALA A 275 -2.34 -6.54 7.36
C ALA A 275 -3.32 -5.78 8.25
N ALA A 276 -4.25 -6.49 8.90
CA ALA A 276 -5.15 -5.87 9.85
C ALA A 276 -4.38 -5.32 11.05
N ARG A 277 -3.41 -6.09 11.55
CA ARG A 277 -2.56 -5.62 12.65
C ARG A 277 -1.80 -4.38 12.24
N ALA A 278 -1.22 -4.39 11.04
CA ALA A 278 -0.44 -3.25 10.57
C ALA A 278 -1.31 -2.01 10.43
N GLU A 279 -2.51 -2.17 9.87
CA GLU A 279 -3.39 -1.02 9.68
C GLU A 279 -3.89 -0.46 11.01
N PHE A 280 -4.29 -1.35 11.93
CA PHE A 280 -4.78 -0.88 13.23
C PHE A 280 -3.67 -0.22 14.03
N GLN A 281 -2.46 -0.79 14.01
CA GLN A 281 -1.35 -0.17 14.71
C GLN A 281 -0.91 1.12 14.06
N ALA A 282 -1.04 1.23 12.73
CA ALA A 282 -0.77 2.50 12.06
C ALA A 282 -1.77 3.57 12.47
N ARG A 283 -3.05 3.19 12.62
CA ARG A 283 -4.05 4.12 13.13
C ARG A 283 -3.71 4.57 14.54
N ILE A 284 -3.32 3.62 15.41
CA ILE A 284 -2.96 3.97 16.78
C ILE A 284 -1.74 4.88 16.80
N ASP A 285 -0.74 4.60 15.97
CA ASP A 285 0.46 5.43 15.91
C ASP A 285 0.14 6.82 15.42
N ALA A 286 -0.73 6.94 14.41
CA ALA A 286 -1.12 8.26 13.91
C ALA A 286 -1.85 9.05 14.98
N ILE A 287 -2.76 8.39 15.71
CA ILE A 287 -3.51 9.09 16.77
C ILE A 287 -2.58 9.52 17.89
N LYS A 288 -1.63 8.66 18.28
CA LYS A 288 -0.69 9.01 19.33
C LYS A 288 0.25 10.12 18.90
N GLN A 289 0.69 10.10 17.63
CA GLN A 289 1.56 11.15 17.12
C GLN A 289 0.81 12.48 17.06
N TYR A 290 -0.48 12.45 16.72
CA TYR A 290 -1.29 13.66 16.79
C TYR A 290 -1.40 14.16 18.22
N MET A 291 -1.67 13.25 19.17
CA MET A 291 -1.83 13.64 20.56
C MET A 291 -0.50 14.03 21.21
N HIS A 292 0.62 13.55 20.67
CA HIS A 292 1.92 13.93 21.20
C HIS A 292 2.23 15.39 20.90
N PHE A 293 1.88 15.85 19.70
CA PHE A 293 2.21 17.23 19.32
C PHE A 293 1.27 18.23 19.99
N ARG A 294 0.00 17.86 20.18
CA ARG A 294 -0.98 18.78 20.71
C ARG A 294 -0.90 18.93 22.23
N ASN A 295 -0.01 18.20 22.89
CA ASN A 295 0.18 18.25 24.34
C ASN A 295 -1.11 17.92 25.08
N VAL A 296 -1.76 16.84 24.66
CA VAL A 296 -2.96 16.37 25.34
C VAL A 296 -2.58 15.87 26.73
N SER A 297 -3.50 16.04 27.69
CA SER A 297 -3.23 15.70 29.08
C SER A 297 -3.01 14.20 29.24
N LYS A 298 -2.31 13.85 30.32
CA LYS A 298 -1.95 12.45 30.55
C LYS A 298 -3.17 11.58 30.79
N ASP A 299 -4.21 12.13 31.43
CA ASP A 299 -5.42 11.36 31.68
C ASP A 299 -6.13 10.99 30.38
N MET A 300 -6.23 11.94 29.45
CA MET A 300 -6.88 11.66 28.18
C MET A 300 -6.05 10.68 27.34
N GLU A 301 -4.73 10.83 27.36
CA GLU A 301 -3.87 9.89 26.64
C GLU A 301 -3.98 8.49 27.20
N LYS A 302 -4.01 8.35 28.53
CA LYS A 302 -4.19 7.05 29.14
C LYS A 302 -5.58 6.49 28.86
N ARG A 303 -6.60 7.34 28.77
CA ARG A 303 -7.94 6.87 28.41
C ARG A 303 -7.97 6.33 26.97
N VAL A 304 -7.31 7.03 26.04
CA VAL A 304 -7.26 6.56 24.67
C VAL A 304 -6.48 5.24 24.57
N ILE A 305 -5.37 5.14 25.30
CA ILE A 305 -4.58 3.91 25.32
C ILE A 305 -5.41 2.77 25.90
N LYS A 306 -6.16 3.04 26.98
CA LYS A 306 -7.02 2.02 27.58
C LYS A 306 -8.11 1.58 26.61
N TRP A 307 -8.69 2.53 25.86
CA TRP A 307 -9.73 2.19 24.89
C TRP A 307 -9.17 1.29 23.79
N PHE A 308 -7.99 1.63 23.26
CA PHE A 308 -7.41 0.83 22.20
C PHE A 308 -6.96 -0.54 22.71
N ASP A 309 -6.45 -0.60 23.95
CA ASP A 309 -6.08 -1.88 24.55
C ASP A 309 -7.30 -2.74 24.79
N TYR A 310 -8.43 -2.12 25.15
CA TYR A 310 -9.68 -2.86 25.29
C TYR A 310 -10.15 -3.40 23.94
N LEU A 311 -10.03 -2.60 22.89
CA LEU A 311 -10.41 -3.05 21.56
C LEU A 311 -9.56 -4.23 21.12
N TRP A 312 -8.26 -4.19 21.40
CA TRP A 312 -7.39 -5.30 21.04
C TRP A 312 -7.65 -6.53 21.90
N THR A 313 -7.92 -6.35 23.19
CA THR A 313 -8.06 -7.49 24.09
C THR A 313 -9.31 -8.29 23.78
N ASN A 314 -10.42 -7.62 23.46
CA ASN A 314 -11.69 -8.29 23.21
C ASN A 314 -11.94 -8.54 21.73
N LYS A 315 -10.91 -8.43 20.89
CA LYS A 315 -10.98 -8.75 19.45
C LYS A 315 -12.06 -7.95 18.74
N LYS A 316 -12.20 -6.68 19.12
CA LYS A 316 -13.19 -5.79 18.52
C LYS A 316 -12.58 -4.86 17.48
N THR A 317 -11.33 -5.10 17.08
CA THR A 317 -10.69 -4.27 16.06
C THR A 317 -11.33 -4.47 14.69
N VAL A 318 -11.81 -5.67 14.40
CA VAL A 318 -12.42 -5.96 13.11
C VAL A 318 -13.81 -5.33 13.05
N ASP A 319 -14.11 -4.67 11.94
CA ASP A 319 -15.41 -4.05 11.71
C ASP A 319 -16.13 -4.79 10.58
N GLU A 320 -17.41 -5.10 10.81
CA GLU A 320 -18.15 -5.88 9.83
C GLU A 320 -18.56 -5.07 8.60
N LYS A 321 -18.48 -3.74 8.68
CA LYS A 321 -18.84 -2.91 7.54
C LYS A 321 -17.81 -3.03 6.42
N GLU A 322 -16.53 -2.94 6.76
CA GLU A 322 -15.47 -3.04 5.76
C GLU A 322 -15.25 -4.48 5.31
N VAL A 323 -15.38 -5.44 6.22
CA VAL A 323 -15.14 -6.83 5.90
C VAL A 323 -16.20 -7.36 4.95
N LEU A 324 -17.47 -7.08 5.24
CA LEU A 324 -18.59 -7.57 4.45
C LEU A 324 -19.05 -6.55 3.41
N LYS A 325 -18.13 -5.74 2.90
CA LYS A 325 -18.51 -4.69 1.96
C LYS A 325 -19.02 -5.25 0.64
N TYR A 326 -18.33 -6.27 0.10
CA TYR A 326 -18.68 -6.85 -1.19
C TYR A 326 -19.45 -8.15 -0.94
N LEU A 327 -20.75 -8.02 -0.73
CA LEU A 327 -21.62 -9.16 -0.50
C LEU A 327 -23.03 -8.81 -0.94
N PRO A 328 -23.82 -9.79 -1.37
CA PRO A 328 -25.24 -9.53 -1.64
C PRO A 328 -25.99 -9.20 -0.36
N ASP A 329 -27.10 -8.50 -0.53
CA ASP A 329 -27.93 -8.13 0.64
C ASP A 329 -28.48 -9.36 1.32
N LYS A 330 -28.93 -10.36 0.55
CA LYS A 330 -29.48 -11.57 1.13
C LYS A 330 -28.40 -12.40 1.81
N LEU A 331 -27.23 -12.51 1.19
CA LEU A 331 -26.13 -13.27 1.79
C LEU A 331 -25.61 -12.58 3.04
N ARG A 332 -25.51 -11.25 3.00
CA ARG A 332 -25.13 -10.50 4.20
C ARG A 332 -26.18 -10.62 5.30
N ALA A 333 -27.45 -10.72 4.92
CA ALA A 333 -28.49 -10.98 5.91
C ALA A 333 -28.34 -12.36 6.53
N GLU A 334 -28.00 -13.37 5.72
CA GLU A 334 -27.77 -14.71 6.24
C GLU A 334 -26.60 -14.74 7.20
N ILE A 335 -25.54 -13.98 6.89
CA ILE A 335 -24.40 -13.88 7.79
C ILE A 335 -24.79 -13.15 9.08
N ALA A 336 -25.47 -12.01 8.95
CA ALA A 336 -25.70 -11.15 10.10
C ALA A 336 -26.77 -11.70 11.03
N ILE A 337 -27.71 -12.50 10.51
CA ILE A 337 -28.69 -13.14 11.37
C ILE A 337 -28.03 -14.14 12.31
N ASN A 338 -27.09 -14.93 11.79
CA ASN A 338 -26.43 -15.93 12.62
C ASN A 338 -25.51 -15.30 13.66
N VAL A 339 -24.87 -14.18 13.33
CA VAL A 339 -23.98 -13.51 14.27
C VAL A 339 -24.80 -12.90 15.42
N HIS A 340 -25.88 -12.20 15.08
CA HIS A 340 -26.71 -11.51 16.06
C HIS A 340 -28.01 -12.25 16.35
N LEU A 341 -27.95 -13.58 16.41
CA LEU A 341 -29.17 -14.37 16.62
C LEU A 341 -29.78 -14.13 18.00
N ASP A 342 -28.93 -14.02 19.03
CA ASP A 342 -29.43 -13.90 20.39
C ASP A 342 -30.10 -12.54 20.63
N THR A 343 -29.53 -11.47 20.08
CA THR A 343 -30.01 -10.13 20.38
C THR A 343 -31.35 -9.84 19.70
N LEU A 344 -31.50 -10.20 18.43
CA LEU A 344 -32.74 -9.92 17.73
C LEU A 344 -33.87 -10.86 18.15
N LYS A 345 -33.55 -12.03 18.70
CA LYS A 345 -34.59 -12.85 19.30
C LYS A 345 -34.93 -12.39 20.71
N LYS A 346 -34.04 -11.67 21.38
CA LYS A 346 -34.31 -11.15 22.72
C LYS A 346 -35.24 -9.95 22.69
N VAL A 347 -35.13 -9.10 21.67
CA VAL A 347 -35.98 -7.92 21.58
C VAL A 347 -37.39 -8.33 21.20
N ARG A 348 -38.38 -7.74 21.88
CA ARG A 348 -39.76 -8.17 21.73
C ARG A 348 -40.37 -7.70 20.41
N ILE A 349 -40.10 -6.44 20.02
CA ILE A 349 -40.76 -5.89 18.85
C ILE A 349 -40.24 -6.52 17.57
N PHE A 350 -38.94 -6.84 17.52
CA PHE A 350 -38.32 -7.39 16.33
C PHE A 350 -38.22 -8.90 16.42
N ALA A 351 -38.28 -9.54 15.25
CA ALA A 351 -38.26 -10.99 15.02
C ALA A 351 -39.46 -11.72 15.62
N ASP A 352 -40.43 -11.02 16.20
CA ASP A 352 -41.65 -11.61 16.70
C ASP A 352 -42.90 -11.09 16.00
N CYS A 353 -42.93 -9.80 15.65
CA CYS A 353 -44.07 -9.20 14.98
C CYS A 353 -43.74 -8.61 13.63
N GLU A 354 -42.46 -8.35 13.33
CA GLU A 354 -42.10 -7.70 12.07
C GLU A 354 -42.35 -8.61 10.88
N ALA A 355 -41.91 -9.87 10.97
CA ALA A 355 -42.08 -10.88 9.92
C ALA A 355 -41.46 -10.44 8.60
N GLY A 356 -40.13 -10.29 8.61
CA GLY A 356 -39.36 -9.96 7.43
C GLY A 356 -38.70 -8.60 7.46
N LEU A 357 -39.18 -7.68 8.30
CA LEU A 357 -38.54 -6.38 8.42
C LEU A 357 -37.15 -6.48 9.06
N LEU A 358 -36.96 -7.45 9.95
CA LEU A 358 -35.68 -7.62 10.63
C LEU A 358 -34.55 -7.88 9.64
N VAL A 359 -34.84 -8.61 8.57
CA VAL A 359 -33.85 -8.85 7.52
C VAL A 359 -33.38 -7.53 6.93
N GLU A 360 -34.29 -6.58 6.75
CA GLU A 360 -33.89 -5.25 6.30
C GLU A 360 -33.15 -4.50 7.39
N LEU A 361 -33.49 -4.74 8.66
CA LEU A 361 -32.86 -3.99 9.75
C LEU A 361 -31.43 -4.43 9.99
N VAL A 362 -31.17 -5.74 9.91
CA VAL A 362 -29.89 -6.28 10.36
C VAL A 362 -28.73 -5.83 9.48
N LEU A 363 -29.02 -5.42 8.24
CA LEU A 363 -27.99 -4.80 7.41
C LEU A 363 -27.76 -3.35 7.81
N LYS A 364 -28.82 -2.62 8.15
CA LYS A 364 -28.70 -1.20 8.43
C LYS A 364 -28.10 -0.94 9.81
N LEU A 365 -28.25 -1.87 10.75
CA LEU A 365 -27.66 -1.71 12.07
C LEU A 365 -26.14 -1.71 11.98
N GLN A 366 -25.52 -0.76 12.67
CA GLN A 366 -24.06 -0.68 12.69
C GLN A 366 -23.56 -0.86 14.13
N PRO A 367 -22.55 -1.68 14.35
CA PRO A 367 -22.07 -1.88 15.72
C PRO A 367 -21.25 -0.70 16.23
N GLN A 368 -21.35 -0.48 17.54
CA GLN A 368 -20.64 0.64 18.17
C GLN A 368 -20.40 0.30 19.63
N VAL A 369 -19.24 0.71 20.14
CA VAL A 369 -18.81 0.38 21.49
C VAL A 369 -18.68 1.66 22.29
N TYR A 370 -19.18 1.64 23.52
CA TYR A 370 -19.16 2.79 24.41
C TYR A 370 -18.39 2.46 25.69
N SER A 371 -17.55 3.41 26.11
CA SER A 371 -16.71 3.25 27.29
C SER A 371 -17.56 3.31 28.56
N PRO A 372 -17.05 2.79 29.68
CA PRO A 372 -17.78 2.94 30.95
C PRO A 372 -17.94 4.39 31.35
N GLY A 373 -19.11 4.70 31.92
CA GLY A 373 -19.35 6.00 32.51
C GLY A 373 -19.81 7.08 31.57
N ASP A 374 -19.73 6.87 30.26
CA ASP A 374 -20.07 7.93 29.33
C ASP A 374 -21.58 7.96 29.05
N TYR A 375 -22.02 9.05 28.44
CA TYR A 375 -23.43 9.22 28.08
C TYR A 375 -23.58 8.93 26.60
N ILE A 376 -24.24 7.81 26.27
CA ILE A 376 -24.52 7.48 24.89
C ILE A 376 -25.46 8.51 24.27
N CYS A 377 -26.50 8.88 25.01
CA CYS A 377 -27.42 9.92 24.59
C CYS A 377 -27.68 10.86 25.75
N LYS A 378 -27.98 12.11 25.44
CA LYS A 378 -28.15 13.14 26.45
C LYS A 378 -29.42 13.94 26.19
N LYS A 379 -29.99 14.48 27.27
CA LYS A 379 -31.18 15.31 27.17
C LYS A 379 -30.85 16.63 26.48
N GLY A 380 -31.78 17.09 25.64
CA GLY A 380 -31.61 18.35 24.93
C GLY A 380 -30.73 18.28 23.71
N ASP A 381 -30.28 17.09 23.32
CA ASP A 381 -29.43 16.91 22.14
C ASP A 381 -30.24 16.24 21.04
N ILE A 382 -29.96 16.60 19.79
CA ILE A 382 -30.68 16.04 18.67
C ILE A 382 -30.26 14.59 18.47
N GLY A 383 -31.23 13.70 18.31
CA GLY A 383 -30.97 12.29 18.12
C GLY A 383 -31.12 11.90 16.67
N ARG A 384 -30.04 11.38 16.09
CA ARG A 384 -30.00 11.00 14.70
C ARG A 384 -30.04 9.49 14.47
N GLU A 385 -29.98 8.69 15.54
CA GLU A 385 -30.00 7.25 15.37
C GLU A 385 -30.68 6.59 16.56
N MET A 386 -31.18 5.38 16.34
CA MET A 386 -31.85 4.58 17.36
C MET A 386 -30.89 3.50 17.84
N TYR A 387 -30.90 3.24 19.14
CA TYR A 387 -29.87 2.44 19.78
C TYR A 387 -30.46 1.13 20.28
N ILE A 388 -29.83 0.02 19.90
CA ILE A 388 -30.25 -1.32 20.33
C ILE A 388 -29.06 -1.99 21.01
N ILE A 389 -29.28 -2.47 22.24
CA ILE A 389 -28.21 -3.05 23.05
C ILE A 389 -27.90 -4.45 22.54
N LYS A 390 -26.60 -4.74 22.37
CA LYS A 390 -26.15 -6.07 22.00
C LYS A 390 -25.64 -6.86 23.20
N GLU A 391 -24.58 -6.37 23.85
CA GLU A 391 -24.02 -7.04 25.01
C GLU A 391 -23.61 -6.02 26.08
N GLY A 392 -24.46 -5.04 26.33
CA GLY A 392 -24.11 -3.98 27.25
C GLY A 392 -25.04 -3.82 28.43
N LYS A 393 -24.57 -3.18 29.49
CA LYS A 393 -25.38 -2.85 30.67
C LYS A 393 -25.49 -1.34 30.74
N LEU A 394 -26.69 -0.82 30.48
CA LEU A 394 -26.93 0.61 30.42
C LEU A 394 -27.98 1.00 31.45
N ALA A 395 -27.83 2.19 32.01
CA ALA A 395 -28.68 2.66 33.09
C ALA A 395 -29.31 3.99 32.72
N VAL A 396 -30.41 4.30 33.42
CA VAL A 396 -31.14 5.55 33.22
C VAL A 396 -30.93 6.40 34.46
N VAL A 397 -30.37 7.60 34.27
CA VAL A 397 -30.03 8.49 35.37
C VAL A 397 -30.73 9.82 35.15
N ALA A 398 -30.81 10.61 36.22
CA ALA A 398 -31.53 11.88 36.14
C ALA A 398 -30.66 13.00 35.55
N ASP A 399 -29.63 13.41 36.28
CA ASP A 399 -28.77 14.49 35.82
C ASP A 399 -27.30 14.08 35.78
N ASP A 400 -26.80 13.50 36.88
CA ASP A 400 -25.38 13.29 37.06
C ASP A 400 -24.96 11.82 37.16
N GLY A 401 -25.86 10.92 37.50
CA GLY A 401 -25.53 9.52 37.60
C GLY A 401 -25.33 9.00 39.01
N VAL A 402 -25.64 9.78 40.04
CA VAL A 402 -25.52 9.29 41.41
C VAL A 402 -26.56 8.20 41.67
N THR A 403 -27.75 8.33 41.09
CA THR A 403 -28.79 7.34 41.22
C THR A 403 -29.27 6.90 39.84
N GLN A 404 -29.67 5.63 39.75
CA GLN A 404 -30.15 5.04 38.51
C GLN A 404 -31.56 4.50 38.71
N PHE A 405 -32.47 4.89 37.83
CA PHE A 405 -33.85 4.40 37.94
C PHE A 405 -33.95 2.93 37.62
N VAL A 406 -33.35 2.51 36.50
CA VAL A 406 -33.42 1.12 36.06
C VAL A 406 -32.24 0.85 35.15
N VAL A 407 -31.79 -0.41 35.12
CA VAL A 407 -30.73 -0.84 34.24
C VAL A 407 -31.34 -1.52 33.03
N LEU A 408 -30.76 -1.31 31.85
CA LEU A 408 -31.25 -1.87 30.61
C LEU A 408 -30.37 -3.06 30.22
N SER A 409 -30.97 -4.24 30.13
CA SER A 409 -30.23 -5.45 29.81
C SER A 409 -30.09 -5.58 28.29
N ASP A 410 -29.65 -6.74 27.83
CA ASP A 410 -29.49 -6.99 26.40
C ASP A 410 -30.85 -7.07 25.73
N GLY A 411 -30.93 -6.55 24.50
CA GLY A 411 -32.14 -6.62 23.71
C GLY A 411 -33.11 -5.47 23.92
N SER A 412 -32.96 -4.72 25.02
CA SER A 412 -33.82 -3.58 25.24
C SER A 412 -33.46 -2.44 24.31
N TYR A 413 -34.47 -1.72 23.83
CA TYR A 413 -34.30 -0.68 22.84
C TYR A 413 -34.61 0.68 23.44
N PHE A 414 -33.90 1.69 22.96
CA PHE A 414 -34.11 3.06 23.41
C PHE A 414 -33.64 4.01 22.33
N GLY A 415 -34.06 5.26 22.44
CA GLY A 415 -33.68 6.28 21.49
C GLY A 415 -34.57 6.36 20.26
N GLU A 416 -35.69 5.65 20.22
CA GLU A 416 -36.59 5.71 19.09
C GLU A 416 -37.48 6.95 19.11
N ILE A 417 -37.55 7.65 20.24
CA ILE A 417 -38.44 8.81 20.33
C ILE A 417 -37.90 9.97 19.50
N SER A 418 -36.58 10.18 19.53
CA SER A 418 -35.98 11.24 18.73
C SER A 418 -36.02 10.95 17.24
N ILE A 419 -36.24 9.70 16.85
CA ILE A 419 -36.30 9.36 15.43
C ILE A 419 -37.66 9.72 14.84
N LEU A 420 -38.72 9.11 15.38
CA LEU A 420 -40.09 9.43 14.98
C LEU A 420 -40.86 9.92 16.19
N ASN A 421 -41.69 10.93 15.99
CA ASN A 421 -42.45 11.54 17.06
C ASN A 421 -43.92 11.14 16.97
N ILE A 422 -44.57 11.15 18.13
CA ILE A 422 -45.99 10.80 18.23
C ILE A 422 -46.82 12.06 17.98
N LYS A 423 -48.06 11.87 17.55
CA LYS A 423 -48.98 12.98 17.40
C LYS A 423 -49.22 13.66 18.74
N GLY A 424 -49.13 14.99 18.75
CA GLY A 424 -49.20 15.73 20.00
C GLY A 424 -48.05 15.45 20.93
N SER A 425 -46.83 15.36 20.40
CA SER A 425 -45.67 15.03 21.20
C SER A 425 -45.33 16.16 22.16
N LYS A 426 -44.89 15.78 23.36
CA LYS A 426 -44.42 16.78 24.32
C LYS A 426 -43.16 17.47 23.82
N ALA A 427 -42.25 16.71 23.20
CA ALA A 427 -41.01 17.25 22.67
C ALA A 427 -40.84 16.78 21.23
N GLY A 428 -40.20 17.62 20.42
CA GLY A 428 -40.02 17.31 19.02
C GLY A 428 -38.57 17.34 18.56
N ASN A 429 -38.12 16.23 17.96
CA ASN A 429 -36.77 16.09 17.40
C ASN A 429 -35.69 16.33 18.47
N ARG A 430 -35.97 15.91 19.70
CA ARG A 430 -35.01 16.01 20.78
C ARG A 430 -35.19 14.84 21.73
N ARG A 431 -34.14 14.53 22.46
CA ARG A 431 -34.12 13.35 23.32
C ARG A 431 -34.73 13.67 24.68
N THR A 432 -35.62 12.78 25.13
CA THR A 432 -36.35 13.01 26.37
C THR A 432 -35.51 12.71 27.60
N ALA A 433 -34.72 11.64 27.55
CA ALA A 433 -33.91 11.21 28.68
C ALA A 433 -32.49 10.93 28.22
N ASN A 434 -31.62 10.70 29.18
CA ASN A 434 -30.22 10.37 28.93
C ASN A 434 -29.89 8.99 29.49
N ILE A 435 -29.08 8.24 28.75
CA ILE A 435 -28.72 6.88 29.11
C ILE A 435 -27.22 6.84 29.36
N LYS A 436 -26.83 6.37 30.54
CA LYS A 436 -25.42 6.26 30.90
C LYS A 436 -24.96 4.82 30.73
N SER A 437 -23.71 4.66 30.31
CA SER A 437 -23.13 3.36 30.01
C SER A 437 -22.16 2.99 31.12
N ILE A 438 -22.55 2.02 31.95
CA ILE A 438 -21.63 1.40 32.90
C ILE A 438 -21.01 0.18 32.24
N GLY A 439 -19.68 0.10 32.28
CA GLY A 439 -18.98 -0.95 31.59
C GLY A 439 -18.83 -0.65 30.10
N TYR A 440 -18.07 -1.50 29.43
CA TYR A 440 -17.82 -1.37 27.99
C TYR A 440 -18.98 -2.04 27.24
N SER A 441 -19.84 -1.23 26.66
CA SER A 441 -21.09 -1.73 26.08
C SER A 441 -20.99 -1.74 24.56
N ASP A 442 -21.16 -2.93 23.97
CA ASP A 442 -21.27 -3.08 22.53
C ASP A 442 -22.75 -3.14 22.16
N LEU A 443 -23.15 -2.37 21.15
CA LEU A 443 -24.57 -2.23 20.85
C LEU A 443 -24.75 -1.78 19.41
N PHE A 444 -25.95 -2.03 18.89
CA PHE A 444 -26.29 -1.64 17.54
C PHE A 444 -26.77 -0.19 17.49
N CYS A 445 -26.57 0.43 16.34
CA CYS A 445 -27.07 1.77 16.05
C CYS A 445 -27.91 1.72 14.78
N LEU A 446 -29.05 2.41 14.82
CA LEU A 446 -30.03 2.39 13.73
C LEU A 446 -30.31 3.83 13.34
N SER A 447 -29.75 4.27 12.22
CA SER A 447 -29.84 5.66 11.79
C SER A 447 -31.29 6.04 11.48
N LYS A 448 -31.58 7.34 11.60
CA LYS A 448 -32.93 7.84 11.41
C LYS A 448 -33.42 7.61 9.98
N ASP A 449 -32.57 7.90 8.99
CA ASP A 449 -32.94 7.66 7.60
C ASP A 449 -33.01 6.16 7.28
N ASP A 450 -32.09 5.36 7.82
CA ASP A 450 -32.17 3.92 7.65
C ASP A 450 -33.42 3.35 8.31
N LEU A 451 -33.76 3.83 9.50
CA LEU A 451 -34.98 3.37 10.16
C LEU A 451 -36.22 3.81 9.38
N MET A 452 -36.19 5.00 8.79
CA MET A 452 -37.31 5.45 7.95
C MET A 452 -37.47 4.55 6.73
N GLU A 453 -36.36 4.20 6.07
CA GLU A 453 -36.41 3.33 4.90
C GLU A 453 -36.92 1.95 5.27
N ALA A 454 -36.46 1.40 6.39
CA ALA A 454 -36.89 0.07 6.81
C ALA A 454 -38.25 0.06 7.50
N LEU A 455 -38.79 1.23 7.84
CA LEU A 455 -40.08 1.32 8.54
C LEU A 455 -41.23 1.66 7.61
N THR A 456 -40.97 2.42 6.53
CA THR A 456 -42.02 2.70 5.57
C THR A 456 -42.49 1.46 4.83
N GLU A 457 -41.68 0.40 4.80
CA GLU A 457 -42.05 -0.80 4.07
C GLU A 457 -43.08 -1.64 4.83
N TYR A 458 -43.00 -1.70 6.16
CA TYR A 458 -43.97 -2.42 6.99
C TYR A 458 -44.50 -1.49 8.08
N PRO A 459 -45.53 -0.70 7.80
CA PRO A 459 -46.11 0.15 8.86
C PRO A 459 -46.88 -0.63 9.93
N ASP A 460 -47.18 -1.91 9.71
CA ASP A 460 -48.11 -2.62 10.57
C ASP A 460 -47.55 -2.85 11.98
N ALA A 461 -46.26 -3.20 12.08
CA ALA A 461 -45.67 -3.53 13.36
C ALA A 461 -45.22 -2.30 14.14
N LYS A 462 -45.35 -1.10 13.57
CA LYS A 462 -44.91 0.12 14.21
C LYS A 462 -45.84 0.54 15.35
N THR A 463 -47.10 0.08 15.33
CA THR A 463 -48.10 0.52 16.30
C THR A 463 -47.68 0.20 17.74
N MET A 464 -46.89 -0.85 17.94
CA MET A 464 -46.31 -1.09 19.26
C MET A 464 -45.32 0.02 19.62
N LEU A 465 -44.58 0.54 18.63
CA LEU A 465 -43.64 1.61 18.91
C LEU A 465 -44.37 2.92 19.25
N GLU A 466 -45.45 3.24 18.53
CA GLU A 466 -46.25 4.39 18.99
C GLU A 466 -46.92 4.12 20.34
N GLU A 467 -47.27 2.87 20.65
CA GLU A 467 -47.84 2.58 21.96
C GLU A 467 -46.83 2.86 23.07
N LYS A 468 -45.59 2.39 22.88
CA LYS A 468 -44.54 2.64 23.87
C LYS A 468 -44.25 4.13 24.00
N GLY A 469 -44.19 4.84 22.87
CA GLY A 469 -43.97 6.27 22.91
C GLY A 469 -45.12 7.02 23.59
N LYS A 470 -46.34 6.53 23.40
CA LYS A 470 -47.50 7.14 24.07
C LYS A 470 -47.43 6.91 25.57
N GLN A 471 -46.95 5.74 26.00
CA GLN A 471 -46.83 5.48 27.44
C GLN A 471 -45.71 6.31 28.06
N ILE A 472 -44.56 6.43 27.40
CA ILE A 472 -43.40 7.01 28.07
C ILE A 472 -43.30 8.53 28.00
N LEU A 473 -43.94 9.17 27.02
CA LEU A 473 -43.87 10.62 26.94
C LEU A 473 -44.76 11.32 27.96
N MET A 474 -45.89 10.73 28.33
CA MET A 474 -46.78 11.37 29.29
C MET A 474 -46.16 11.47 30.68
N LYS A 475 -45.45 10.42 31.11
CA LYS A 475 -44.80 10.43 32.41
C LYS A 475 -43.55 11.31 32.39
N PRO B 204 1.50 3.76 -46.63
CA PRO B 204 0.45 4.76 -46.39
C PRO B 204 1.03 6.14 -46.09
N GLN B 205 0.33 7.18 -46.53
CA GLN B 205 0.80 8.54 -46.28
C GLN B 205 0.70 8.90 -44.81
N SER B 206 -0.40 8.53 -44.16
CA SER B 206 -0.62 8.83 -42.75
C SER B 206 -0.68 7.54 -41.96
N ILE B 207 0.05 7.50 -40.84
CA ILE B 207 0.11 6.32 -39.98
C ILE B 207 -0.27 6.76 -38.57
N ASP B 208 -1.14 5.99 -37.93
CA ASP B 208 -1.56 6.23 -36.55
C ASP B 208 -1.00 5.13 -35.65
N PRO B 209 -0.49 5.53 -34.48
CA PRO B 209 0.11 4.61 -33.49
C PRO B 209 -0.83 3.57 -32.87
N LEU B 210 -2.08 3.92 -32.59
CA LEU B 210 -2.99 2.97 -31.95
C LEU B 210 -3.19 1.65 -32.71
N THR B 211 -3.30 1.71 -34.03
CA THR B 211 -3.46 0.48 -34.83
C THR B 211 -2.29 0.42 -35.81
N ASN B 212 -2.48 -0.25 -36.96
CA ASN B 212 -1.45 -0.37 -38.00
C ASN B 212 -0.16 -0.96 -37.42
N LEU B 213 -0.26 -2.25 -37.07
CA LEU B 213 0.82 -3.01 -36.46
C LEU B 213 2.11 -3.02 -37.26
N MET B 214 2.10 -2.58 -38.52
CA MET B 214 3.35 -2.38 -39.25
C MET B 214 4.18 -1.28 -38.60
N TYR B 215 3.52 -0.36 -37.93
CA TYR B 215 4.24 0.68 -37.20
C TYR B 215 4.94 0.01 -36.03
N VAL B 216 4.23 -0.89 -35.35
CA VAL B 216 4.81 -1.62 -34.22
C VAL B 216 6.00 -2.45 -34.69
N LEU B 217 5.88 -3.07 -35.87
CA LEU B 217 6.97 -3.90 -36.39
C LEU B 217 8.20 -3.07 -36.73
N TRP B 218 7.99 -1.93 -37.39
CA TRP B 218 9.11 -1.07 -37.73
C TRP B 218 9.77 -0.57 -36.46
N LEU B 219 8.96 -0.10 -35.52
CA LEU B 219 9.49 0.40 -34.26
C LEU B 219 10.21 -0.70 -33.50
N PHE B 220 9.77 -1.95 -33.65
CA PHE B 220 10.52 -3.07 -33.09
C PHE B 220 11.88 -3.21 -33.74
N PHE B 221 11.95 -3.01 -35.06
CA PHE B 221 13.24 -3.02 -35.75
C PHE B 221 14.14 -1.88 -35.25
N VAL B 222 13.56 -0.71 -35.00
CA VAL B 222 14.30 0.42 -34.46
C VAL B 222 14.81 0.08 -33.06
N VAL B 223 13.99 -0.58 -32.24
CA VAL B 223 14.41 -0.98 -30.91
C VAL B 223 15.52 -2.02 -30.97
N MET B 224 15.45 -2.94 -31.94
CA MET B 224 16.55 -3.89 -32.11
C MET B 224 17.84 -3.20 -32.53
N ALA B 225 17.75 -2.19 -33.40
CA ALA B 225 18.94 -1.43 -33.77
C ALA B 225 19.51 -0.68 -32.57
N TRP B 226 18.63 -0.06 -31.77
CA TRP B 226 19.07 0.64 -30.56
C TRP B 226 19.67 -0.31 -29.54
N ASN B 227 19.10 -1.51 -29.42
CA ASN B 227 19.66 -2.52 -28.52
C ASN B 227 21.02 -3.00 -29.01
N TRP B 228 21.18 -3.17 -30.31
CA TRP B 228 22.49 -3.51 -30.86
C TRP B 228 23.52 -2.44 -30.54
N ASN B 229 23.14 -1.17 -30.69
CA ASN B 229 24.04 -0.08 -30.36
C ASN B 229 24.37 -0.05 -28.87
N CYS B 230 23.38 -0.21 -28.02
CA CYS B 230 23.60 -0.09 -26.58
C CYS B 230 24.38 -1.28 -26.04
N TRP B 231 24.14 -2.48 -26.55
CA TRP B 231 24.79 -3.68 -26.05
C TRP B 231 26.13 -3.95 -26.71
N LEU B 232 26.39 -3.39 -27.88
CA LEU B 232 27.56 -3.78 -28.65
C LEU B 232 28.68 -2.75 -28.62
N ILE B 233 28.38 -1.50 -28.26
CA ILE B 233 29.43 -0.49 -28.07
C ILE B 233 30.34 -0.83 -26.89
N PRO B 234 29.84 -1.13 -25.68
CA PRO B 234 30.78 -1.44 -24.58
C PRO B 234 31.54 -2.73 -24.77
N VAL B 235 30.95 -3.73 -25.43
CA VAL B 235 31.67 -5.00 -25.63
C VAL B 235 32.71 -4.86 -26.74
N ARG B 236 32.59 -3.83 -27.58
CA ARG B 236 33.61 -3.57 -28.59
C ARG B 236 34.69 -2.63 -28.09
N TRP B 237 34.34 -1.67 -27.23
CA TRP B 237 35.32 -0.74 -26.71
C TRP B 237 36.28 -1.42 -25.73
N ALA B 238 35.76 -2.29 -24.87
CA ALA B 238 36.57 -2.94 -23.85
C ALA B 238 37.28 -4.19 -24.37
N PHE B 239 36.53 -5.08 -24.98
CA PHE B 239 37.07 -6.35 -25.44
C PHE B 239 37.78 -6.18 -26.79
N PRO B 240 38.75 -7.05 -27.10
CA PRO B 240 39.42 -6.95 -28.41
C PRO B 240 38.65 -7.67 -29.52
N TYR B 241 37.36 -7.91 -29.29
CA TYR B 241 36.54 -8.66 -30.25
C TYR B 241 36.40 -7.95 -31.59
N GLN B 242 36.64 -6.64 -31.64
CA GLN B 242 36.60 -5.89 -32.90
C GLN B 242 37.95 -6.00 -33.60
N THR B 243 38.24 -7.22 -34.05
CA THR B 243 39.51 -7.49 -34.73
C THR B 243 39.46 -6.93 -36.15
N PRO B 244 40.62 -6.58 -36.71
CA PRO B 244 40.65 -6.16 -38.13
C PRO B 244 40.26 -7.26 -39.09
N ASP B 245 40.28 -8.53 -38.68
CA ASP B 245 39.84 -9.62 -39.55
C ASP B 245 38.35 -9.50 -39.86
N ASN B 246 37.53 -9.17 -38.86
CA ASN B 246 36.09 -9.05 -39.03
C ASN B 246 35.60 -7.62 -38.75
N ILE B 247 36.44 -6.62 -39.02
CA ILE B 247 36.02 -5.23 -38.85
C ILE B 247 34.92 -4.88 -39.85
N HIS B 248 34.92 -5.53 -41.02
CA HIS B 248 33.91 -5.23 -42.03
C HIS B 248 32.51 -5.65 -41.57
N HIS B 249 32.39 -6.76 -40.84
CA HIS B 249 31.11 -7.16 -40.30
C HIS B 249 30.58 -6.12 -39.31
N TRP B 250 31.45 -5.63 -38.43
CA TRP B 250 31.04 -4.62 -37.45
C TRP B 250 30.63 -3.33 -38.15
N LEU B 251 31.41 -2.92 -39.16
CA LEU B 251 31.09 -1.70 -39.90
C LEU B 251 29.77 -1.85 -40.66
N LEU B 252 29.52 -3.03 -41.24
CA LEU B 252 28.28 -3.26 -41.96
C LEU B 252 27.09 -3.21 -41.01
N MET B 253 27.21 -3.84 -39.84
CA MET B 253 26.11 -3.81 -38.88
C MET B 253 25.85 -2.39 -38.36
N ASP B 254 26.91 -1.65 -38.08
CA ASP B 254 26.76 -0.27 -37.62
C ASP B 254 26.13 0.61 -38.71
N TYR B 255 26.54 0.40 -39.97
CA TYR B 255 25.96 1.16 -41.06
C TYR B 255 24.49 0.79 -41.29
N LEU B 256 24.14 -0.48 -41.10
CA LEU B 256 22.75 -0.88 -41.22
C LEU B 256 21.89 -0.26 -40.11
N CYS B 257 22.42 -0.24 -38.88
CA CYS B 257 21.69 0.41 -37.79
C CYS B 257 21.55 1.91 -38.02
N ASP B 258 22.60 2.54 -38.54
CA ASP B 258 22.51 3.96 -38.89
C ASP B 258 21.53 4.20 -40.02
N LEU B 259 21.44 3.25 -40.97
CA LEU B 259 20.45 3.37 -42.04
C LEU B 259 19.03 3.27 -41.50
N ILE B 260 18.81 2.37 -40.53
CA ILE B 260 17.50 2.28 -39.88
C ILE B 260 17.18 3.59 -39.15
N TYR B 261 18.16 4.14 -38.44
CA TYR B 261 17.98 5.40 -37.74
C TYR B 261 17.64 6.53 -38.71
N PHE B 262 18.37 6.61 -39.83
CA PHE B 262 18.15 7.65 -40.82
C PHE B 262 16.79 7.51 -41.48
N LEU B 263 16.39 6.29 -41.82
CA LEU B 263 15.09 6.05 -42.42
C LEU B 263 13.97 6.46 -41.47
N ASP B 264 14.10 6.09 -40.19
CA ASP B 264 13.09 6.44 -39.20
C ASP B 264 13.00 7.94 -39.00
N ILE B 265 14.14 8.63 -38.92
CA ILE B 265 14.10 10.06 -38.65
C ILE B 265 13.63 10.85 -39.86
N THR B 266 13.91 10.36 -41.07
CA THR B 266 13.61 11.16 -42.26
C THR B 266 12.24 10.81 -42.87
N VAL B 267 12.03 9.55 -43.25
CA VAL B 267 10.90 9.22 -44.09
C VAL B 267 9.73 8.58 -43.33
N PHE B 268 10.01 7.96 -42.18
CA PHE B 268 8.99 7.22 -41.45
C PHE B 268 8.24 7.97 -40.33
N GLN B 269 8.99 8.68 -39.50
CA GLN B 269 8.42 9.40 -38.37
C GLN B 269 7.58 10.61 -38.79
N THR B 270 7.94 11.22 -39.91
CA THR B 270 7.20 12.38 -40.39
C THR B 270 5.82 12.02 -40.91
N ARG B 271 5.53 10.75 -41.08
CA ARG B 271 4.22 10.28 -41.54
C ARG B 271 3.24 10.03 -40.41
N LEU B 272 3.68 10.16 -39.15
CA LEU B 272 2.81 9.90 -38.01
C LEU B 272 1.84 11.06 -37.82
N GLN B 273 0.55 10.73 -37.73
CA GLN B 273 -0.46 11.75 -37.51
C GLN B 273 -0.59 12.05 -36.02
N PHE B 274 -0.82 13.32 -35.70
CA PHE B 274 -0.85 13.79 -34.33
C PHE B 274 -2.19 14.43 -34.02
N VAL B 275 -2.49 14.52 -32.73
CA VAL B 275 -3.69 15.19 -32.25
C VAL B 275 -3.31 16.58 -31.76
N ARG B 276 -4.08 17.58 -32.17
CA ARG B 276 -3.87 18.97 -31.78
C ARG B 276 -5.23 19.57 -31.46
N GLY B 277 -5.47 19.86 -30.19
CA GLY B 277 -6.77 20.36 -29.77
C GLY B 277 -7.89 19.37 -30.01
N GLY B 278 -7.64 18.09 -29.79
CA GLY B 278 -8.66 17.06 -29.93
C GLY B 278 -8.89 16.59 -31.35
N ASP B 279 -8.22 17.18 -32.34
CA ASP B 279 -8.44 16.85 -33.74
C ASP B 279 -7.17 16.21 -34.30
N ILE B 280 -7.32 15.06 -34.94
CA ILE B 280 -6.19 14.38 -35.57
C ILE B 280 -5.87 15.08 -36.88
N ILE B 281 -4.61 15.42 -37.07
CA ILE B 281 -4.15 16.15 -38.24
C ILE B 281 -3.53 15.17 -39.23
N THR B 282 -3.98 15.23 -40.49
CA THR B 282 -3.57 14.28 -41.51
C THR B 282 -2.66 14.89 -42.57
N ASP B 283 -2.55 16.23 -42.61
CA ASP B 283 -1.76 16.89 -43.64
C ASP B 283 -0.28 16.52 -43.52
N LYS B 284 0.36 16.34 -44.68
CA LYS B 284 1.75 15.89 -44.71
C LYS B 284 2.70 16.95 -44.14
N LYS B 285 2.46 18.21 -44.46
CA LYS B 285 3.35 19.28 -43.98
C LYS B 285 3.20 19.49 -42.48
N ASP B 286 1.96 19.40 -41.97
CA ASP B 286 1.71 19.62 -40.54
C ASP B 286 2.37 18.55 -39.68
N MET B 287 2.31 17.29 -40.13
CA MET B 287 2.95 16.21 -39.39
C MET B 287 4.46 16.41 -39.31
N ARG B 288 5.07 16.81 -40.43
CA ARG B 288 6.51 17.07 -40.45
C ARG B 288 6.87 18.25 -39.55
N ASN B 289 6.05 19.31 -39.56
CA ASN B 289 6.31 20.47 -38.72
C ASN B 289 6.22 20.12 -37.24
N ASN B 290 5.20 19.35 -36.85
CA ASN B 290 5.08 18.95 -35.46
C ASN B 290 6.20 17.99 -35.05
N TYR B 291 6.65 17.15 -35.98
CA TYR B 291 7.81 16.31 -35.70
C TYR B 291 9.05 17.16 -35.47
N LEU B 292 9.26 18.18 -36.30
CA LEU B 292 10.40 19.08 -36.11
C LEU B 292 10.31 19.81 -34.79
N LYS B 293 9.10 20.20 -34.37
CA LYS B 293 8.91 20.84 -33.09
C LYS B 293 9.00 19.88 -31.91
N SER B 294 8.93 18.57 -32.16
CA SER B 294 8.93 17.59 -31.09
C SER B 294 10.33 17.42 -30.49
N ARG B 295 10.36 17.01 -29.21
CA ARG B 295 11.63 16.76 -28.53
C ARG B 295 12.28 15.48 -29.02
N ARG B 296 11.48 14.48 -29.41
CA ARG B 296 12.05 13.19 -29.79
C ARG B 296 12.83 13.29 -31.10
N PHE B 297 12.41 14.17 -32.02
CA PHE B 297 13.20 14.38 -33.23
C PHE B 297 14.53 15.05 -32.91
N LYS B 298 14.54 15.98 -31.96
CA LYS B 298 15.79 16.59 -31.53
C LYS B 298 16.73 15.56 -30.91
N MET B 299 16.17 14.65 -30.09
CA MET B 299 16.98 13.59 -29.51
C MET B 299 17.51 12.64 -30.58
N ASP B 300 16.68 12.31 -31.57
CA ASP B 300 17.12 11.41 -32.65
C ASP B 300 18.18 12.07 -33.52
N LEU B 301 18.04 13.38 -33.77
CA LEU B 301 19.04 14.10 -34.56
C LEU B 301 20.36 14.21 -33.80
N LEU B 302 20.29 14.41 -32.48
CA LEU B 302 21.50 14.37 -31.67
C LEU B 302 22.09 12.96 -31.63
N SER B 303 21.25 11.93 -31.80
CA SER B 303 21.76 10.57 -31.81
C SER B 303 22.56 10.29 -33.08
N LEU B 304 22.10 10.77 -34.23
CA LEU B 304 22.77 10.54 -35.51
C LEU B 304 23.77 11.67 -35.75
N LEU B 305 25.04 11.40 -35.45
CA LEU B 305 26.10 12.36 -35.68
C LEU B 305 27.23 11.68 -36.44
N PRO B 306 27.87 12.37 -37.39
CA PRO B 306 28.97 11.77 -38.14
C PRO B 306 30.28 11.84 -37.36
N LEU B 307 30.78 10.68 -36.96
CA LEU B 307 32.03 10.56 -36.22
C LEU B 307 32.94 9.63 -37.02
N ASP B 308 33.69 10.19 -37.97
CA ASP B 308 34.58 9.39 -38.80
C ASP B 308 35.90 9.12 -38.10
N PHE B 309 36.65 10.18 -37.81
CA PHE B 309 37.96 10.12 -37.15
C PHE B 309 38.95 9.19 -37.86
N VAL B 316 37.57 4.57 -36.14
CA VAL B 316 37.25 3.15 -36.12
C VAL B 316 36.94 2.76 -34.67
N ASN B 317 37.17 3.71 -33.76
CA ASN B 317 36.90 3.49 -32.35
C ASN B 317 35.41 3.31 -32.12
N PRO B 318 34.97 2.23 -31.47
CA PRO B 318 33.53 2.03 -31.23
C PRO B 318 32.96 2.91 -30.14
N LEU B 319 33.79 3.65 -29.40
CA LEU B 319 33.31 4.55 -28.37
C LEU B 319 32.76 5.85 -28.93
N LEU B 320 32.93 6.09 -30.23
CA LEU B 320 32.41 7.30 -30.87
C LEU B 320 30.94 7.18 -31.26
N ARG B 321 30.34 6.00 -31.11
CA ARG B 321 28.95 5.78 -31.47
C ARG B 321 28.00 5.91 -30.28
N LEU B 322 28.50 6.35 -29.12
CA LEU B 322 27.70 6.62 -27.94
C LEU B 322 26.51 7.56 -28.16
N PRO B 323 26.55 8.50 -29.12
CA PRO B 323 25.31 9.19 -29.49
C PRO B 323 24.18 8.27 -29.94
N ARG B 324 24.48 7.15 -30.59
CA ARG B 324 23.42 6.25 -31.06
C ARG B 324 22.61 5.66 -29.92
N CYS B 325 23.15 5.65 -28.70
CA CYS B 325 22.41 5.17 -27.53
C CYS B 325 21.40 6.18 -27.02
N LEU B 326 21.41 7.41 -27.53
CA LEU B 326 20.50 8.45 -27.06
C LEU B 326 19.11 8.36 -27.67
N LYS B 327 18.88 7.44 -28.60
CA LYS B 327 17.55 7.23 -29.17
C LYS B 327 16.75 6.28 -28.28
N TYR B 328 16.45 6.77 -27.07
CA TYR B 328 15.79 5.97 -26.06
C TYR B 328 14.28 6.18 -26.00
N MET B 329 13.78 7.32 -26.50
CA MET B 329 12.35 7.56 -26.47
C MET B 329 11.60 6.60 -27.39
N ALA B 330 12.25 6.13 -28.46
CA ALA B 330 11.65 5.12 -29.32
C ALA B 330 11.40 3.83 -28.55
N PHE B 331 12.35 3.44 -27.70
CA PHE B 331 12.18 2.23 -26.90
C PHE B 331 11.04 2.36 -25.91
N PHE B 332 10.92 3.52 -25.25
CA PHE B 332 9.83 3.73 -24.31
C PHE B 332 8.48 3.76 -25.02
N GLU B 333 8.44 4.36 -26.20
CA GLU B 333 7.20 4.34 -27.00
C GLU B 333 6.84 2.91 -27.39
N PHE B 334 7.84 2.13 -27.83
CA PHE B 334 7.63 0.72 -28.16
C PHE B 334 7.09 -0.04 -26.95
N ASN B 335 7.62 0.26 -25.76
CA ASN B 335 7.12 -0.34 -24.53
C ASN B 335 5.66 0.02 -24.31
N SER B 336 5.30 1.29 -24.53
CA SER B 336 3.91 1.72 -24.32
C SER B 336 2.95 0.99 -25.26
N ARG B 337 3.31 0.91 -26.54
CA ARG B 337 2.40 0.24 -27.48
C ARG B 337 2.34 -1.26 -27.22
N LEU B 338 3.46 -1.89 -26.85
CA LEU B 338 3.40 -3.30 -26.51
C LEU B 338 2.66 -3.57 -25.21
N GLU B 339 2.57 -2.60 -24.31
CA GLU B 339 1.61 -2.70 -23.22
C GLU B 339 0.19 -2.52 -23.73
N SER B 340 0.00 -1.78 -24.82
CA SER B 340 -1.34 -1.52 -25.34
C SER B 340 -1.87 -2.70 -26.16
N ILE B 341 -1.06 -3.23 -27.08
CA ILE B 341 -1.58 -4.18 -28.07
C ILE B 341 -1.93 -5.52 -27.43
N LEU B 342 -0.99 -6.10 -26.67
CA LEU B 342 -1.14 -7.48 -26.22
C LEU B 342 -1.68 -7.54 -24.80
N SER B 343 -2.60 -8.49 -24.58
CA SER B 343 -3.08 -8.77 -23.23
C SER B 343 -2.01 -9.52 -22.44
N LYS B 344 -2.19 -9.52 -21.12
CA LYS B 344 -1.22 -10.08 -20.17
C LYS B 344 0.16 -9.45 -20.37
N ALA B 345 0.20 -8.14 -20.23
CA ALA B 345 1.40 -7.35 -20.49
C ALA B 345 2.41 -7.41 -19.36
N TYR B 346 2.09 -8.08 -18.25
CA TYR B 346 3.02 -8.15 -17.13
C TYR B 346 4.24 -9.01 -17.46
N VAL B 347 4.10 -9.98 -18.36
CA VAL B 347 5.25 -10.80 -18.73
C VAL B 347 6.25 -9.96 -19.53
N TYR B 348 5.77 -9.00 -20.32
CA TYR B 348 6.69 -8.11 -21.02
C TYR B 348 7.43 -7.21 -20.05
N ARG B 349 6.75 -6.80 -18.96
CA ARG B 349 7.43 -6.00 -17.94
C ARG B 349 8.48 -6.83 -17.20
N VAL B 350 8.19 -8.10 -16.94
CA VAL B 350 9.18 -8.99 -16.34
C VAL B 350 10.38 -9.15 -17.26
N ILE B 351 10.13 -9.36 -18.56
CA ILE B 351 11.19 -9.49 -19.54
C ILE B 351 12.00 -8.20 -19.63
N ARG B 352 11.34 -7.06 -19.51
CA ARG B 352 12.02 -5.78 -19.60
C ARG B 352 12.90 -5.51 -18.39
N THR B 353 12.41 -5.83 -17.18
CA THR B 353 13.25 -5.71 -15.99
C THR B 353 14.42 -6.67 -16.04
N THR B 354 14.18 -7.89 -16.56
CA THR B 354 15.26 -8.84 -16.78
C THR B 354 16.30 -8.26 -17.74
N ALA B 355 15.83 -7.63 -18.82
CA ALA B 355 16.75 -7.04 -19.80
C ALA B 355 17.54 -5.89 -19.18
N TYR B 356 16.92 -5.09 -18.31
CA TYR B 356 17.64 -4.04 -17.62
C TYR B 356 18.73 -4.61 -16.72
N LEU B 357 18.41 -5.69 -15.98
CA LEU B 357 19.41 -6.34 -15.15
C LEU B 357 20.54 -6.93 -15.99
N LEU B 358 20.20 -7.54 -17.14
CA LEU B 358 21.21 -8.12 -18.01
C LEU B 358 22.08 -7.04 -18.63
N TYR B 359 21.51 -5.88 -18.95
CA TYR B 359 22.32 -4.80 -19.49
C TYR B 359 23.24 -4.21 -18.44
N SER B 360 22.78 -4.12 -17.19
CA SER B 360 23.66 -3.68 -16.12
C SER B 360 24.80 -4.66 -15.91
N LEU B 361 24.51 -5.96 -15.97
CA LEU B 361 25.55 -6.98 -15.87
C LEU B 361 26.51 -6.91 -17.05
N HIS B 362 25.96 -6.59 -18.22
CA HIS B 362 26.73 -6.45 -19.44
C HIS B 362 27.74 -5.32 -19.29
N LEU B 363 27.26 -4.18 -18.82
CA LEU B 363 28.09 -3.00 -18.61
C LEU B 363 29.15 -3.25 -17.54
N ASN B 364 28.78 -3.95 -16.46
CA ASN B 364 29.77 -4.27 -15.43
C ASN B 364 30.83 -5.22 -15.96
N SER B 365 30.44 -6.20 -16.79
CA SER B 365 31.42 -7.11 -17.36
C SER B 365 32.37 -6.38 -18.29
N CYS B 366 31.85 -5.45 -19.10
CA CYS B 366 32.71 -4.65 -19.96
C CYS B 366 33.67 -3.79 -19.16
N LEU B 367 33.18 -3.17 -18.08
CA LEU B 367 34.05 -2.37 -17.22
C LEU B 367 35.12 -3.23 -16.55
N TYR B 368 34.74 -4.44 -16.11
CA TYR B 368 35.71 -5.32 -15.48
C TYR B 368 36.78 -5.78 -16.47
N TYR B 369 36.39 -6.08 -17.71
CA TYR B 369 37.40 -6.44 -18.70
C TYR B 369 38.28 -5.25 -19.05
N TRP B 370 37.71 -4.04 -19.09
CA TRP B 370 38.53 -2.86 -19.32
C TRP B 370 39.56 -2.67 -18.20
N ALA B 371 39.13 -2.86 -16.95
CA ALA B 371 40.05 -2.74 -15.83
C ALA B 371 41.13 -3.82 -15.88
N SER B 372 40.74 -5.04 -16.24
CA SER B 372 41.71 -6.13 -16.35
C SER B 372 42.72 -5.87 -17.45
N ALA B 373 42.27 -5.36 -18.60
CA ALA B 373 43.19 -5.03 -19.68
C ALA B 373 44.04 -3.81 -19.33
N TYR B 374 43.51 -2.89 -18.52
CA TYR B 374 44.30 -1.76 -18.06
C TYR B 374 45.44 -2.21 -17.16
N GLN B 375 45.15 -3.10 -16.21
CA GLN B 375 46.21 -3.64 -15.37
C GLN B 375 47.02 -4.70 -16.09
N GLY B 376 46.42 -5.41 -17.05
CA GLY B 376 47.10 -6.50 -17.72
C GLY B 376 46.48 -7.83 -17.38
N LEU B 377 46.07 -8.59 -18.40
CA LEU B 377 45.43 -9.87 -18.17
C LEU B 377 46.41 -10.87 -17.56
N GLY B 378 45.98 -11.54 -16.49
CA GLY B 378 46.82 -12.50 -15.82
C GLY B 378 47.88 -11.91 -14.91
N SER B 379 47.83 -10.60 -14.65
CA SER B 379 48.82 -9.98 -13.78
C SER B 379 48.68 -10.48 -12.34
N THR B 380 47.46 -10.64 -11.87
CA THR B 380 47.21 -11.14 -10.53
C THR B 380 45.88 -11.90 -10.52
N HIS B 381 45.44 -12.28 -9.33
CA HIS B 381 44.25 -13.13 -9.20
C HIS B 381 42.97 -12.37 -9.50
N TRP B 382 42.94 -11.06 -9.23
CA TRP B 382 41.70 -10.31 -9.36
C TRP B 382 41.31 -10.09 -10.82
N VAL B 383 42.27 -9.72 -11.67
CA VAL B 383 41.99 -9.43 -13.07
C VAL B 383 41.65 -10.70 -13.82
N TYR B 384 41.11 -10.55 -15.03
CA TYR B 384 40.82 -11.71 -15.87
C TYR B 384 42.12 -12.39 -16.27
N ASP B 385 42.17 -13.71 -16.09
CA ASP B 385 43.42 -14.45 -16.28
C ASP B 385 43.80 -14.56 -17.75
N GLY B 386 42.83 -14.66 -18.65
CA GLY B 386 43.10 -14.60 -20.07
C GLY B 386 42.80 -15.85 -20.89
N VAL B 387 42.20 -16.87 -20.31
CA VAL B 387 41.83 -18.08 -21.05
C VAL B 387 40.34 -18.31 -20.89
N GLY B 388 39.69 -18.71 -21.99
CA GLY B 388 38.28 -19.01 -22.00
C GLY B 388 37.57 -18.18 -23.05
N ASN B 389 36.25 -18.05 -22.87
CA ASN B 389 35.43 -17.26 -23.78
C ASN B 389 35.74 -15.77 -23.67
N SER B 390 36.33 -15.34 -22.55
CA SER B 390 36.76 -13.98 -22.23
C SER B 390 35.61 -13.00 -22.08
N TYR B 391 34.37 -13.41 -22.30
CA TYR B 391 33.20 -12.59 -21.99
C TYR B 391 32.34 -13.21 -20.90
N ILE B 392 32.16 -14.53 -20.92
CA ILE B 392 31.37 -15.18 -19.88
C ILE B 392 32.09 -15.11 -18.54
N ARG B 393 33.43 -15.05 -18.55
CA ARG B 393 34.17 -14.90 -17.30
C ARG B 393 33.92 -13.53 -16.68
N CYS B 394 33.98 -12.47 -17.49
CA CYS B 394 33.69 -11.14 -16.99
C CYS B 394 32.21 -10.99 -16.61
N TYR B 395 31.32 -11.68 -17.33
CA TYR B 395 29.92 -11.66 -16.95
C TYR B 395 29.68 -12.41 -15.64
N TYR B 396 30.46 -13.46 -15.40
CA TYR B 396 30.43 -14.15 -14.11
C TYR B 396 30.90 -13.21 -12.99
N PHE B 397 31.96 -12.46 -13.24
CA PHE B 397 32.41 -11.47 -12.27
C PHE B 397 31.32 -10.42 -12.03
N ALA B 398 30.66 -9.98 -13.10
CA ALA B 398 29.61 -8.97 -12.98
C ALA B 398 28.41 -9.49 -12.19
N VAL B 399 27.97 -10.72 -12.47
CA VAL B 399 26.82 -11.25 -11.76
C VAL B 399 27.17 -11.55 -10.31
N LYS B 400 28.42 -11.91 -10.03
CA LYS B 400 28.83 -12.14 -8.65
C LYS B 400 29.13 -10.85 -7.91
N THR B 401 29.30 -9.74 -8.64
CA THR B 401 29.60 -8.46 -8.01
C THR B 401 28.36 -7.62 -7.76
N LEU B 402 27.53 -7.39 -8.79
CA LEU B 402 26.37 -6.53 -8.62
C LEU B 402 25.37 -7.12 -7.64
N ILE B 403 25.06 -8.41 -7.79
CA ILE B 403 24.18 -9.08 -6.84
C ILE B 403 24.88 -9.36 -5.52
N THR B 404 26.22 -9.22 -5.49
CA THR B 404 27.05 -9.36 -4.28
C THR B 404 26.95 -10.76 -3.68
N ILE B 405 27.17 -11.77 -4.52
CA ILE B 405 27.35 -13.13 -4.02
C ILE B 405 28.67 -13.24 -3.27
N GLY B 406 29.75 -12.74 -3.86
CA GLY B 406 31.08 -13.00 -3.34
C GLY B 406 31.66 -14.25 -3.96
N GLY B 407 32.78 -14.69 -3.41
CA GLY B 407 33.53 -15.80 -3.95
C GLY B 407 34.58 -15.41 -4.97
N LEU B 408 34.66 -14.14 -5.33
CA LEU B 408 35.64 -13.68 -6.30
C LEU B 408 37.01 -13.59 -5.65
N PRO B 409 38.08 -13.61 -6.45
CA PRO B 409 39.42 -13.37 -5.90
C PRO B 409 39.53 -11.99 -5.28
N ASP B 410 40.29 -11.91 -4.19
CA ASP B 410 40.42 -10.65 -3.47
C ASP B 410 41.27 -9.67 -4.27
N PRO B 411 40.94 -8.38 -4.24
CA PRO B 411 41.76 -7.39 -4.93
C PRO B 411 43.00 -7.04 -4.11
N LYS B 412 44.14 -6.90 -4.79
CA LYS B 412 45.41 -6.62 -4.13
C LYS B 412 45.81 -5.15 -4.28
N THR B 413 45.93 -4.65 -5.50
CA THR B 413 46.39 -3.30 -5.72
C THR B 413 45.30 -2.29 -5.38
N LEU B 414 45.71 -1.02 -5.25
CA LEU B 414 44.80 0.04 -4.85
C LEU B 414 43.71 0.25 -5.89
N PHE B 415 44.06 0.19 -7.18
CA PHE B 415 43.06 0.37 -8.24
C PHE B 415 42.03 -0.74 -8.19
N GLU B 416 42.48 -1.98 -7.96
CA GLU B 416 41.56 -3.11 -7.91
C GLU B 416 40.63 -3.02 -6.71
N ILE B 417 41.15 -2.61 -5.55
CA ILE B 417 40.30 -2.46 -4.37
C ILE B 417 39.30 -1.33 -4.57
N VAL B 418 39.73 -0.23 -5.19
CA VAL B 418 38.81 0.88 -5.48
C VAL B 418 37.72 0.44 -6.45
N PHE B 419 38.09 -0.29 -7.50
CA PHE B 419 37.11 -0.75 -8.47
C PHE B 419 36.13 -1.72 -7.83
N GLN B 420 36.63 -2.63 -6.99
CA GLN B 420 35.76 -3.60 -6.32
C GLN B 420 34.82 -2.91 -5.34
N LEU B 421 35.33 -1.91 -4.60
CA LEU B 421 34.51 -1.13 -3.68
C LEU B 421 33.39 -0.41 -4.43
N LEU B 422 33.74 0.31 -5.49
CA LEU B 422 32.75 1.07 -6.25
C LEU B 422 31.76 0.14 -6.93
N ASN B 423 32.23 -1.01 -7.42
CA ASN B 423 31.34 -1.95 -8.08
C ASN B 423 30.37 -2.59 -7.11
N TYR B 424 30.83 -2.96 -5.91
CA TYR B 424 29.92 -3.51 -4.92
C TYR B 424 28.92 -2.47 -4.43
N PHE B 425 29.39 -1.23 -4.22
CA PHE B 425 28.50 -0.19 -3.74
C PHE B 425 27.45 0.18 -4.79
N THR B 426 27.84 0.27 -6.05
CA THR B 426 26.88 0.50 -7.12
C THR B 426 25.93 -0.69 -7.28
N GLY B 427 26.47 -1.91 -7.15
CA GLY B 427 25.65 -3.09 -7.37
C GLY B 427 24.66 -3.34 -6.26
N VAL B 428 24.92 -2.85 -5.06
CA VAL B 428 23.93 -2.97 -3.99
C VAL B 428 22.67 -2.21 -4.36
N PHE B 429 22.82 -0.96 -4.77
CA PHE B 429 21.67 -0.16 -5.17
C PHE B 429 21.07 -0.67 -6.48
N ALA B 430 21.89 -1.16 -7.40
CA ALA B 430 21.38 -1.69 -8.65
C ALA B 430 20.54 -2.96 -8.42
N PHE B 431 21.05 -3.87 -7.59
CA PHE B 431 20.32 -5.08 -7.25
C PHE B 431 19.04 -4.76 -6.49
N SER B 432 19.09 -3.75 -5.61
CA SER B 432 17.89 -3.29 -4.94
C SER B 432 16.88 -2.75 -5.95
N VAL B 433 17.35 -2.03 -6.96
CA VAL B 433 16.46 -1.47 -7.98
C VAL B 433 15.79 -2.60 -8.78
N MET B 434 16.57 -3.60 -9.19
CA MET B 434 15.98 -4.70 -9.97
C MET B 434 15.01 -5.53 -9.13
N ILE B 435 15.35 -5.82 -7.86
CA ILE B 435 14.42 -6.60 -7.06
C ILE B 435 13.18 -5.78 -6.73
N GLY B 436 13.31 -4.47 -6.55
CA GLY B 436 12.15 -3.63 -6.33
C GLY B 436 11.25 -3.56 -7.55
N GLN B 437 11.86 -3.46 -8.75
CA GLN B 437 11.08 -3.46 -9.97
C GLN B 437 10.36 -4.79 -10.18
N MET B 438 11.06 -5.90 -9.93
CA MET B 438 10.43 -7.21 -10.07
C MET B 438 9.31 -7.40 -9.07
N ARG B 439 9.51 -6.97 -7.82
CA ARG B 439 8.47 -7.07 -6.80
C ARG B 439 7.28 -6.20 -7.15
N ASP B 440 7.52 -4.99 -7.66
CA ASP B 440 6.43 -4.11 -8.06
C ASP B 440 5.66 -4.70 -9.24
N VAL B 441 6.37 -5.29 -10.20
CA VAL B 441 5.70 -5.86 -11.36
C VAL B 441 4.85 -7.08 -10.97
N VAL B 442 5.39 -7.97 -10.13
CA VAL B 442 4.61 -9.14 -9.74
C VAL B 442 3.49 -8.73 -8.79
N GLY B 443 3.65 -7.65 -8.03
CA GLY B 443 2.56 -7.16 -7.22
C GLY B 443 1.44 -6.56 -8.05
N ALA B 444 1.79 -5.80 -9.09
CA ALA B 444 0.79 -5.21 -9.97
C ALA B 444 0.09 -6.26 -10.82
N ALA B 445 0.82 -7.32 -11.19
CA ALA B 445 0.21 -8.40 -11.96
C ALA B 445 -0.85 -9.14 -11.14
N THR B 446 -0.58 -9.35 -9.85
CA THR B 446 -1.48 -10.07 -8.97
C THR B 446 -2.16 -9.16 -7.95
N ALA B 447 -2.25 -7.86 -8.23
CA ALA B 447 -2.90 -6.94 -7.30
C ALA B 447 -4.37 -7.27 -7.13
N GLY B 448 -5.07 -7.53 -8.24
CA GLY B 448 -6.46 -7.93 -8.14
C GLY B 448 -6.63 -9.28 -7.46
N GLN B 449 -5.78 -10.24 -7.79
CA GLN B 449 -5.85 -11.56 -7.15
C GLN B 449 -5.54 -11.46 -5.66
N THR B 450 -4.53 -10.68 -5.28
CA THR B 450 -4.20 -10.51 -3.87
C THR B 450 -5.32 -9.80 -3.12
N TYR B 451 -5.91 -8.78 -3.72
CA TYR B 451 -7.01 -8.06 -3.07
C TYR B 451 -8.23 -8.95 -2.89
N TYR B 452 -8.59 -9.72 -3.92
CA TYR B 452 -9.71 -10.63 -3.83
C TYR B 452 -9.47 -11.70 -2.78
N ARG B 453 -8.26 -12.27 -2.76
CA ARG B 453 -7.96 -13.28 -1.74
C ARG B 453 -8.01 -12.67 -0.35
N SER B 454 -7.44 -11.48 -0.17
CA SER B 454 -7.43 -10.85 1.15
C SER B 454 -8.84 -10.58 1.65
N CYS B 455 -9.70 -10.07 0.77
CA CYS B 455 -11.10 -9.86 1.13
C CYS B 455 -11.79 -11.18 1.47
N MET B 456 -11.51 -12.24 0.68
CA MET B 456 -12.14 -13.52 0.93
C MET B 456 -11.73 -14.11 2.28
N ASP B 457 -10.43 -14.06 2.60
CA ASP B 457 -10.02 -14.63 3.89
C ASP B 457 -10.43 -13.74 5.05
N SER B 458 -10.56 -12.43 4.83
CA SER B 458 -11.12 -11.57 5.86
C SER B 458 -12.56 -11.97 6.17
N THR B 459 -13.36 -12.22 5.12
CA THR B 459 -14.72 -12.70 5.34
C THR B 459 -14.75 -14.06 6.00
N VAL B 460 -13.83 -14.96 5.60
CA VAL B 460 -13.79 -16.30 6.18
C VAL B 460 -13.46 -16.25 7.66
N LYS B 461 -12.46 -15.45 8.04
CA LYS B 461 -12.13 -15.33 9.46
C LYS B 461 -13.21 -14.57 10.22
N TYR B 462 -13.97 -13.71 9.54
CA TYR B 462 -15.11 -13.08 10.19
C TYR B 462 -16.18 -14.11 10.53
N MET B 463 -16.52 -14.98 9.58
CA MET B 463 -17.53 -15.99 9.87
C MET B 463 -17.01 -17.05 10.84
N ASN B 464 -15.69 -17.30 10.85
CA ASN B 464 -15.13 -18.24 11.80
C ASN B 464 -15.05 -17.65 13.20
N PHE B 465 -14.94 -16.32 13.32
CA PHE B 465 -14.90 -15.69 14.63
C PHE B 465 -16.22 -15.83 15.37
N TYR B 466 -17.34 -15.86 14.64
CA TYR B 466 -18.66 -15.96 15.24
C TYR B 466 -19.25 -17.36 15.14
N LYS B 467 -18.44 -18.36 14.75
CA LYS B 467 -18.86 -19.76 14.66
C LYS B 467 -20.08 -19.94 13.76
N ILE B 468 -20.06 -19.25 12.62
CA ILE B 468 -21.14 -19.39 11.64
C ILE B 468 -21.09 -20.79 11.04
N PRO B 469 -22.22 -21.47 10.88
CA PRO B 469 -22.21 -22.85 10.39
C PRO B 469 -21.66 -22.94 8.97
N LYS B 470 -21.16 -24.15 8.64
CA LYS B 470 -20.43 -24.35 7.39
C LYS B 470 -21.30 -24.20 6.15
N SER B 471 -22.63 -24.27 6.28
CA SER B 471 -23.49 -24.08 5.13
C SER B 471 -23.43 -22.64 4.63
N VAL B 472 -23.57 -21.68 5.55
CA VAL B 472 -23.52 -20.26 5.18
C VAL B 472 -22.12 -19.89 4.71
N GLN B 473 -21.09 -20.42 5.37
CA GLN B 473 -19.72 -20.16 4.94
C GLN B 473 -19.45 -20.72 3.54
N ASN B 474 -19.97 -21.92 3.27
CA ASN B 474 -19.82 -22.50 1.93
C ASN B 474 -20.56 -21.68 0.89
N ARG B 475 -21.74 -21.17 1.22
CA ARG B 475 -22.47 -20.30 0.29
C ARG B 475 -21.68 -19.02 0.01
N VAL B 476 -21.10 -18.42 1.04
CA VAL B 476 -20.32 -17.20 0.86
C VAL B 476 -19.08 -17.47 0.01
N LYS B 477 -18.38 -18.57 0.29
CA LYS B 477 -17.20 -18.91 -0.50
C LYS B 477 -17.57 -19.20 -1.95
N THR B 478 -18.70 -19.88 -2.17
CA THR B 478 -19.14 -20.16 -3.53
C THR B 478 -19.49 -18.87 -4.27
N TRP B 479 -20.15 -17.93 -3.59
CA TRP B 479 -20.45 -16.64 -4.22
C TRP B 479 -19.17 -15.88 -4.55
N TYR B 480 -18.20 -15.90 -3.64
CA TYR B 480 -16.93 -15.23 -3.89
C TYR B 480 -16.21 -15.83 -5.09
N GLU B 481 -16.16 -17.16 -5.15
CA GLU B 481 -15.49 -17.84 -6.26
C GLU B 481 -16.17 -17.54 -7.58
N TYR B 482 -17.51 -17.63 -7.61
CA TYR B 482 -18.24 -17.37 -8.85
C TYR B 482 -18.08 -15.93 -9.29
N THR B 483 -18.16 -14.98 -8.36
CA THR B 483 -18.01 -13.58 -8.71
C THR B 483 -16.61 -13.28 -9.25
N TRP B 484 -15.58 -13.85 -8.62
CA TRP B 484 -14.22 -13.61 -9.08
C TRP B 484 -13.96 -14.28 -10.42
N HIS B 485 -14.52 -15.46 -10.65
CA HIS B 485 -14.28 -16.16 -11.90
C HIS B 485 -15.08 -15.57 -13.06
N SER B 486 -16.27 -15.04 -12.80
CA SER B 486 -17.09 -14.48 -13.87
C SER B 486 -16.78 -13.00 -14.11
N GLN B 487 -16.97 -12.17 -13.09
CA GLN B 487 -16.77 -10.74 -13.26
C GLN B 487 -15.30 -10.40 -13.42
N GLY B 488 -14.40 -11.17 -12.80
CA GLY B 488 -13.00 -10.82 -12.75
C GLY B 488 -12.66 -9.78 -11.71
N MET B 489 -13.64 -9.35 -10.92
CA MET B 489 -13.47 -8.29 -9.95
C MET B 489 -14.51 -8.48 -8.85
N LEU B 490 -14.26 -7.85 -7.71
CA LEU B 490 -15.15 -8.05 -6.57
C LEU B 490 -16.28 -7.04 -6.50
N ASP B 491 -16.10 -5.85 -7.08
CA ASP B 491 -17.15 -4.84 -7.11
C ASP B 491 -17.18 -4.19 -8.48
N GLU B 492 -18.36 -3.68 -8.83
CA GLU B 492 -18.60 -3.00 -10.09
C GLU B 492 -18.68 -1.50 -9.95
N SER B 493 -19.30 -1.02 -8.86
CA SER B 493 -19.38 0.42 -8.63
C SER B 493 -18.02 1.05 -8.38
N GLU B 494 -17.09 0.29 -7.77
CA GLU B 494 -15.75 0.81 -7.52
C GLU B 494 -15.02 1.11 -8.83
N LEU B 495 -15.19 0.24 -9.83
CA LEU B 495 -14.64 0.53 -11.15
C LEU B 495 -15.43 1.62 -11.85
N MET B 496 -16.75 1.63 -11.66
CA MET B 496 -17.60 2.58 -12.38
C MET B 496 -17.33 4.02 -11.95
N VAL B 497 -17.09 4.26 -10.66
CA VAL B 497 -16.88 5.62 -10.19
C VAL B 497 -15.53 6.18 -10.65
N GLN B 498 -14.57 5.32 -10.97
CA GLN B 498 -13.28 5.81 -11.46
C GLN B 498 -13.38 6.30 -12.90
N LEU B 499 -14.31 5.75 -13.67
CA LEU B 499 -14.48 6.15 -15.05
C LEU B 499 -15.14 7.52 -15.13
N PRO B 500 -14.95 8.24 -16.24
CA PRO B 500 -15.69 9.50 -16.43
C PRO B 500 -17.18 9.25 -16.55
N ASP B 501 -17.94 10.33 -16.32
CA ASP B 501 -19.40 10.24 -16.32
C ASP B 501 -19.94 9.83 -17.68
N LYS B 502 -19.36 10.39 -18.76
CA LYS B 502 -19.81 10.04 -20.10
C LYS B 502 -19.50 8.59 -20.42
N MET B 503 -18.32 8.10 -20.05
CA MET B 503 -17.96 6.70 -20.30
C MET B 503 -18.85 5.76 -19.50
N ARG B 504 -19.12 6.10 -18.24
CA ARG B 504 -20.01 5.29 -17.43
C ARG B 504 -21.42 5.26 -18.00
N LEU B 505 -21.92 6.40 -18.47
CA LEU B 505 -23.24 6.45 -19.08
C LEU B 505 -23.29 5.62 -20.36
N ASP B 506 -22.26 5.74 -21.20
CA ASP B 506 -22.22 4.95 -22.44
C ASP B 506 -22.15 3.46 -22.15
N LEU B 507 -21.38 3.08 -21.13
CA LEU B 507 -21.35 1.68 -20.71
C LEU B 507 -22.71 1.22 -20.22
N ALA B 508 -23.42 2.08 -19.49
CA ALA B 508 -24.77 1.74 -19.06
C ALA B 508 -25.70 1.52 -20.26
N ILE B 509 -25.60 2.39 -21.27
CA ILE B 509 -26.50 2.27 -22.43
C ILE B 509 -26.25 0.96 -23.19
N ASP B 510 -24.99 0.60 -23.37
CA ASP B 510 -24.68 -0.59 -24.17
C ASP B 510 -25.21 -1.85 -23.49
N VAL B 511 -24.97 -2.00 -22.19
CA VAL B 511 -25.28 -3.26 -21.51
C VAL B 511 -26.79 -3.50 -21.44
N ASN B 512 -27.56 -2.54 -20.95
CA ASN B 512 -28.96 -2.82 -20.64
C ASN B 512 -29.98 -1.73 -20.98
N TYR B 513 -29.63 -0.70 -21.75
CA TYR B 513 -30.64 0.27 -22.17
C TYR B 513 -31.71 -0.36 -23.03
N ASN B 514 -31.31 -1.26 -23.93
CA ASN B 514 -32.28 -1.93 -24.79
C ASN B 514 -33.25 -2.76 -23.95
N ILE B 515 -32.73 -3.44 -22.93
CA ILE B 515 -33.58 -4.23 -22.05
C ILE B 515 -34.55 -3.35 -21.27
N VAL B 516 -34.06 -2.21 -20.75
CA VAL B 516 -34.90 -1.30 -19.98
C VAL B 516 -35.95 -0.65 -20.88
N SER B 517 -35.59 -0.37 -22.14
CA SER B 517 -36.49 0.33 -23.04
C SER B 517 -37.72 -0.51 -23.38
N LYS B 518 -37.55 -1.85 -23.45
CA LYS B 518 -38.63 -2.70 -23.92
C LYS B 518 -39.83 -2.71 -22.97
N VAL B 519 -39.57 -2.67 -21.66
CA VAL B 519 -40.65 -2.89 -20.70
C VAL B 519 -41.66 -1.76 -20.75
N ALA B 520 -42.95 -2.12 -20.64
CA ALA B 520 -44.03 -1.19 -20.95
C ALA B 520 -44.13 -0.06 -19.93
N LEU B 521 -43.85 -0.35 -18.66
CA LEU B 521 -43.98 0.67 -17.62
C LEU B 521 -43.01 1.81 -17.85
N PHE B 522 -41.77 1.48 -18.24
CA PHE B 522 -40.74 2.49 -18.44
C PHE B 522 -40.97 3.28 -19.74
N GLN B 523 -41.81 2.77 -20.63
CA GLN B 523 -42.11 3.46 -21.88
C GLN B 523 -42.78 4.80 -21.62
N GLY B 524 -42.50 5.78 -22.48
CA GLY B 524 -43.04 7.11 -22.36
C GLY B 524 -42.20 8.05 -21.53
N CYS B 525 -41.10 7.59 -20.96
CA CYS B 525 -40.27 8.40 -20.09
C CYS B 525 -39.37 9.32 -20.90
N ASP B 526 -38.78 10.29 -20.21
CA ASP B 526 -37.71 11.08 -20.81
C ASP B 526 -36.51 10.19 -21.06
N ARG B 527 -35.72 10.55 -22.08
CA ARG B 527 -34.53 9.78 -22.40
C ARG B 527 -33.50 9.87 -21.27
N GLN B 528 -33.33 11.06 -20.69
CA GLN B 528 -32.43 11.20 -19.55
C GLN B 528 -32.99 10.49 -18.32
N MET B 529 -34.31 10.41 -18.20
CA MET B 529 -34.92 9.57 -17.16
C MET B 529 -34.42 8.13 -17.25
N ILE B 530 -34.43 7.55 -18.44
CA ILE B 530 -33.92 6.19 -18.60
C ILE B 530 -32.42 6.15 -18.37
N PHE B 531 -31.69 7.12 -18.90
CA PHE B 531 -30.23 7.12 -18.79
C PHE B 531 -29.76 7.24 -17.34
N ASP B 532 -30.55 7.89 -16.49
CA ASP B 532 -30.15 8.06 -15.10
C ASP B 532 -30.35 6.79 -14.29
N MET B 533 -31.43 6.04 -14.57
CA MET B 533 -31.71 4.82 -13.79
C MET B 533 -30.70 3.71 -14.07
N LEU B 534 -30.16 3.68 -15.29
CA LEU B 534 -29.15 2.67 -15.64
C LEU B 534 -27.86 2.87 -14.86
N LYS B 535 -27.52 4.10 -14.51
CA LYS B 535 -26.32 4.33 -13.72
C LYS B 535 -26.47 3.88 -12.27
N ARG B 536 -27.70 3.60 -11.84
CA ARG B 536 -27.96 3.20 -10.46
C ARG B 536 -28.41 1.75 -10.33
N LEU B 537 -28.48 1.01 -11.44
CA LEU B 537 -28.73 -0.42 -11.38
C LEU B 537 -27.52 -1.12 -10.77
N ARG B 538 -27.76 -1.98 -9.78
CA ARG B 538 -26.68 -2.68 -9.08
C ARG B 538 -26.71 -4.16 -9.44
N SER B 539 -25.55 -4.70 -9.77
CA SER B 539 -25.43 -6.10 -10.16
C SER B 539 -25.30 -6.98 -8.92
N VAL B 540 -26.21 -7.93 -8.76
CA VAL B 540 -26.22 -8.84 -7.62
C VAL B 540 -26.27 -10.26 -8.17
N VAL B 541 -25.44 -11.14 -7.61
CA VAL B 541 -25.38 -12.55 -8.01
C VAL B 541 -26.15 -13.38 -7.01
N TYR B 542 -27.10 -14.18 -7.50
CA TYR B 542 -27.89 -15.09 -6.69
C TYR B 542 -27.42 -16.51 -6.97
N LEU B 543 -27.22 -17.27 -5.89
CA LEU B 543 -26.78 -18.65 -5.99
C LEU B 543 -27.92 -19.52 -6.51
N PRO B 544 -27.62 -20.70 -7.05
CA PRO B 544 -28.69 -21.62 -7.46
C PRO B 544 -29.56 -22.05 -6.29
N ASN B 545 -30.83 -22.31 -6.60
CA ASN B 545 -31.83 -22.73 -5.61
C ASN B 545 -31.98 -21.70 -4.48
N ASP B 546 -31.92 -20.42 -4.84
CA ASP B 546 -32.08 -19.33 -3.89
C ASP B 546 -33.24 -18.45 -4.34
N TYR B 547 -34.05 -18.03 -3.37
CA TYR B 547 -35.28 -17.29 -3.68
C TYR B 547 -34.95 -15.82 -3.91
N VAL B 548 -35.08 -15.38 -5.16
CA VAL B 548 -34.95 -13.96 -5.47
C VAL B 548 -36.16 -13.20 -4.91
N CYS B 549 -37.35 -13.74 -5.12
CA CYS B 549 -38.59 -13.16 -4.58
C CYS B 549 -39.35 -14.24 -3.84
N LYS B 550 -39.94 -13.86 -2.70
CA LYS B 550 -40.72 -14.77 -1.89
C LYS B 550 -42.16 -14.27 -1.78
N LYS B 551 -43.11 -15.19 -1.88
CA LYS B 551 -44.50 -14.84 -1.66
C LYS B 551 -44.75 -14.61 -0.18
N GLY B 552 -45.55 -13.58 0.13
CA GLY B 552 -45.83 -13.21 1.50
C GLY B 552 -45.03 -12.03 2.00
N GLU B 553 -44.00 -11.60 1.28
CA GLU B 553 -43.25 -10.41 1.61
C GLU B 553 -43.42 -9.39 0.49
N ILE B 554 -43.33 -8.11 0.85
CA ILE B 554 -43.57 -7.06 -0.13
C ILE B 554 -42.38 -6.95 -1.08
N GLY B 555 -42.61 -6.26 -2.18
CA GLY B 555 -41.59 -6.04 -3.19
C GLY B 555 -41.38 -4.56 -3.45
N ARG B 556 -40.13 -4.15 -3.53
CA ARG B 556 -39.77 -2.78 -3.90
C ARG B 556 -38.61 -2.76 -4.88
N GLU B 557 -38.21 -3.90 -5.41
CA GLU B 557 -36.98 -4.04 -6.20
C GLU B 557 -37.33 -4.51 -7.60
N MET B 558 -36.87 -3.76 -8.60
CA MET B 558 -36.98 -4.20 -9.99
C MET B 558 -35.81 -5.10 -10.33
N TYR B 559 -36.09 -6.20 -11.02
CA TYR B 559 -35.08 -7.23 -11.30
C TYR B 559 -34.92 -7.37 -12.80
N ILE B 560 -33.69 -7.18 -13.29
CA ILE B 560 -33.34 -7.34 -14.69
C ILE B 560 -32.31 -8.45 -14.79
N ILE B 561 -32.68 -9.55 -15.43
CA ILE B 561 -31.82 -10.73 -15.50
C ILE B 561 -30.75 -10.46 -16.56
N GLN B 562 -29.54 -10.09 -16.13
CA GLN B 562 -28.44 -9.92 -17.06
C GLN B 562 -27.91 -11.27 -17.53
N ALA B 563 -27.79 -12.23 -16.62
CA ALA B 563 -27.30 -13.54 -16.99
C ALA B 563 -27.96 -14.60 -16.11
N GLY B 564 -28.17 -15.79 -16.66
CA GLY B 564 -28.82 -16.86 -15.95
C GLY B 564 -30.31 -16.90 -16.20
N GLN B 565 -30.96 -17.84 -15.51
CA GLN B 565 -32.41 -18.01 -15.64
C GLN B 565 -33.02 -18.20 -14.25
N VAL B 566 -34.23 -17.68 -14.10
CA VAL B 566 -34.98 -17.82 -12.86
C VAL B 566 -36.29 -18.53 -13.16
N GLN B 567 -36.87 -19.13 -12.12
CA GLN B 567 -38.11 -19.89 -12.24
C GLN B 567 -39.16 -19.26 -11.35
N VAL B 568 -40.35 -19.06 -11.91
CA VAL B 568 -41.48 -18.54 -11.13
C VAL B 568 -42.27 -19.72 -10.60
N LEU B 569 -42.43 -19.78 -9.28
CA LEU B 569 -43.03 -20.93 -8.61
C LEU B 569 -44.52 -20.69 -8.39
N GLY B 570 -45.32 -21.68 -8.75
CA GLY B 570 -46.76 -21.61 -8.58
C GLY B 570 -47.39 -22.95 -8.30
N GLY B 571 -48.73 -22.98 -8.27
CA GLY B 571 -49.44 -24.20 -7.98
C GLY B 571 -49.58 -24.44 -6.49
N PRO B 572 -50.11 -25.61 -6.12
CA PRO B 572 -50.28 -25.93 -4.69
C PRO B 572 -48.93 -26.14 -4.02
N ASP B 573 -48.64 -25.32 -3.00
CA ASP B 573 -47.40 -25.36 -2.23
C ASP B 573 -46.17 -25.18 -3.12
N GLY B 574 -46.31 -24.40 -4.20
CA GLY B 574 -45.21 -24.20 -5.12
C GLY B 574 -44.81 -25.49 -5.83
N LYS B 575 -43.50 -25.72 -5.88
CA LYS B 575 -42.92 -26.95 -6.45
C LYS B 575 -43.30 -27.16 -7.90
N SER B 576 -43.54 -26.07 -8.62
CA SER B 576 -43.88 -26.13 -10.04
C SER B 576 -43.34 -24.86 -10.70
N VAL B 577 -43.02 -24.97 -11.99
CA VAL B 577 -42.41 -23.88 -12.73
C VAL B 577 -43.49 -23.27 -13.63
N LEU B 578 -43.97 -22.08 -13.26
CA LEU B 578 -44.90 -21.36 -14.11
C LEU B 578 -44.21 -20.87 -15.37
N VAL B 579 -43.02 -20.29 -15.22
CA VAL B 579 -42.25 -19.79 -16.36
C VAL B 579 -40.78 -19.79 -15.96
N THR B 580 -39.92 -19.95 -16.95
CA THR B 580 -38.46 -19.91 -16.77
C THR B 580 -37.95 -18.68 -17.51
N LEU B 581 -37.83 -17.58 -16.78
CA LEU B 581 -37.35 -16.33 -17.37
C LEU B 581 -35.86 -16.42 -17.62
N LYS B 582 -35.46 -16.11 -18.86
CA LYS B 582 -34.06 -16.20 -19.26
C LYS B 582 -33.39 -14.84 -19.10
N ALA B 583 -32.18 -14.71 -19.63
CA ALA B 583 -31.47 -13.44 -19.59
C ALA B 583 -32.19 -12.39 -20.43
N GLY B 584 -32.26 -11.17 -19.91
CA GLY B 584 -32.98 -10.10 -20.54
C GLY B 584 -34.42 -9.97 -20.13
N SER B 585 -34.96 -10.94 -19.38
CA SER B 585 -36.33 -10.84 -18.89
C SER B 585 -36.38 -9.97 -17.64
N VAL B 586 -37.40 -9.13 -17.56
CA VAL B 586 -37.56 -8.18 -16.48
C VAL B 586 -38.84 -8.53 -15.72
N PHE B 587 -38.71 -8.72 -14.41
CA PHE B 587 -39.85 -9.00 -13.55
C PHE B 587 -39.76 -8.14 -12.30
N GLY B 588 -40.91 -7.88 -11.70
CA GLY B 588 -40.98 -7.07 -10.51
C GLY B 588 -41.02 -5.57 -10.74
N GLU B 589 -41.28 -5.14 -11.98
CA GLU B 589 -41.32 -3.70 -12.26
C GLU B 589 -42.53 -3.04 -11.60
N ILE B 590 -43.63 -3.78 -11.43
CA ILE B 590 -44.84 -3.22 -10.83
C ILE B 590 -44.59 -2.85 -9.37
N SER B 591 -43.64 -3.52 -8.72
CA SER B 591 -43.30 -3.21 -7.33
C SER B 591 -42.74 -1.80 -7.19
N LEU B 592 -42.13 -1.26 -8.25
CA LEU B 592 -41.57 0.09 -8.19
C LEU B 592 -42.66 1.14 -7.98
N LEU B 593 -43.77 1.02 -8.71
CA LEU B 593 -44.81 2.05 -8.71
C LEU B 593 -45.91 1.66 -7.72
N ALA B 594 -45.68 2.02 -6.46
CA ALA B 594 -46.65 1.76 -5.40
C ALA B 594 -46.43 2.78 -4.29
N VAL B 595 -47.44 2.91 -3.43
CA VAL B 595 -47.36 3.87 -2.32
C VAL B 595 -46.30 3.44 -1.30
N GLY B 596 -45.95 2.16 -1.27
CA GLY B 596 -44.96 1.66 -0.34
C GLY B 596 -45.52 0.68 0.66
N GLY B 597 -45.23 -0.61 0.47
CA GLY B 597 -45.75 -1.65 1.32
C GLY B 597 -47.13 -2.15 0.95
N GLY B 598 -47.77 -1.55 -0.06
CA GLY B 598 -49.09 -1.93 -0.50
C GLY B 598 -49.13 -2.99 -1.57
N ASN B 599 -47.97 -3.51 -1.98
CA ASN B 599 -47.90 -4.55 -2.99
C ASN B 599 -47.16 -5.77 -2.43
N ARG B 600 -47.50 -6.94 -2.96
CA ARG B 600 -46.91 -8.19 -2.53
C ARG B 600 -46.48 -9.01 -3.75
N ARG B 601 -45.46 -9.84 -3.56
CA ARG B 601 -45.03 -10.76 -4.61
C ARG B 601 -46.08 -11.84 -4.79
N THR B 602 -46.64 -11.95 -5.99
CA THR B 602 -47.70 -12.91 -6.25
C THR B 602 -47.18 -14.35 -6.24
N ALA B 603 -45.94 -14.55 -6.68
CA ALA B 603 -45.38 -15.89 -6.78
C ALA B 603 -43.91 -15.87 -6.40
N ASN B 604 -43.41 -17.02 -5.97
CA ASN B 604 -42.00 -17.17 -5.62
C ASN B 604 -41.15 -17.17 -6.88
N VAL B 605 -40.05 -16.42 -6.85
CA VAL B 605 -39.06 -16.42 -7.93
C VAL B 605 -37.77 -16.97 -7.35
N VAL B 606 -37.30 -18.09 -7.89
CA VAL B 606 -36.13 -18.79 -7.38
C VAL B 606 -35.07 -18.83 -8.48
N ALA B 607 -33.83 -18.52 -8.12
CA ALA B 607 -32.73 -18.60 -9.07
C ALA B 607 -32.42 -20.06 -9.37
N HIS B 608 -32.64 -20.46 -10.62
CA HIS B 608 -32.35 -21.85 -11.00
C HIS B 608 -30.85 -22.14 -11.01
N GLY B 609 -30.04 -21.14 -11.37
CA GLY B 609 -28.59 -21.29 -11.31
C GLY B 609 -27.93 -20.05 -10.79
N PHE B 610 -26.62 -19.92 -11.01
CA PHE B 610 -25.90 -18.70 -10.67
C PHE B 610 -26.38 -17.58 -11.58
N THR B 611 -27.18 -16.67 -11.05
CA THR B 611 -27.86 -15.67 -11.87
C THR B 611 -27.38 -14.28 -11.50
N ASN B 612 -26.99 -13.50 -12.50
CA ASN B 612 -26.56 -12.12 -12.30
C ASN B 612 -27.69 -11.20 -12.71
N LEU B 613 -28.25 -10.46 -11.75
CA LEU B 613 -29.38 -9.59 -11.98
C LEU B 613 -29.01 -8.14 -11.69
N PHE B 614 -29.42 -7.25 -12.59
CA PHE B 614 -29.33 -5.82 -12.34
C PHE B 614 -30.59 -5.37 -11.62
N ILE B 615 -30.42 -4.71 -10.48
CA ILE B 615 -31.51 -4.40 -9.56
C ILE B 615 -31.64 -2.89 -9.43
N LEU B 616 -32.86 -2.40 -9.57
CA LEU B 616 -33.23 -1.03 -9.25
C LEU B 616 -34.35 -1.07 -8.22
N ASP B 617 -34.25 -0.27 -7.17
CA ASP B 617 -35.15 -0.37 -6.04
C ASP B 617 -35.80 0.97 -5.73
N LYS B 618 -36.90 0.90 -4.98
CA LYS B 618 -37.64 2.09 -4.57
C LYS B 618 -36.79 2.94 -3.62
N LYS B 619 -37.04 4.26 -3.68
CA LYS B 619 -36.34 5.34 -2.96
C LYS B 619 -34.94 5.56 -3.54
N ASP B 620 -34.56 4.73 -4.51
CA ASP B 620 -33.43 5.03 -5.38
C ASP B 620 -33.89 5.50 -6.76
N LEU B 621 -35.01 4.97 -7.25
CA LEU B 621 -35.70 5.55 -8.39
C LEU B 621 -36.48 6.80 -7.99
N ASN B 622 -36.98 6.85 -6.76
CA ASN B 622 -37.79 7.98 -6.33
C ASN B 622 -36.99 9.27 -6.25
N GLU B 623 -35.70 9.18 -5.92
CA GLU B 623 -34.85 10.36 -5.92
C GLU B 623 -34.46 10.77 -7.33
N ILE B 624 -34.63 9.89 -8.32
CA ILE B 624 -34.50 10.30 -9.72
C ILE B 624 -35.79 10.96 -10.21
N LEU B 625 -36.93 10.60 -9.60
CA LEU B 625 -38.21 11.18 -10.03
C LEU B 625 -38.27 12.68 -9.72
N VAL B 626 -37.69 13.10 -8.59
CA VAL B 626 -37.73 14.51 -8.22
C VAL B 626 -36.86 15.36 -9.13
N HIS B 627 -35.93 14.72 -9.86
CA HIS B 627 -35.15 15.45 -10.85
C HIS B 627 -35.98 15.82 -12.07
N TYR B 628 -36.84 14.92 -12.54
CA TYR B 628 -37.65 15.16 -13.72
C TYR B 628 -39.13 15.15 -13.36
N PRO B 629 -39.79 16.31 -13.26
CA PRO B 629 -41.21 16.33 -12.86
C PRO B 629 -42.16 15.73 -13.89
N GLU B 630 -41.85 15.87 -15.18
CA GLU B 630 -42.70 15.26 -16.20
C GLU B 630 -42.70 13.74 -16.08
N SER B 631 -41.53 13.15 -15.85
CA SER B 631 -41.46 11.73 -15.57
C SER B 631 -42.19 11.38 -14.28
N GLN B 632 -42.10 12.24 -13.27
CA GLN B 632 -42.81 12.00 -12.02
C GLN B 632 -44.32 11.89 -12.24
N LYS B 633 -44.90 12.87 -12.94
CA LYS B 633 -46.34 12.83 -13.16
C LYS B 633 -46.74 11.73 -14.13
N LEU B 634 -45.90 11.40 -15.11
CA LEU B 634 -46.23 10.31 -16.03
C LEU B 634 -46.23 8.97 -15.31
N LEU B 635 -45.23 8.72 -14.47
CA LEU B 635 -45.21 7.48 -13.70
C LEU B 635 -46.33 7.43 -12.67
N ARG B 636 -46.70 8.58 -12.09
CA ARG B 636 -47.83 8.59 -11.16
C ARG B 636 -49.13 8.25 -11.89
N LYS B 637 -49.33 8.82 -13.08
CA LYS B 637 -50.52 8.51 -13.87
C LYS B 637 -50.55 7.03 -14.26
N LYS B 638 -49.41 6.48 -14.68
CA LYS B 638 -49.36 5.06 -15.02
C LYS B 638 -49.62 4.18 -13.79
N ALA B 639 -49.10 4.58 -12.63
CA ALA B 639 -49.32 3.81 -11.41
C ALA B 639 -50.78 3.83 -10.99
N ARG B 640 -51.44 4.99 -11.06
CA ARG B 640 -52.83 5.05 -10.67
C ARG B 640 -53.76 4.44 -11.72
N ARG B 641 -53.31 4.35 -12.97
CA ARG B 641 -54.15 3.73 -14.00
C ARG B 641 -54.27 2.22 -13.80
N MET B 642 -53.16 1.56 -13.43
CA MET B 642 -53.21 0.11 -13.22
C MET B 642 -54.01 -0.24 -11.98
N LEU B 643 -53.89 0.54 -10.91
CA LEU B 643 -54.60 0.27 -9.67
C LEU B 643 -56.06 0.68 -9.77
CA VAL C 26 15.96 42.91 9.18
C VAL C 26 16.22 41.46 9.57
N VAL C 27 15.20 40.79 10.10
CA VAL C 27 15.30 39.41 10.52
C VAL C 27 15.26 38.50 9.30
N ILE C 28 15.65 37.24 9.48
CA ILE C 28 15.68 36.27 8.40
C ILE C 28 14.42 35.42 8.48
N ASP C 29 13.62 35.43 7.42
CA ASP C 29 12.43 34.58 7.39
C ASP C 29 12.80 33.14 7.03
N PRO C 30 12.26 32.15 7.74
CA PRO C 30 12.60 30.75 7.42
C PRO C 30 12.14 30.32 6.05
N SER C 31 11.00 30.82 5.56
CA SER C 31 10.47 30.42 4.27
C SER C 31 11.21 31.05 3.10
N GLY C 32 12.03 32.07 3.33
CA GLY C 32 12.73 32.73 2.26
C GLY C 32 13.86 31.88 1.70
N ASN C 33 14.34 32.29 0.52
CA ASN C 33 15.41 31.55 -0.13
C ASN C 33 16.75 31.78 0.53
N THR C 34 16.92 32.93 1.21
CA THR C 34 18.19 33.18 1.90
C THR C 34 18.37 32.25 3.09
N TYR C 35 17.28 31.84 3.74
CA TYR C 35 17.39 30.86 4.82
C TYR C 35 17.82 29.51 4.26
N TYR C 36 17.29 29.13 3.09
CA TYR C 36 17.75 27.92 2.41
C TYR C 36 19.23 28.01 2.04
N ASN C 37 19.67 29.16 1.54
CA ASN C 37 21.07 29.33 1.19
C ASN C 37 21.97 29.20 2.41
N TRP C 38 21.57 29.79 3.53
CA TRP C 38 22.37 29.62 4.74
C TRP C 38 22.27 28.20 5.29
N LEU C 39 21.15 27.52 5.06
CA LEU C 39 21.06 26.11 5.44
C LEU C 39 22.08 25.28 4.67
N PHE C 40 22.25 25.55 3.39
CA PHE C 40 23.30 24.87 2.62
C PHE C 40 24.69 25.25 3.13
N CYS C 41 24.91 26.53 3.41
CA CYS C 41 26.22 26.99 3.85
C CYS C 41 26.58 26.54 5.27
N ILE C 42 25.60 26.12 6.07
CA ILE C 42 25.88 25.51 7.36
C ILE C 42 25.90 23.98 7.27
N THR C 43 25.21 23.40 6.30
CA THR C 43 25.30 21.96 6.10
C THR C 43 26.67 21.56 5.58
N LEU C 44 27.31 22.42 4.80
CA LEU C 44 28.65 22.09 4.29
C LEU C 44 29.68 21.83 5.39
N PRO C 45 29.81 22.66 6.44
CA PRO C 45 30.72 22.27 7.54
C PRO C 45 30.21 21.08 8.34
N VAL C 46 28.90 20.90 8.46
CA VAL C 46 28.37 19.71 9.13
C VAL C 46 28.65 18.47 8.30
N MET C 47 28.59 18.61 6.97
CA MET C 47 29.07 17.55 6.09
C MET C 47 30.55 17.28 6.34
N TYR C 48 31.35 18.33 6.48
CA TYR C 48 32.77 18.16 6.74
C TYR C 48 33.03 17.55 8.12
N ASN C 49 32.26 17.98 9.13
CA ASN C 49 32.51 17.53 10.49
C ASN C 49 32.03 16.11 10.73
N TRP C 50 30.94 15.69 10.11
CA TRP C 50 30.41 14.36 10.37
C TRP C 50 31.23 13.27 9.68
N THR C 51 32.02 13.60 8.67
CA THR C 51 32.80 12.63 7.93
C THR C 51 34.29 12.70 8.23
N MET C 52 34.89 13.89 8.17
CA MET C 52 36.34 13.99 8.22
C MET C 52 36.90 13.98 9.64
N VAL C 53 36.10 14.37 10.63
CA VAL C 53 36.61 14.41 12.00
C VAL C 53 36.92 13.01 12.51
N ILE C 54 35.98 12.08 12.31
CA ILE C 54 36.23 10.69 12.71
C ILE C 54 37.33 10.06 11.87
N ALA C 55 37.45 10.47 10.61
CA ALA C 55 38.54 9.96 9.77
C ALA C 55 39.90 10.39 10.29
N ARG C 56 40.02 11.66 10.67
CA ARG C 56 41.28 12.13 11.25
C ARG C 56 41.52 11.52 12.62
N ALA C 57 40.46 11.26 13.38
CA ALA C 57 40.61 10.62 14.68
C ALA C 57 41.13 9.19 14.55
N CYS C 58 40.66 8.46 13.53
CA CYS C 58 41.03 7.07 13.37
C CYS C 58 42.25 6.88 12.49
N PHE C 59 42.34 7.60 11.38
CA PHE C 59 43.53 7.56 10.52
C PHE C 59 44.46 8.67 10.97
N ASP C 60 45.49 8.30 11.73
CA ASP C 60 46.40 9.30 12.30
C ASP C 60 47.27 9.95 11.23
N GLU C 61 47.60 9.21 10.16
CA GLU C 61 48.39 9.80 9.08
C GLU C 61 47.59 10.84 8.31
N LEU C 62 46.27 10.69 8.25
CA LEU C 62 45.43 11.70 7.61
C LEU C 62 45.47 13.02 8.38
N GLN C 63 45.45 12.96 9.70
CA GLN C 63 45.52 14.18 10.50
C GLN C 63 46.92 14.78 10.50
N SER C 64 47.94 13.93 10.61
CA SER C 64 49.31 14.43 10.77
C SER C 64 49.84 15.06 9.48
N ASP C 65 49.52 14.46 8.33
CA ASP C 65 50.09 14.96 7.08
C ASP C 65 49.45 16.27 6.64
N TYR C 66 48.13 16.38 6.77
CA TYR C 66 47.39 17.55 6.29
C TYR C 66 46.97 18.45 7.45
N LEU C 67 47.83 18.60 8.45
CA LEU C 67 47.46 19.32 9.67
C LEU C 67 47.12 20.78 9.40
N GLU C 68 47.87 21.43 8.50
CA GLU C 68 47.57 22.82 8.17
C GLU C 68 46.21 22.95 7.50
N TYR C 69 45.92 22.10 6.53
CA TYR C 69 44.63 22.12 5.85
C TYR C 69 43.49 21.82 6.81
N TRP C 70 43.69 20.83 7.69
CA TRP C 70 42.63 20.49 8.64
C TRP C 70 42.41 21.61 9.64
N LEU C 71 43.48 22.27 10.08
CA LEU C 71 43.32 23.40 10.99
C LEU C 71 42.57 24.55 10.33
N ILE C 72 42.91 24.85 9.07
CA ILE C 72 42.22 25.93 8.35
C ILE C 72 40.74 25.58 8.16
N LEU C 73 40.45 24.34 7.78
CA LEU C 73 39.06 23.94 7.57
C LEU C 73 38.27 23.92 8.87
N ASP C 74 38.91 23.50 9.97
CA ASP C 74 38.25 23.50 11.27
C ASP C 74 37.95 24.92 11.74
N TYR C 75 38.89 25.84 11.54
CA TYR C 75 38.65 27.23 11.91
C TYR C 75 37.54 27.85 11.06
N VAL C 76 37.51 27.52 9.76
CA VAL C 76 36.45 27.99 8.88
C VAL C 76 35.10 27.44 9.34
N SER C 77 35.06 26.15 9.70
CA SER C 77 33.83 25.53 10.16
C SER C 77 33.36 26.14 11.47
N ASP C 78 34.30 26.47 12.38
CA ASP C 78 33.92 27.12 13.62
C ASP C 78 33.38 28.52 13.38
N ILE C 79 33.98 29.26 12.44
CA ILE C 79 33.48 30.58 12.08
C ILE C 79 32.07 30.48 11.51
N VAL C 80 31.84 29.51 10.63
CA VAL C 80 30.50 29.30 10.07
C VAL C 80 29.52 28.88 11.14
N TYR C 81 29.98 28.11 12.14
CA TYR C 81 29.12 27.76 13.26
C TYR C 81 28.73 28.99 14.07
N LEU C 82 29.67 29.90 14.30
CA LEU C 82 29.36 31.15 15.00
C LEU C 82 28.36 31.99 14.20
N ILE C 83 28.55 32.08 12.88
CA ILE C 83 27.62 32.83 12.06
C ILE C 83 26.24 32.18 12.05
N ASP C 84 26.19 30.85 12.09
CA ASP C 84 24.91 30.16 12.18
C ASP C 84 24.22 30.41 13.52
N MET C 85 24.99 30.46 14.61
CA MET C 85 24.41 30.81 15.90
C MET C 85 23.87 32.23 15.89
N PHE C 86 24.57 33.15 15.21
CA PHE C 86 24.05 34.50 15.05
C PHE C 86 22.78 34.52 14.21
N VAL C 87 22.73 33.72 13.15
CA VAL C 87 21.58 33.69 12.25
C VAL C 87 20.36 33.12 12.97
N ARG C 88 20.57 32.12 13.83
CA ARG C 88 19.48 31.56 14.61
C ARG C 88 18.82 32.61 15.51
N THR C 89 19.60 33.57 15.99
CA THR C 89 19.01 34.71 16.70
C THR C 89 18.25 35.62 15.74
N ARG C 90 18.69 35.69 14.49
CA ARG C 90 18.02 36.54 13.51
C ARG C 90 16.86 35.85 12.81
N THR C 91 16.73 34.55 13.00
CA THR C 91 15.63 33.81 12.38
C THR C 91 14.34 34.14 13.12
N GLY C 92 13.31 34.53 12.35
CA GLY C 92 12.06 34.98 12.93
C GLY C 92 10.99 33.92 12.86
N TYR C 93 10.51 33.50 14.03
CA TYR C 93 9.42 32.54 14.11
C TYR C 93 8.09 33.27 13.96
N LEU C 94 6.99 32.56 14.14
CA LEU C 94 5.65 33.12 13.98
C LEU C 94 4.91 33.03 15.30
N GLU C 95 4.49 34.18 15.82
CA GLU C 95 3.52 34.25 16.91
C GLU C 95 2.24 34.87 16.37
N GLN C 96 1.12 34.18 16.60
CA GLN C 96 -0.17 34.54 16.01
C GLN C 96 -0.08 34.67 14.49
N GLY C 97 0.71 33.78 13.89
CA GLY C 97 0.89 33.79 12.44
C GLY C 97 1.60 34.99 11.87
N LEU C 98 2.27 35.79 12.70
CA LEU C 98 2.98 36.97 12.26
C LEU C 98 4.46 36.83 12.55
N LEU C 99 5.28 37.28 11.61
CA LEU C 99 6.73 37.17 11.74
C LEU C 99 7.22 38.02 12.92
N VAL C 100 8.08 37.42 13.75
CA VAL C 100 8.59 38.08 14.94
C VAL C 100 9.85 38.85 14.53
N LYS C 101 9.73 40.17 14.39
CA LYS C 101 10.84 41.02 14.01
C LYS C 101 11.52 41.68 15.20
N GLU C 102 11.10 41.36 16.42
CA GLU C 102 11.72 41.95 17.61
C GLU C 102 12.94 41.13 18.00
N GLU C 103 14.08 41.81 18.16
CA GLU C 103 15.34 41.12 18.41
C GLU C 103 15.35 40.43 19.78
N LEU C 104 14.81 41.10 20.80
CA LEU C 104 14.83 40.52 22.14
C LEU C 104 13.95 39.28 22.24
N LYS C 105 12.79 39.30 21.58
CA LYS C 105 11.92 38.13 21.58
C LYS C 105 12.57 36.95 20.87
N LEU C 106 13.27 37.21 19.76
CA LEU C 106 14.00 36.16 19.06
C LEU C 106 15.13 35.61 19.91
N ILE C 107 15.84 36.48 20.62
CA ILE C 107 16.92 36.04 21.51
C ILE C 107 16.37 35.15 22.61
N ASN C 108 15.25 35.55 23.22
CA ASN C 108 14.67 34.77 24.31
C ASN C 108 14.09 33.45 23.79
N LYS C 109 13.52 33.45 22.59
CA LYS C 109 12.96 32.23 22.03
C LYS C 109 14.04 31.23 21.64
N TYR C 110 15.13 31.71 21.02
CA TYR C 110 16.19 30.81 20.60
C TYR C 110 16.90 30.18 21.81
N LYS C 111 17.19 30.98 22.84
CA LYS C 111 17.91 30.47 23.99
C LYS C 111 17.08 29.51 24.83
N SER C 112 15.75 29.58 24.74
CA SER C 112 14.91 28.67 25.50
C SER C 112 14.91 27.26 24.92
N ASN C 113 15.13 27.14 23.61
CA ASN C 113 15.05 25.86 22.94
C ASN C 113 16.27 24.99 23.25
N LEU C 114 16.11 23.69 23.02
CA LEU C 114 17.23 22.75 23.15
C LEU C 114 18.30 22.99 22.10
N GLN C 115 17.92 23.58 20.95
CA GLN C 115 18.88 23.83 19.89
C GLN C 115 19.96 24.80 20.31
N PHE C 116 19.64 25.77 21.18
CA PHE C 116 20.67 26.65 21.71
C PHE C 116 21.66 25.89 22.56
N LYS C 117 21.19 24.95 23.38
CA LYS C 117 22.08 24.12 24.18
C LYS C 117 22.96 23.25 23.28
N LEU C 118 22.39 22.70 22.22
CA LEU C 118 23.18 21.90 21.29
C LEU C 118 24.23 22.74 20.57
N ASP C 119 23.87 23.97 20.19
CA ASP C 119 24.82 24.86 19.54
C ASP C 119 25.94 25.29 20.49
N VAL C 120 25.60 25.51 21.76
CA VAL C 120 26.61 25.84 22.76
C VAL C 120 27.55 24.66 22.96
N LEU C 121 27.01 23.44 23.05
CA LEU C 121 27.83 22.25 23.21
C LEU C 121 28.73 22.03 22.00
N SER C 122 28.22 22.32 20.80
CA SER C 122 29.02 22.17 19.59
C SER C 122 30.19 23.15 19.57
N LEU C 123 29.95 24.38 19.99
CA LEU C 123 30.96 25.43 19.92
C LEU C 123 31.76 25.59 21.20
N ILE C 124 31.69 24.63 22.11
CA ILE C 124 32.55 24.67 23.30
C ILE C 124 34.00 24.53 22.86
N PRO C 125 34.90 25.40 23.29
CA PRO C 125 36.29 25.35 22.79
C PRO C 125 37.05 24.15 23.33
N THR C 126 37.22 23.15 22.49
CA THR C 126 38.03 21.98 22.81
C THR C 126 39.32 21.93 21.99
N ASP C 127 39.56 22.93 21.15
CA ASP C 127 40.85 23.02 20.48
C ASP C 127 41.99 23.31 21.47
N LEU C 128 41.66 23.91 22.61
CA LEU C 128 42.65 24.09 23.67
C LEU C 128 43.13 22.77 24.23
N LEU C 129 42.33 21.70 24.12
CA LEU C 129 42.78 20.36 24.47
C LEU C 129 43.81 19.82 23.51
N TYR C 130 43.99 20.45 22.34
CA TYR C 130 45.06 20.03 21.44
C TYR C 130 46.43 20.27 22.05
N PHE C 131 46.58 21.30 22.87
CA PHE C 131 47.85 21.53 23.55
C PHE C 131 48.13 20.43 24.57
N LYS C 132 47.11 20.02 25.32
CA LYS C 132 47.29 18.98 26.33
C LYS C 132 47.42 17.59 25.70
N LEU C 133 46.57 17.28 24.71
CA LEU C 133 46.50 15.94 24.13
C LEU C 133 47.31 15.79 22.85
N GLY C 134 48.04 16.81 22.41
CA GLY C 134 48.81 16.73 21.20
C GLY C 134 47.95 16.98 19.96
N TRP C 135 48.61 16.94 18.81
CA TRP C 135 47.96 17.15 17.52
C TRP C 135 47.37 15.87 16.95
N ASN C 136 47.53 14.74 17.63
CA ASN C 136 47.06 13.45 17.13
C ASN C 136 45.76 13.00 17.77
N TYR C 137 44.98 13.94 18.32
CA TYR C 137 43.70 13.63 18.95
C TYR C 137 42.62 14.54 18.37
N PRO C 138 42.14 14.24 17.16
CA PRO C 138 41.11 15.07 16.54
C PRO C 138 39.69 14.76 17.00
N GLU C 139 39.50 13.73 17.83
CA GLU C 139 38.17 13.36 18.28
C GLU C 139 37.66 14.25 19.41
N ILE C 140 38.45 15.25 19.83
CA ILE C 140 37.95 16.25 20.78
C ILE C 140 36.93 17.18 20.15
N ARG C 141 36.82 17.19 18.82
CA ARG C 141 35.87 18.01 18.09
C ARG C 141 34.58 17.26 17.77
N LEU C 142 34.35 16.11 18.40
CA LEU C 142 33.13 15.35 18.17
C LEU C 142 31.89 16.03 18.72
N ASN C 143 32.04 17.03 19.59
CA ASN C 143 30.88 17.81 20.03
C ASN C 143 30.29 18.64 18.90
N ARG C 144 31.10 18.98 17.90
CA ARG C 144 30.62 19.72 16.74
C ARG C 144 29.67 18.91 15.87
N LEU C 145 29.58 17.59 16.10
CA LEU C 145 28.60 16.76 15.41
C LEU C 145 27.17 17.02 15.89
N LEU C 146 26.99 17.80 16.95
CA LEU C 146 25.67 18.05 17.52
C LEU C 146 24.86 19.07 16.74
N ARG C 147 25.43 19.66 15.69
CA ARG C 147 24.68 20.53 14.78
C ARG C 147 24.06 19.75 13.62
N PHE C 148 23.77 18.46 13.83
CA PHE C 148 23.10 17.65 12.81
C PHE C 148 21.69 18.15 12.51
N SER C 149 21.08 18.91 13.44
CA SER C 149 19.73 19.39 13.25
C SER C 149 19.65 20.34 12.05
N ARG C 150 20.65 21.21 11.89
CA ARG C 150 20.69 22.09 10.72
C ARG C 150 20.83 21.29 9.44
N MET C 151 21.65 20.22 9.48
CA MET C 151 21.82 19.34 8.34
C MET C 151 20.50 18.70 7.92
N PHE C 152 19.79 18.10 8.88
CA PHE C 152 18.53 17.43 8.57
C PHE C 152 17.46 18.43 8.17
N GLU C 153 17.46 19.62 8.76
CA GLU C 153 16.51 20.65 8.37
C GLU C 153 16.75 21.11 6.94
N PHE C 154 18.01 21.26 6.55
CA PHE C 154 18.32 21.60 5.16
C PHE C 154 17.91 20.48 4.21
N PHE C 155 18.13 19.23 4.61
CA PHE C 155 17.81 18.12 3.71
C PHE C 155 16.31 17.91 3.57
N GLN C 156 15.53 18.18 4.62
CA GLN C 156 14.08 18.09 4.46
C GLN C 156 13.51 19.32 3.75
N ARG C 157 14.18 20.46 3.87
CA ARG C 157 13.76 21.64 3.11
C ARG C 157 14.08 21.47 1.63
N THR C 158 15.18 20.80 1.31
CA THR C 158 15.52 20.53 -0.08
C THR C 158 14.50 19.61 -0.74
N GLU C 159 14.05 18.57 -0.01
CA GLU C 159 13.15 17.59 -0.59
C GLU C 159 11.81 18.20 -0.99
N THR C 160 11.35 19.19 -0.22
CA THR C 160 10.07 19.82 -0.54
C THR C 160 10.18 20.70 -1.79
N ARG C 161 11.27 21.47 -1.91
CA ARG C 161 11.38 22.49 -2.94
C ARG C 161 12.02 22.02 -4.23
N THR C 162 12.66 20.85 -4.25
CA THR C 162 13.33 20.40 -5.45
C THR C 162 12.33 19.95 -6.51
N ASN C 163 12.71 20.14 -7.77
CA ASN C 163 11.88 19.69 -8.89
C ASN C 163 12.07 18.21 -9.19
N TYR C 164 13.10 17.57 -8.63
CA TYR C 164 13.38 16.15 -8.81
C TYR C 164 13.48 15.53 -7.43
N PRO C 165 12.34 15.20 -6.81
CA PRO C 165 12.39 14.75 -5.42
C PRO C 165 12.92 13.34 -5.26
N ASN C 166 12.66 12.46 -6.22
CA ASN C 166 13.14 11.08 -6.10
C ASN C 166 14.64 10.99 -6.39
N ILE C 167 15.15 11.84 -7.30
CA ILE C 167 16.60 11.91 -7.51
C ILE C 167 17.28 12.39 -6.24
N PHE C 168 16.72 13.41 -5.59
CA PHE C 168 17.30 13.89 -4.34
C PHE C 168 17.17 12.85 -3.23
N ARG C 169 16.09 12.07 -3.22
CA ARG C 169 15.96 11.00 -2.23
C ARG C 169 17.01 9.92 -2.45
N ILE C 170 17.27 9.58 -3.71
CA ILE C 170 18.35 8.65 -4.04
C ILE C 170 19.69 9.18 -3.56
N SER C 171 19.96 10.46 -3.83
CA SER C 171 21.21 11.07 -3.41
C SER C 171 21.33 11.09 -1.88
N ASN C 172 20.23 11.40 -1.20
CA ASN C 172 20.22 11.44 0.26
C ASN C 172 20.50 10.07 0.85
N LEU C 173 19.83 9.04 0.34
CA LEU C 173 20.05 7.68 0.83
C LEU C 173 21.47 7.22 0.55
N VAL C 174 21.98 7.49 -0.66
CA VAL C 174 23.33 7.09 -1.02
C VAL C 174 24.35 7.78 -0.12
N MET C 175 24.16 9.07 0.15
CA MET C 175 25.09 9.80 0.99
C MET C 175 25.03 9.29 2.43
N TYR C 176 23.84 8.96 2.92
CA TYR C 176 23.72 8.37 4.26
C TYR C 176 24.46 7.04 4.34
N ILE C 177 24.32 6.19 3.31
CA ILE C 177 25.02 4.92 3.30
C ILE C 177 26.54 5.14 3.24
N VAL C 178 26.98 6.13 2.46
CA VAL C 178 28.41 6.44 2.39
C VAL C 178 28.92 6.89 3.76
N ILE C 179 28.15 7.74 4.45
CA ILE C 179 28.56 8.21 5.77
C ILE C 179 28.65 7.06 6.76
N ILE C 180 27.66 6.16 6.75
CA ILE C 180 27.66 5.05 7.69
C ILE C 180 28.80 4.08 7.37
N ILE C 181 29.04 3.82 6.09
CA ILE C 181 30.14 2.94 5.68
C ILE C 181 31.47 3.55 6.07
N HIS C 182 31.62 4.87 5.90
CA HIS C 182 32.84 5.56 6.29
C HIS C 182 33.06 5.50 7.79
N TRP C 183 31.99 5.68 8.57
CA TRP C 183 32.10 5.58 10.03
C TRP C 183 32.48 4.17 10.46
N ASN C 184 31.89 3.16 9.82
CA ASN C 184 32.24 1.78 10.16
C ASN C 184 33.67 1.45 9.73
N ALA C 185 34.14 2.03 8.63
CA ALA C 185 35.53 1.87 8.22
C ALA C 185 36.47 2.48 9.25
N CYS C 186 36.13 3.67 9.75
CA CYS C 186 36.92 4.30 10.79
C CYS C 186 36.92 3.46 12.06
N VAL C 187 35.77 2.89 12.41
CA VAL C 187 35.67 2.02 13.58
C VAL C 187 36.55 0.78 13.41
N PHE C 188 36.51 0.17 12.22
CA PHE C 188 37.34 -1.01 11.96
C PHE C 188 38.83 -0.68 12.03
N TYR C 189 39.22 0.48 11.49
CA TYR C 189 40.62 0.88 11.56
C TYR C 189 41.04 1.17 12.99
N SER C 190 40.16 1.78 13.78
CA SER C 190 40.47 2.01 15.19
C SER C 190 40.61 0.71 15.96
N ILE C 191 39.76 -0.26 15.65
CA ILE C 191 39.84 -1.57 16.29
C ILE C 191 41.15 -2.27 15.92
N SER C 192 41.53 -2.20 14.64
CA SER C 192 42.80 -2.78 14.22
C SER C 192 43.98 -2.08 14.88
N LYS C 193 43.90 -0.76 15.04
CA LYS C 193 44.95 -0.01 15.71
C LYS C 193 45.06 -0.40 17.18
N ALA C 194 43.93 -0.55 17.87
CA ALA C 194 43.96 -0.95 19.26
C ALA C 194 44.48 -2.37 19.44
N ILE C 195 44.04 -3.29 18.58
CA ILE C 195 44.55 -4.65 18.63
C ILE C 195 46.00 -4.70 18.17
N GLY C 196 46.33 -3.95 17.12
CA GLY C 196 47.68 -3.92 16.59
C GLY C 196 47.65 -4.39 15.14
N PHE C 197 48.29 -3.59 14.28
CA PHE C 197 48.31 -3.91 12.86
C PHE C 197 49.22 -5.10 12.60
N GLY C 198 48.71 -6.10 11.88
CA GLY C 198 49.49 -7.25 11.51
C GLY C 198 49.55 -8.36 12.53
N ASN C 199 48.98 -8.16 13.72
CA ASN C 199 48.97 -9.22 14.72
C ASN C 199 48.06 -10.38 14.30
N ASP C 200 46.95 -10.07 13.64
CA ASP C 200 46.02 -11.08 13.19
C ASP C 200 45.72 -10.87 11.72
N THR C 201 45.24 -11.92 11.07
CA THR C 201 44.86 -11.83 9.67
C THR C 201 43.60 -11.00 9.47
N TRP C 202 42.75 -10.89 10.50
CA TRP C 202 41.51 -10.14 10.36
C TRP C 202 41.74 -8.64 10.38
N VAL C 203 42.66 -8.17 11.23
CA VAL C 203 42.91 -6.74 11.39
C VAL C 203 43.60 -6.21 10.15
N TYR C 204 43.68 -4.88 10.04
CA TYR C 204 44.44 -4.27 8.96
C TYR C 204 45.91 -4.68 9.07
N PRO C 205 46.57 -4.99 7.94
CA PRO C 205 47.96 -5.49 8.02
C PRO C 205 48.94 -4.48 8.55
N ASP C 206 50.21 -4.90 8.69
CA ASP C 206 51.22 -4.06 9.32
C ASP C 206 51.46 -2.79 8.52
N ILE C 207 51.45 -1.65 9.22
CA ILE C 207 51.63 -0.36 8.57
C ILE C 207 53.07 -0.09 8.16
N ASN C 208 54.03 -0.89 8.66
CA ASN C 208 55.42 -0.72 8.27
C ASN C 208 55.66 -1.21 6.84
N ASP C 209 54.80 -2.06 6.31
CA ASP C 209 54.90 -2.48 4.92
C ASP C 209 54.50 -1.30 4.04
N PRO C 210 55.37 -0.83 3.14
CA PRO C 210 55.04 0.39 2.38
C PRO C 210 53.80 0.28 1.50
N GLU C 211 53.41 -0.93 1.08
CA GLU C 211 52.19 -1.06 0.30
C GLU C 211 50.97 -0.86 1.19
N PHE C 212 50.98 -1.46 2.39
CA PHE C 212 49.88 -1.28 3.33
C PHE C 212 49.99 0.03 4.12
N GLY C 213 51.16 0.67 4.12
CA GLY C 213 51.35 1.89 4.87
C GLY C 213 50.85 3.15 4.21
N ARG C 214 50.43 3.07 2.96
CA ARG C 214 49.91 4.24 2.26
C ARG C 214 48.58 4.66 2.85
N LEU C 215 48.41 5.97 3.08
CA LEU C 215 47.19 6.47 3.70
C LEU C 215 45.97 6.22 2.82
N ALA C 216 46.11 6.43 1.51
CA ALA C 216 45.04 6.11 0.58
C ALA C 216 44.71 4.62 0.62
N ARG C 217 45.75 3.78 0.69
CA ARG C 217 45.51 2.34 0.80
C ARG C 217 44.79 2.00 2.10
N LYS C 218 45.20 2.62 3.21
CA LYS C 218 44.55 2.36 4.50
C LYS C 218 43.07 2.73 4.44
N TYR C 219 42.76 3.95 3.99
CA TYR C 219 41.38 4.39 3.96
C TYR C 219 40.55 3.58 2.98
N VAL C 220 41.11 3.27 1.81
CA VAL C 220 40.35 2.55 0.78
C VAL C 220 40.09 1.12 1.21
N TYR C 221 41.08 0.44 1.81
CA TYR C 221 40.82 -0.92 2.27
C TYR C 221 39.88 -0.95 3.47
N SER C 222 39.97 0.04 4.36
CA SER C 222 39.00 0.11 5.46
C SER C 222 37.60 0.32 4.93
N LEU C 223 37.45 1.20 3.93
CA LEU C 223 36.14 1.44 3.33
C LEU C 223 35.65 0.20 2.59
N TYR C 224 36.57 -0.55 1.97
CA TYR C 224 36.19 -1.78 1.29
C TYR C 224 35.72 -2.85 2.27
N TRP C 225 36.43 -2.99 3.40
CA TRP C 225 35.99 -3.89 4.46
C TRP C 225 34.64 -3.50 5.01
N SER C 226 34.43 -2.20 5.24
CA SER C 226 33.16 -1.72 5.76
C SER C 226 32.04 -1.92 4.76
N THR C 227 32.31 -1.72 3.47
CA THR C 227 31.30 -1.95 2.45
C THR C 227 30.94 -3.42 2.35
N LEU C 228 31.94 -4.31 2.43
CA LEU C 228 31.67 -5.74 2.40
C LEU C 228 30.84 -6.18 3.60
N THR C 229 31.17 -5.67 4.79
CA THR C 229 30.47 -6.10 5.99
C THR C 229 29.07 -5.50 6.08
N LEU C 230 28.93 -4.20 5.77
CA LEU C 230 27.66 -3.52 5.92
C LEU C 230 26.67 -3.82 4.80
N THR C 231 27.14 -4.30 3.65
CA THR C 231 26.27 -4.68 2.57
C THR C 231 26.17 -6.20 2.39
N THR C 232 26.61 -6.96 3.40
CA THR C 232 26.39 -8.41 3.51
C THR C 232 26.99 -9.17 2.31
N ILE C 233 28.32 -9.14 2.24
CA ILE C 233 29.01 -9.80 1.14
C ILE C 233 30.01 -10.80 1.72
N GLY C 234 30.41 -10.58 2.97
CA GLY C 234 31.53 -11.33 3.51
C GLY C 234 32.81 -10.93 2.81
N GLU C 235 33.52 -11.92 2.28
CA GLU C 235 34.77 -11.70 1.52
C GLU C 235 35.81 -10.95 2.35
N THR C 236 35.88 -11.29 3.62
CA THR C 236 36.83 -10.72 4.56
C THR C 236 37.52 -11.86 5.29
N PRO C 237 38.75 -11.66 5.74
CA PRO C 237 39.42 -12.70 6.53
C PRO C 237 38.66 -12.98 7.82
N PRO C 238 38.52 -14.24 8.20
CA PRO C 238 37.73 -14.59 9.39
C PRO C 238 38.37 -14.03 10.65
N PRO C 239 37.55 -13.67 11.65
CA PRO C 239 38.11 -13.14 12.89
C PRO C 239 38.92 -14.20 13.63
N VAL C 240 39.92 -13.74 14.37
CA VAL C 240 40.77 -14.62 15.17
C VAL C 240 40.44 -14.51 16.65
N ARG C 241 40.36 -13.29 17.17
CA ARG C 241 40.10 -13.08 18.58
C ARG C 241 38.60 -13.05 18.86
N ASP C 242 38.25 -13.23 20.14
CA ASP C 242 36.85 -13.22 20.55
C ASP C 242 36.22 -11.85 20.35
N SER C 243 36.96 -10.78 20.68
CA SER C 243 36.45 -9.43 20.48
C SER C 243 36.23 -9.14 19.00
N GLU C 244 37.13 -9.65 18.15
CA GLU C 244 36.93 -9.53 16.70
C GLU C 244 35.66 -10.24 16.26
N TYR C 245 35.42 -11.43 16.80
CA TYR C 245 34.20 -12.17 16.48
C TYR C 245 32.96 -11.40 16.90
N VAL C 246 32.98 -10.82 18.11
CA VAL C 246 31.84 -10.04 18.60
C VAL C 246 31.58 -8.83 17.71
N PHE C 247 32.65 -8.11 17.37
CA PHE C 247 32.50 -6.92 16.52
C PHE C 247 32.01 -7.29 15.13
N VAL C 248 32.48 -8.41 14.58
CA VAL C 248 32.05 -8.83 13.25
C VAL C 248 30.59 -9.25 13.28
N VAL C 249 30.15 -9.94 14.33
CA VAL C 249 28.74 -10.33 14.42
C VAL C 249 27.85 -9.09 14.52
N VAL C 250 28.23 -8.14 15.39
CA VAL C 250 27.43 -6.93 15.55
C VAL C 250 27.42 -6.11 14.28
N ASP C 251 28.57 -5.99 13.61
CA ASP C 251 28.66 -5.23 12.38
C ASP C 251 27.85 -5.89 11.26
N PHE C 252 27.87 -7.22 11.19
CA PHE C 252 27.05 -7.92 10.21
C PHE C 252 25.57 -7.72 10.47
N LEU C 253 25.15 -7.75 11.73
CA LEU C 253 23.74 -7.51 12.04
C LEU C 253 23.33 -6.08 11.67
N ILE C 254 24.18 -5.11 12.00
CA ILE C 254 23.91 -3.73 11.62
C ILE C 254 23.85 -3.59 10.10
N GLY C 255 24.75 -4.29 9.40
CA GLY C 255 24.75 -4.23 7.95
C GLY C 255 23.52 -4.88 7.33
N VAL C 256 23.02 -5.96 7.94
CA VAL C 256 21.78 -6.56 7.48
C VAL C 256 20.63 -5.58 7.64
N LEU C 257 20.57 -4.88 8.78
CA LEU C 257 19.53 -3.87 8.98
C LEU C 257 19.66 -2.73 7.96
N ILE C 258 20.90 -2.33 7.67
CA ILE C 258 21.14 -1.24 6.72
C ILE C 258 20.73 -1.65 5.31
N PHE C 259 21.09 -2.86 4.90
CA PHE C 259 20.71 -3.36 3.57
C PHE C 259 19.19 -3.50 3.46
N ALA C 260 18.54 -3.95 4.54
CA ALA C 260 17.09 -4.00 4.56
C ALA C 260 16.48 -2.62 4.41
N THR C 261 17.06 -1.61 5.09
CA THR C 261 16.58 -0.24 4.95
C THR C 261 16.76 0.26 3.52
N ILE C 262 17.89 -0.08 2.89
CA ILE C 262 18.14 0.30 1.50
C ILE C 262 17.08 -0.32 0.59
N VAL C 263 16.81 -1.62 0.77
CA VAL C 263 15.85 -2.33 -0.07
C VAL C 263 14.45 -1.76 0.13
N GLY C 264 14.09 -1.47 1.38
CA GLY C 264 12.78 -0.89 1.65
C GLY C 264 12.61 0.49 1.06
N ASN C 265 13.64 1.33 1.17
CA ASN C 265 13.58 2.67 0.57
C ASN C 265 13.48 2.59 -0.95
N ILE C 266 14.27 1.70 -1.56
CA ILE C 266 14.24 1.56 -3.01
C ILE C 266 12.88 1.05 -3.48
N GLY C 267 12.33 0.06 -2.78
CA GLY C 267 11.01 -0.45 -3.15
C GLY C 267 9.91 0.58 -2.96
N SER C 268 9.97 1.35 -1.88
CA SER C 268 9.00 2.41 -1.66
C SER C 268 9.09 3.47 -2.75
N MET C 269 10.31 3.85 -3.11
CA MET C 269 10.50 4.86 -4.14
C MET C 269 9.96 4.33 -5.46
N ILE C 270 10.26 3.07 -5.76
CA ILE C 270 9.80 2.45 -6.99
C ILE C 270 8.27 2.39 -7.02
N SER C 271 7.67 2.04 -5.89
CA SER C 271 6.23 1.96 -5.81
C SER C 271 5.60 3.34 -6.03
N ASN C 272 6.22 4.36 -5.45
CA ASN C 272 5.73 5.72 -5.59
C ASN C 272 5.77 6.20 -7.03
N MET C 273 6.85 5.88 -7.74
CA MET C 273 7.00 6.28 -9.12
C MET C 273 5.93 5.58 -9.97
N ASN C 274 5.72 4.30 -9.70
CA ASN C 274 4.70 3.55 -10.42
C ASN C 274 3.34 3.60 -9.72
N ALA C 275 3.12 4.61 -8.87
CA ALA C 275 1.83 4.71 -8.18
C ALA C 275 0.71 5.03 -9.15
N ALA C 276 0.90 6.05 -9.99
CA ALA C 276 -0.14 6.44 -10.94
C ALA C 276 -0.23 5.47 -12.12
N ARG C 277 0.93 5.03 -12.63
CA ARG C 277 0.92 4.22 -13.85
C ARG C 277 0.35 2.83 -13.60
N ALA C 278 0.74 2.19 -12.49
CA ALA C 278 0.19 0.87 -12.20
C ALA C 278 -1.29 0.94 -11.85
N GLU C 279 -1.72 2.01 -11.18
CA GLU C 279 -3.14 2.19 -10.91
C GLU C 279 -3.93 2.38 -12.21
N PHE C 280 -3.39 3.16 -13.14
CA PHE C 280 -4.05 3.34 -14.43
C PHE C 280 -4.11 2.02 -15.20
N GLN C 281 -3.02 1.25 -15.17
CA GLN C 281 -3.01 -0.04 -15.87
C GLN C 281 -3.96 -1.03 -15.22
N ALA C 282 -4.09 -0.99 -13.89
CA ALA C 282 -5.09 -1.81 -13.21
C ALA C 282 -6.50 -1.40 -13.60
N ARG C 283 -6.74 -0.10 -13.76
CA ARG C 283 -8.03 0.37 -14.24
C ARG C 283 -8.29 -0.11 -15.66
N ILE C 284 -7.26 -0.11 -16.50
CA ILE C 284 -7.39 -0.63 -17.87
C ILE C 284 -7.77 -2.11 -17.84
N ASP C 285 -7.07 -2.89 -17.03
CA ASP C 285 -7.35 -4.32 -16.94
C ASP C 285 -8.76 -4.56 -16.41
N ALA C 286 -9.18 -3.77 -15.41
CA ALA C 286 -10.51 -3.92 -14.84
C ALA C 286 -11.59 -3.58 -15.86
N ILE C 287 -11.42 -2.48 -16.61
CA ILE C 287 -12.45 -2.12 -17.57
C ILE C 287 -12.49 -3.11 -18.73
N LYS C 288 -11.33 -3.65 -19.13
CA LYS C 288 -11.32 -4.68 -20.16
C LYS C 288 -12.02 -5.96 -19.68
N GLN C 289 -11.77 -6.37 -18.44
CA GLN C 289 -12.44 -7.55 -17.90
C GLN C 289 -13.94 -7.32 -17.75
N TYR C 290 -14.33 -6.10 -17.36
CA TYR C 290 -15.75 -5.76 -17.26
C TYR C 290 -16.43 -5.83 -18.62
N MET C 291 -15.75 -5.35 -19.66
CA MET C 291 -16.33 -5.40 -21.01
C MET C 291 -16.38 -6.81 -21.54
N HIS C 292 -15.38 -7.64 -21.25
CA HIS C 292 -15.41 -9.03 -21.67
C HIS C 292 -16.53 -9.79 -20.96
N PHE C 293 -16.77 -9.47 -19.68
CA PHE C 293 -17.80 -10.17 -18.93
C PHE C 293 -19.20 -9.74 -19.34
N ARG C 294 -19.39 -8.45 -19.62
CA ARG C 294 -20.73 -7.90 -19.86
C ARG C 294 -21.17 -7.96 -21.31
N ASN C 295 -20.37 -8.55 -22.19
CA ASN C 295 -20.66 -8.63 -23.64
C ASN C 295 -20.89 -7.24 -24.22
N VAL C 296 -20.06 -6.29 -23.81
CA VAL C 296 -20.09 -4.94 -24.37
C VAL C 296 -19.71 -4.98 -25.84
N SER C 297 -20.38 -4.16 -26.64
CA SER C 297 -20.18 -4.17 -28.08
C SER C 297 -18.76 -3.76 -28.44
N LYS C 298 -18.26 -4.33 -29.54
CA LYS C 298 -16.86 -4.14 -29.93
C LYS C 298 -16.56 -2.69 -30.31
N ASP C 299 -17.55 -1.98 -30.88
CA ASP C 299 -17.33 -0.58 -31.24
C ASP C 299 -17.10 0.28 -30.00
N MET C 300 -17.95 0.11 -28.98
CA MET C 300 -17.79 0.87 -27.75
C MET C 300 -16.51 0.48 -27.02
N GLU C 301 -16.18 -0.82 -27.04
CA GLU C 301 -14.93 -1.28 -26.44
C GLU C 301 -13.73 -0.63 -27.10
N LYS C 302 -13.70 -0.61 -28.43
CA LYS C 302 -12.61 0.02 -29.17
C LYS C 302 -12.55 1.51 -28.88
N ARG C 303 -13.70 2.17 -28.83
CA ARG C 303 -13.72 3.60 -28.54
C ARG C 303 -13.19 3.90 -27.15
N VAL C 304 -13.52 3.05 -26.17
CA VAL C 304 -13.06 3.28 -24.81
C VAL C 304 -11.56 3.03 -24.68
N ILE C 305 -11.04 1.99 -25.35
CA ILE C 305 -9.59 1.77 -25.33
C ILE C 305 -8.85 2.93 -26.00
N LYS C 306 -9.38 3.42 -27.12
CA LYS C 306 -8.77 4.59 -27.76
C LYS C 306 -8.85 5.82 -26.86
N TRP C 307 -9.97 5.97 -26.15
CA TRP C 307 -10.14 7.08 -25.21
C TRP C 307 -9.10 7.03 -24.10
N PHE C 308 -8.88 5.85 -23.54
CA PHE C 308 -7.90 5.70 -22.47
C PHE C 308 -6.48 5.89 -22.99
N ASP C 309 -6.20 5.43 -24.21
CA ASP C 309 -4.90 5.68 -24.82
C ASP C 309 -4.66 7.16 -25.03
N TYR C 310 -5.69 7.90 -25.46
CA TYR C 310 -5.57 9.34 -25.61
C TYR C 310 -5.36 10.01 -24.26
N LEU C 311 -6.07 9.56 -23.23
CA LEU C 311 -5.92 10.16 -21.90
C LEU C 311 -4.53 9.91 -21.33
N TRP C 312 -3.98 8.72 -21.55
CA TRP C 312 -2.66 8.42 -21.01
C TRP C 312 -1.56 9.13 -21.81
N THR C 313 -1.68 9.15 -23.15
CA THR C 313 -0.64 9.76 -23.97
C THR C 313 -0.61 11.28 -23.80
N ASN C 314 -1.78 11.90 -23.61
CA ASN C 314 -1.86 13.34 -23.41
C ASN C 314 -1.74 13.74 -21.94
N LYS C 315 -1.52 12.77 -21.04
CA LYS C 315 -1.34 13.00 -19.61
C LYS C 315 -2.53 13.73 -19.00
N LYS C 316 -3.73 13.39 -19.47
CA LYS C 316 -4.96 13.94 -18.94
C LYS C 316 -5.65 13.01 -17.94
N THR C 317 -4.99 11.90 -17.58
CA THR C 317 -5.60 10.94 -16.67
C THR C 317 -5.61 11.42 -15.22
N VAL C 318 -4.74 12.38 -14.88
CA VAL C 318 -4.71 12.90 -13.53
C VAL C 318 -5.87 13.87 -13.33
N ASP C 319 -6.40 13.92 -12.12
CA ASP C 319 -7.51 14.81 -11.78
C ASP C 319 -7.03 15.93 -10.87
N GLU C 320 -7.56 17.13 -11.09
CA GLU C 320 -7.17 18.30 -10.33
C GLU C 320 -7.79 18.33 -8.94
N LYS C 321 -8.88 17.60 -8.72
CA LYS C 321 -9.56 17.68 -7.42
C LYS C 321 -8.76 16.98 -6.33
N GLU C 322 -8.26 15.76 -6.62
CA GLU C 322 -7.58 14.99 -5.59
C GLU C 322 -6.18 15.52 -5.31
N VAL C 323 -5.47 15.98 -6.34
CA VAL C 323 -4.11 16.45 -6.16
C VAL C 323 -4.08 17.77 -5.41
N LEU C 324 -4.96 18.70 -5.77
CA LEU C 324 -4.90 20.08 -5.28
C LEU C 324 -5.82 20.35 -4.09
N LYS C 325 -6.45 19.31 -3.52
CA LYS C 325 -7.38 19.55 -2.42
C LYS C 325 -6.67 19.99 -1.13
N TYR C 326 -5.37 19.74 -1.01
CA TYR C 326 -4.62 20.16 0.16
C TYR C 326 -4.24 21.63 0.14
N LEU C 327 -4.33 22.28 -1.02
CA LEU C 327 -4.00 23.68 -1.16
C LEU C 327 -5.12 24.56 -0.61
N PRO C 328 -4.81 25.81 -0.25
CA PRO C 328 -5.87 26.75 0.13
C PRO C 328 -6.77 27.07 -1.07
N ASP C 329 -7.99 27.49 -0.75
CA ASP C 329 -8.98 27.75 -1.79
C ASP C 329 -8.53 28.87 -2.73
N LYS C 330 -7.97 29.96 -2.18
CA LYS C 330 -7.46 31.04 -3.01
C LYS C 330 -6.27 30.58 -3.85
N LEU C 331 -5.36 29.82 -3.22
CA LEU C 331 -4.18 29.34 -3.94
C LEU C 331 -4.57 28.36 -5.05
N ARG C 332 -5.50 27.44 -4.75
CA ARG C 332 -5.97 26.50 -5.76
C ARG C 332 -6.70 27.23 -6.88
N ALA C 333 -7.50 28.26 -6.52
CA ALA C 333 -8.21 29.03 -7.53
C ALA C 333 -7.26 29.77 -8.46
N GLU C 334 -6.22 30.40 -7.92
CA GLU C 334 -5.29 31.11 -8.79
C GLU C 334 -4.40 30.15 -9.57
N ILE C 335 -4.14 28.96 -9.03
CA ILE C 335 -3.46 27.94 -9.82
C ILE C 335 -4.31 27.51 -11.00
N ALA C 336 -5.60 27.29 -10.77
CA ALA C 336 -6.50 26.93 -11.86
C ALA C 336 -6.64 28.06 -12.88
N ILE C 337 -6.53 29.31 -12.42
CA ILE C 337 -6.49 30.44 -13.34
C ILE C 337 -5.23 30.40 -14.19
N ASN C 338 -4.09 30.16 -13.55
CA ASN C 338 -2.81 30.20 -14.26
C ASN C 338 -2.68 29.05 -15.26
N VAL C 339 -3.21 27.87 -14.93
CA VAL C 339 -3.13 26.74 -15.84
C VAL C 339 -4.00 26.99 -17.06
N HIS C 340 -5.23 27.46 -16.86
CA HIS C 340 -6.18 27.69 -17.94
C HIS C 340 -6.28 29.17 -18.33
N LEU C 341 -5.17 29.90 -18.25
CA LEU C 341 -5.21 31.34 -18.55
C LEU C 341 -5.48 31.60 -20.03
N ASP C 342 -5.06 30.68 -20.92
CA ASP C 342 -5.27 30.89 -22.34
C ASP C 342 -6.74 30.77 -22.73
N THR C 343 -7.50 29.92 -22.05
CA THR C 343 -8.90 29.69 -22.42
C THR C 343 -9.91 30.50 -21.63
N LEU C 344 -9.57 30.92 -20.40
CA LEU C 344 -10.53 31.69 -19.62
C LEU C 344 -10.73 33.10 -20.16
N LYS C 345 -9.67 33.70 -20.73
CA LYS C 345 -9.81 35.03 -21.28
C LYS C 345 -10.65 35.04 -22.55
N LYS C 346 -10.70 33.92 -23.26
CA LYS C 346 -11.51 33.82 -24.47
C LYS C 346 -13.00 33.71 -24.17
N VAL C 347 -13.38 33.28 -22.97
CA VAL C 347 -14.78 33.14 -22.63
C VAL C 347 -15.37 34.53 -22.40
N ARG C 348 -16.57 34.75 -22.97
CA ARG C 348 -17.18 36.08 -22.94
C ARG C 348 -17.69 36.49 -21.57
N ILE C 349 -17.70 35.58 -20.59
CA ILE C 349 -18.13 35.93 -19.25
C ILE C 349 -16.95 36.24 -18.33
N PHE C 350 -15.74 35.77 -18.67
CA PHE C 350 -14.56 35.98 -17.85
C PHE C 350 -13.66 37.02 -18.50
N ALA C 351 -13.22 38.00 -17.70
CA ALA C 351 -12.30 39.06 -18.13
C ALA C 351 -12.86 39.85 -19.30
N ASP C 352 -14.17 40.02 -19.34
CA ASP C 352 -14.82 40.83 -20.37
C ASP C 352 -15.55 42.03 -19.79
N CYS C 353 -16.39 41.81 -18.79
CA CYS C 353 -17.13 42.89 -18.13
C CYS C 353 -16.76 43.02 -16.66
N GLU C 354 -16.76 41.93 -15.91
CA GLU C 354 -16.50 42.01 -14.47
C GLU C 354 -15.01 42.02 -14.16
N ALA C 355 -14.25 41.12 -14.79
CA ALA C 355 -12.80 40.97 -14.57
C ALA C 355 -12.51 40.69 -13.09
N GLY C 356 -12.89 39.48 -12.69
CA GLY C 356 -12.79 39.10 -11.28
C GLY C 356 -13.90 38.17 -10.81
N LEU C 357 -14.82 37.81 -11.70
CA LEU C 357 -15.75 36.72 -11.41
C LEU C 357 -15.07 35.36 -11.53
N LEU C 358 -14.07 35.25 -12.42
CA LEU C 358 -13.44 33.97 -12.70
C LEU C 358 -12.66 33.44 -11.51
N VAL C 359 -12.10 34.32 -10.68
CA VAL C 359 -11.30 33.86 -9.55
C VAL C 359 -12.16 33.12 -8.53
N GLU C 360 -13.43 33.52 -8.37
CA GLU C 360 -14.32 32.82 -7.46
C GLU C 360 -15.15 31.75 -8.16
N LEU C 361 -15.23 31.77 -9.50
CA LEU C 361 -16.05 30.79 -10.20
C LEU C 361 -15.25 29.60 -10.72
N VAL C 362 -13.92 29.72 -10.87
CA VAL C 362 -13.13 28.65 -11.45
C VAL C 362 -13.03 27.44 -10.51
N LEU C 363 -13.28 27.63 -9.21
CA LEU C 363 -13.27 26.50 -8.29
C LEU C 363 -14.44 25.56 -8.53
N LYS C 364 -15.56 26.09 -9.03
CA LYS C 364 -16.76 25.29 -9.25
C LYS C 364 -16.76 24.59 -10.61
N LEU C 365 -15.77 24.83 -11.45
CA LEU C 365 -15.71 24.18 -12.75
C LEU C 365 -15.10 22.79 -12.61
N GLN C 366 -15.84 21.77 -13.03
CA GLN C 366 -15.32 20.40 -13.01
C GLN C 366 -14.89 20.01 -14.41
N PRO C 367 -13.63 19.62 -14.62
CA PRO C 367 -13.21 19.18 -15.96
C PRO C 367 -13.85 17.86 -16.34
N GLN C 368 -14.09 17.70 -17.64
CA GLN C 368 -14.64 16.48 -18.20
C GLN C 368 -14.03 16.24 -19.58
N VAL C 369 -13.97 14.97 -19.97
CA VAL C 369 -13.41 14.57 -21.25
C VAL C 369 -14.49 13.83 -22.03
N TYR C 370 -14.51 14.01 -23.35
CA TYR C 370 -15.48 13.35 -24.20
C TYR C 370 -14.79 12.78 -25.43
N SER C 371 -15.13 11.54 -25.77
CA SER C 371 -14.57 10.86 -26.92
C SER C 371 -15.20 11.41 -28.21
N PRO C 372 -14.56 11.17 -29.36
CA PRO C 372 -15.20 11.53 -30.64
C PRO C 372 -16.51 10.79 -30.83
N GLY C 373 -17.50 11.50 -31.39
CA GLY C 373 -18.83 10.97 -31.58
C GLY C 373 -19.73 11.07 -30.38
N ASP C 374 -19.25 11.58 -29.25
CA ASP C 374 -20.08 11.71 -28.07
C ASP C 374 -21.06 12.86 -28.22
N TYR C 375 -22.17 12.77 -27.50
CA TYR C 375 -23.21 13.79 -27.50
C TYR C 375 -23.14 14.54 -26.17
N ILE C 376 -22.73 15.81 -26.22
CA ILE C 376 -22.70 16.63 -25.01
C ILE C 376 -24.11 16.89 -24.52
N CYS C 377 -24.99 17.31 -25.43
CA CYS C 377 -26.39 17.58 -25.11
C CYS C 377 -27.26 17.10 -26.26
N LYS C 378 -28.50 16.75 -25.94
CA LYS C 378 -29.47 16.31 -26.93
C LYS C 378 -30.71 17.20 -26.85
N LYS C 379 -31.20 17.62 -28.02
CA LYS C 379 -32.38 18.48 -28.07
C LYS C 379 -33.59 17.75 -27.49
N GLY C 380 -34.32 18.43 -26.61
CA GLY C 380 -35.41 17.81 -25.90
C GLY C 380 -35.05 17.23 -24.56
N ASP C 381 -33.84 17.47 -24.05
CA ASP C 381 -33.39 16.97 -22.77
C ASP C 381 -33.26 18.12 -21.78
N ILE C 382 -33.60 17.86 -20.52
CA ILE C 382 -33.55 18.91 -19.50
C ILE C 382 -32.10 19.21 -19.14
N GLY C 383 -31.79 20.50 -19.03
CA GLY C 383 -30.41 20.91 -18.80
C GLY C 383 -30.01 20.82 -17.35
N ARG C 384 -28.74 20.44 -17.12
CA ARG C 384 -28.20 20.31 -15.78
C ARG C 384 -27.00 21.21 -15.54
N GLU C 385 -26.03 21.23 -16.45
CA GLU C 385 -24.85 22.06 -16.28
C GLU C 385 -24.62 22.93 -17.52
N MET C 386 -23.76 23.92 -17.36
CA MET C 386 -23.31 24.78 -18.45
C MET C 386 -21.87 24.42 -18.79
N TYR C 387 -21.57 24.35 -20.09
CA TYR C 387 -20.30 23.82 -20.58
C TYR C 387 -19.40 24.93 -21.08
N ILE C 388 -18.13 24.88 -20.66
CA ILE C 388 -17.08 25.77 -21.12
C ILE C 388 -16.03 24.93 -21.83
N ILE C 389 -15.69 25.31 -23.06
CA ILE C 389 -14.72 24.56 -23.86
C ILE C 389 -13.34 25.15 -23.63
N LYS C 390 -12.39 24.33 -23.20
CA LYS C 390 -10.99 24.75 -23.17
C LYS C 390 -10.18 24.16 -24.31
N GLU C 391 -10.56 22.99 -24.81
CA GLU C 391 -9.93 22.39 -25.98
C GLU C 391 -10.94 21.45 -26.62
N GLY C 392 -10.69 21.10 -27.87
CA GLY C 392 -11.59 20.27 -28.63
C GLY C 392 -12.47 21.09 -29.57
N LYS C 393 -13.15 20.38 -30.45
CA LYS C 393 -14.01 20.98 -31.44
C LYS C 393 -15.41 20.37 -31.33
N LEU C 394 -16.42 21.24 -31.35
CA LEU C 394 -17.80 20.83 -31.17
C LEU C 394 -18.57 21.00 -32.47
N ALA C 395 -19.41 20.01 -32.79
CA ALA C 395 -20.06 19.98 -34.10
C ALA C 395 -21.39 20.73 -34.13
N VAL C 396 -22.22 20.58 -33.09
CA VAL C 396 -23.60 21.05 -33.05
C VAL C 396 -24.31 20.46 -34.27
N VAL C 397 -24.57 19.16 -34.21
CA VAL C 397 -25.06 18.42 -35.37
C VAL C 397 -26.59 18.44 -35.35
N ALA C 398 -27.19 18.21 -36.52
CA ALA C 398 -28.64 18.08 -36.63
C ALA C 398 -29.06 16.68 -36.23
N ASP C 399 -30.32 16.34 -36.47
CA ASP C 399 -30.83 15.02 -36.09
C ASP C 399 -30.34 13.93 -37.04
N ASP C 400 -30.03 14.28 -38.29
CA ASP C 400 -29.61 13.28 -39.26
C ASP C 400 -28.22 12.73 -38.94
N GLY C 401 -27.34 13.57 -38.41
CA GLY C 401 -25.99 13.16 -38.11
C GLY C 401 -24.94 13.52 -39.15
N VAL C 402 -25.29 14.33 -40.14
CA VAL C 402 -24.38 14.69 -41.23
C VAL C 402 -24.02 16.17 -41.18
N THR C 403 -25.02 17.05 -41.17
CA THR C 403 -24.78 18.48 -41.27
C THR C 403 -24.59 19.11 -39.89
N GLN C 404 -23.79 20.18 -39.85
CA GLN C 404 -23.48 20.91 -38.64
C GLN C 404 -23.86 22.38 -38.83
N PHE C 405 -24.63 22.93 -37.88
CA PHE C 405 -25.05 24.32 -37.99
C PHE C 405 -23.87 25.27 -37.80
N VAL C 406 -23.08 25.06 -36.75
CA VAL C 406 -22.00 25.98 -36.40
C VAL C 406 -20.93 25.20 -35.64
N VAL C 407 -19.68 25.55 -35.89
CA VAL C 407 -18.54 24.92 -35.22
C VAL C 407 -18.14 25.77 -34.03
N LEU C 408 -17.81 25.09 -32.92
CA LEU C 408 -17.40 25.76 -31.70
C LEU C 408 -15.91 25.53 -31.46
N SER C 409 -15.21 26.59 -31.09
CA SER C 409 -13.77 26.56 -30.90
C SER C 409 -13.44 26.60 -29.41
N ASP C 410 -12.14 26.69 -29.13
CA ASP C 410 -11.67 26.75 -27.75
C ASP C 410 -12.03 28.09 -27.11
N GLY C 411 -12.25 28.07 -25.81
CA GLY C 411 -12.59 29.27 -25.09
C GLY C 411 -14.02 29.73 -25.25
N SER C 412 -14.91 28.86 -25.71
CA SER C 412 -16.31 29.21 -25.91
C SER C 412 -17.17 28.63 -24.79
N TYR C 413 -18.45 28.97 -24.80
CA TYR C 413 -19.38 28.51 -23.79
C TYR C 413 -20.71 28.19 -24.45
N PHE C 414 -21.39 27.17 -23.92
CA PHE C 414 -22.71 26.81 -24.40
C PHE C 414 -23.45 26.08 -23.29
N GLY C 415 -24.71 25.73 -23.56
CA GLY C 415 -25.52 25.03 -22.59
C GLY C 415 -26.04 25.88 -21.46
N GLU C 416 -26.02 27.21 -21.62
CA GLU C 416 -26.44 28.10 -20.55
C GLU C 416 -27.90 28.51 -20.64
N ILE C 417 -28.53 28.41 -21.81
CA ILE C 417 -29.88 28.93 -21.95
C ILE C 417 -30.93 27.96 -21.40
N SER C 418 -30.58 26.68 -21.23
CA SER C 418 -31.52 25.76 -20.62
C SER C 418 -31.61 25.97 -19.12
N ILE C 419 -30.47 26.17 -18.45
CA ILE C 419 -30.49 26.35 -17.01
C ILE C 419 -30.93 27.75 -16.62
N LEU C 420 -30.77 28.73 -17.50
CA LEU C 420 -31.29 30.07 -17.24
C LEU C 420 -32.81 30.07 -17.38
N ASN C 421 -33.48 30.76 -16.46
CA ASN C 421 -34.93 30.79 -16.42
C ASN C 421 -35.43 32.04 -17.12
N ILE C 422 -36.25 31.85 -18.15
CA ILE C 422 -36.85 32.93 -18.92
C ILE C 422 -38.35 32.71 -18.95
N LYS C 423 -39.11 33.78 -18.71
CA LYS C 423 -40.57 33.67 -18.76
C LYS C 423 -41.06 33.29 -20.14
N GLY C 424 -40.53 33.93 -21.18
CA GLY C 424 -40.90 33.60 -22.55
C GLY C 424 -39.80 32.83 -23.26
N SER C 425 -40.00 31.51 -23.39
CA SER C 425 -39.01 30.65 -24.01
C SER C 425 -39.69 29.66 -24.93
N LYS C 426 -39.08 29.45 -26.11
CA LYS C 426 -39.60 28.44 -27.03
C LYS C 426 -39.51 27.05 -26.44
N ALA C 427 -38.39 26.73 -25.80
CA ALA C 427 -38.20 25.48 -25.08
C ALA C 427 -37.94 25.78 -23.62
N GLY C 428 -38.74 25.19 -22.74
CA GLY C 428 -38.62 25.47 -21.31
C GLY C 428 -37.73 24.48 -20.59
N ASN C 429 -36.58 24.95 -20.11
CA ASN C 429 -35.61 24.15 -19.36
C ASN C 429 -35.16 22.93 -20.16
N ARG C 430 -35.00 23.10 -21.47
CA ARG C 430 -34.64 22.00 -22.36
C ARG C 430 -33.48 22.44 -23.26
N ARG C 431 -32.67 21.47 -23.67
CA ARG C 431 -31.64 21.74 -24.65
C ARG C 431 -32.27 22.08 -25.99
N THR C 432 -31.71 23.07 -26.68
CA THR C 432 -32.25 23.52 -27.95
C THR C 432 -31.47 23.02 -29.15
N ALA C 433 -30.40 22.25 -28.94
CA ALA C 433 -29.60 21.75 -30.05
C ALA C 433 -28.92 20.45 -29.65
N ASN C 434 -28.54 19.68 -30.66
CA ASN C 434 -27.80 18.43 -30.46
C ASN C 434 -26.31 18.75 -30.56
N ILE C 435 -25.66 18.87 -29.41
CA ILE C 435 -24.24 19.16 -29.35
C ILE C 435 -23.46 17.86 -29.49
N LYS C 436 -22.53 17.83 -30.45
CA LYS C 436 -21.71 16.65 -30.72
C LYS C 436 -20.24 17.04 -30.66
N SER C 437 -19.45 16.26 -29.94
CA SER C 437 -18.00 16.46 -29.89
C SER C 437 -17.38 15.79 -31.10
N ILE C 438 -16.65 16.58 -31.91
CA ILE C 438 -16.00 16.03 -33.10
C ILE C 438 -14.90 15.05 -32.70
N GLY C 439 -14.03 15.47 -31.78
CA GLY C 439 -13.06 14.53 -31.24
C GLY C 439 -12.43 14.94 -29.92
N TYR C 440 -12.53 14.05 -28.93
CA TYR C 440 -11.77 14.10 -27.67
C TYR C 440 -11.82 15.47 -27.01
N SER C 441 -13.01 16.07 -26.98
CA SER C 441 -13.15 17.42 -26.46
C SER C 441 -13.10 17.41 -24.94
N ASP C 442 -12.28 18.28 -24.36
CA ASP C 442 -12.21 18.47 -22.92
C ASP C 442 -12.92 19.76 -22.57
N LEU C 443 -13.88 19.68 -21.65
CA LEU C 443 -14.73 20.80 -21.30
C LEU C 443 -14.68 21.03 -19.81
N PHE C 444 -15.26 22.16 -19.39
CA PHE C 444 -15.53 22.45 -17.99
C PHE C 444 -17.04 22.48 -17.80
N CYS C 445 -17.55 21.62 -16.93
CA CYS C 445 -18.97 21.62 -16.60
C CYS C 445 -19.18 22.41 -15.32
N LEU C 446 -20.19 23.27 -15.33
CA LEU C 446 -20.54 24.13 -14.21
C LEU C 446 -22.01 23.92 -13.88
N SER C 447 -22.29 23.50 -12.66
CA SER C 447 -23.66 23.19 -12.26
C SER C 447 -24.52 24.44 -12.26
N LYS C 448 -25.83 24.23 -12.44
CA LYS C 448 -26.77 25.34 -12.57
C LYS C 448 -26.87 26.15 -11.28
N ASP C 449 -27.04 25.47 -10.14
CA ASP C 449 -27.24 26.16 -8.88
C ASP C 449 -25.98 26.94 -8.47
N ASP C 450 -24.80 26.35 -8.69
CA ASP C 450 -23.56 27.06 -8.38
C ASP C 450 -23.36 28.27 -9.27
N LEU C 451 -23.82 28.19 -10.51
CA LEU C 451 -23.80 29.37 -11.38
C LEU C 451 -24.77 30.44 -10.88
N MET C 452 -25.96 30.03 -10.41
CA MET C 452 -26.91 30.99 -9.87
C MET C 452 -26.39 31.66 -8.60
N GLU C 453 -25.59 30.94 -7.82
CA GLU C 453 -24.93 31.59 -6.69
C GLU C 453 -23.97 32.67 -7.16
N ALA C 454 -23.23 32.40 -8.23
CA ALA C 454 -22.29 33.38 -8.77
C ALA C 454 -23.00 34.49 -9.55
N LEU C 455 -24.13 34.16 -10.19
CA LEU C 455 -24.81 35.15 -11.03
C LEU C 455 -25.49 36.23 -10.21
N THR C 456 -25.98 35.90 -9.01
CA THR C 456 -26.67 36.88 -8.19
C THR C 456 -25.73 37.97 -7.68
N GLU C 457 -24.48 37.61 -7.36
CA GLU C 457 -23.54 38.61 -6.86
C GLU C 457 -23.10 39.59 -7.94
N TYR C 458 -23.15 39.19 -9.21
CA TYR C 458 -22.76 40.04 -10.33
C TYR C 458 -23.95 40.19 -11.27
N PRO C 459 -24.85 41.14 -11.00
CA PRO C 459 -26.00 41.35 -11.90
C PRO C 459 -25.59 41.78 -13.30
N ASP C 460 -24.47 42.50 -13.45
CA ASP C 460 -24.03 42.92 -14.77
C ASP C 460 -23.66 41.71 -15.63
N ALA C 461 -23.02 40.70 -15.02
CA ALA C 461 -22.72 39.47 -15.75
C ALA C 461 -23.99 38.68 -16.05
N LYS C 462 -25.00 38.80 -15.19
CA LYS C 462 -26.25 38.08 -15.42
C LYS C 462 -27.03 38.66 -16.60
N THR C 463 -27.08 39.99 -16.70
CA THR C 463 -27.94 40.64 -17.69
C THR C 463 -27.47 40.36 -19.11
N MET C 464 -26.16 40.44 -19.35
CA MET C 464 -25.65 40.18 -20.70
C MET C 464 -25.81 38.71 -21.07
N LEU C 465 -25.67 37.81 -20.10
CA LEU C 465 -25.89 36.40 -20.36
C LEU C 465 -27.34 36.12 -20.74
N GLU C 466 -28.28 36.73 -20.02
CA GLU C 466 -29.69 36.58 -20.39
C GLU C 466 -29.99 37.21 -21.74
N GLU C 467 -29.34 38.34 -22.06
CA GLU C 467 -29.54 38.96 -23.36
C GLU C 467 -29.02 38.07 -24.48
N LYS C 468 -27.86 37.43 -24.28
CA LYS C 468 -27.34 36.50 -25.26
C LYS C 468 -28.24 35.28 -25.41
N GLY C 469 -28.78 34.79 -24.29
CA GLY C 469 -29.71 33.68 -24.35
C GLY C 469 -30.99 34.02 -25.11
N LYS C 470 -31.52 35.22 -24.87
CA LYS C 470 -32.71 35.67 -25.59
C LYS C 470 -32.42 35.84 -27.08
N GLN C 471 -31.24 36.36 -27.41
CA GLN C 471 -30.86 36.52 -28.81
C GLN C 471 -30.72 35.18 -29.51
N ILE C 472 -30.11 34.20 -28.83
CA ILE C 472 -29.94 32.88 -29.45
C ILE C 472 -31.25 32.09 -29.46
N LEU C 473 -32.20 32.43 -28.60
CA LEU C 473 -33.52 31.82 -28.64
C LEU C 473 -34.49 32.54 -29.57
N MET C 474 -34.13 33.73 -30.05
CA MET C 474 -34.99 34.43 -31.00
C MET C 474 -35.09 33.68 -32.33
N LYS C 475 -33.97 33.13 -32.80
CA LYS C 475 -33.97 32.38 -34.05
C LYS C 475 -34.15 30.88 -33.79
CA VAL D 26 -9.21 -8.61 44.37
C VAL D 26 -8.82 -8.86 42.93
N VAL D 27 -9.24 -7.97 42.04
CA VAL D 27 -8.92 -8.08 40.62
C VAL D 27 -7.64 -7.33 40.32
N ILE D 28 -7.06 -7.64 39.16
CA ILE D 28 -5.81 -7.00 38.73
C ILE D 28 -6.06 -5.86 37.74
N ASP D 29 -7.29 -5.75 37.20
CA ASP D 29 -7.67 -4.72 36.23
C ASP D 29 -6.74 -4.71 35.03
N PRO D 30 -6.90 -5.66 34.10
CA PRO D 30 -5.95 -5.79 32.98
C PRO D 30 -5.79 -4.54 32.13
N SER D 31 -6.82 -3.71 32.03
CA SER D 31 -6.67 -2.43 31.34
C SER D 31 -5.88 -1.42 32.15
N GLY D 32 -5.63 -1.69 33.44
CA GLY D 32 -4.89 -0.76 34.26
C GLY D 32 -3.39 -0.86 34.10
N ASN D 33 -2.69 0.07 34.76
CA ASN D 33 -1.24 0.12 34.68
C ASN D 33 -0.57 -0.95 35.53
N THR D 34 -1.24 -1.40 36.61
CA THR D 34 -0.66 -2.41 37.48
C THR D 34 -0.47 -3.74 36.76
N TYR D 35 -1.45 -4.13 35.95
CA TYR D 35 -1.33 -5.36 35.18
C TYR D 35 -0.22 -5.27 34.14
N TYR D 36 -0.07 -4.10 33.50
CA TYR D 36 1.01 -3.92 32.54
C TYR D 36 2.37 -3.96 33.23
N ASN D 37 2.46 -3.41 34.44
CA ASN D 37 3.72 -3.47 35.19
C ASN D 37 4.09 -4.89 35.54
N TRP D 38 3.11 -5.76 35.75
CA TRP D 38 3.41 -7.17 35.96
C TRP D 38 3.81 -7.86 34.65
N LEU D 39 3.29 -7.38 33.52
CA LEU D 39 3.63 -7.98 32.23
C LEU D 39 5.11 -7.86 31.92
N PHE D 40 5.75 -6.79 32.39
CA PHE D 40 7.20 -6.68 32.25
C PHE D 40 7.90 -7.63 33.21
N CYS D 41 7.36 -7.82 34.42
CA CYS D 41 8.00 -8.67 35.40
C CYS D 41 7.88 -10.15 35.08
N ILE D 42 6.94 -10.53 34.21
CA ILE D 42 6.85 -11.90 33.74
C ILE D 42 7.59 -12.07 32.41
N THR D 43 7.80 -10.98 31.67
CA THR D 43 8.52 -11.06 30.40
C THR D 43 9.99 -11.39 30.60
N LEU D 44 10.59 -10.91 31.69
CA LEU D 44 12.01 -11.19 31.94
C LEU D 44 12.30 -12.67 32.16
N PRO D 45 11.58 -13.42 33.02
CA PRO D 45 11.85 -14.87 33.10
C PRO D 45 11.55 -15.61 31.82
N VAL D 46 10.54 -15.20 31.06
CA VAL D 46 10.23 -15.86 29.80
C VAL D 46 11.34 -15.64 28.78
N MET D 47 11.86 -14.40 28.71
CA MET D 47 12.97 -14.13 27.81
C MET D 47 14.24 -14.84 28.25
N TYR D 48 14.46 -14.95 29.56
CA TYR D 48 15.62 -15.70 30.06
C TYR D 48 15.50 -17.18 29.71
N ASN D 49 14.30 -17.74 29.82
CA ASN D 49 14.11 -19.15 29.47
C ASN D 49 14.23 -19.36 27.96
N TRP D 50 13.78 -18.39 27.16
CA TRP D 50 13.91 -18.49 25.72
C TRP D 50 15.34 -18.27 25.25
N THR D 51 16.16 -17.60 26.06
CA THR D 51 17.52 -17.24 25.68
C THR D 51 18.58 -18.18 26.23
N MET D 52 18.56 -18.43 27.55
CA MET D 52 19.67 -19.09 28.21
C MET D 52 19.44 -20.56 28.53
N VAL D 53 18.20 -21.05 28.46
CA VAL D 53 17.97 -22.47 28.70
C VAL D 53 18.57 -23.30 27.58
N ILE D 54 18.35 -22.89 26.32
CA ILE D 54 18.98 -23.60 25.21
C ILE D 54 20.48 -23.40 25.21
N ALA D 55 20.96 -22.24 25.67
CA ALA D 55 22.39 -22.01 25.76
C ALA D 55 23.04 -22.92 26.78
N ARG D 56 22.40 -23.10 27.94
CA ARG D 56 22.92 -24.03 28.94
C ARG D 56 22.81 -25.48 28.46
N ALA D 57 21.74 -25.79 27.72
CA ALA D 57 21.55 -27.15 27.23
C ALA D 57 22.61 -27.53 26.21
N CYS D 58 22.94 -26.60 25.31
CA CYS D 58 23.87 -26.90 24.22
C CYS D 58 25.33 -26.72 24.63
N PHE D 59 25.63 -25.66 25.39
CA PHE D 59 26.99 -25.42 25.87
C PHE D 59 27.10 -26.01 27.27
N ASP D 60 27.85 -27.11 27.40
CA ASP D 60 27.97 -27.78 28.69
C ASP D 60 28.76 -26.94 29.68
N GLU D 61 29.77 -26.22 29.20
CA GLU D 61 30.58 -25.40 30.10
C GLU D 61 29.78 -24.25 30.69
N LEU D 62 28.83 -23.70 29.93
CA LEU D 62 28.00 -22.62 30.45
C LEU D 62 27.13 -23.10 31.61
N GLN D 63 26.57 -24.31 31.50
CA GLN D 63 25.78 -24.85 32.59
C GLN D 63 26.65 -25.25 33.78
N SER D 64 27.82 -25.85 33.51
CA SER D 64 28.63 -26.39 34.59
C SER D 64 29.34 -25.29 35.37
N ASP D 65 29.83 -24.25 34.69
CA ASP D 65 30.65 -23.25 35.36
C ASP D 65 29.83 -22.34 36.26
N TYR D 66 28.63 -21.96 35.82
CA TYR D 66 27.79 -21.02 36.55
C TYR D 66 26.54 -21.72 37.10
N LEU D 67 26.72 -22.94 37.60
CA LEU D 67 25.59 -23.78 38.01
C LEU D 67 24.81 -23.16 39.16
N GLU D 68 25.52 -22.55 40.12
CA GLU D 68 24.85 -21.88 41.23
C GLU D 68 24.03 -20.70 40.73
N TYR D 69 24.60 -19.89 39.83
CA TYR D 69 23.89 -18.75 39.28
C TYR D 69 22.66 -19.19 38.48
N TRP D 70 22.81 -20.26 37.68
CA TRP D 70 21.68 -20.75 36.91
C TRP D 70 20.60 -21.34 37.81
N LEU D 71 20.99 -22.00 38.90
CA LEU D 71 20.00 -22.52 39.83
C LEU D 71 19.24 -21.39 40.52
N ILE D 72 19.94 -20.33 40.91
CA ILE D 72 19.27 -19.18 41.52
C ILE D 72 18.32 -18.52 40.53
N LEU D 73 18.77 -18.34 39.29
CA LEU D 73 17.92 -17.72 38.28
C LEU D 73 16.72 -18.61 37.94
N ASP D 74 16.91 -19.93 37.91
CA ASP D 74 15.81 -20.85 37.64
C ASP D 74 14.78 -20.83 38.77
N TYR D 75 15.25 -20.78 40.02
CA TYR D 75 14.31 -20.70 41.14
C TYR D 75 13.55 -19.39 41.12
N VAL D 76 14.24 -18.28 40.79
CA VAL D 76 13.57 -16.98 40.70
C VAL D 76 12.52 -17.00 39.59
N SER D 77 12.88 -17.56 38.43
CA SER D 77 11.94 -17.63 37.32
C SER D 77 10.74 -18.51 37.64
N ASP D 78 10.97 -19.62 38.35
CA ASP D 78 9.85 -20.47 38.75
C ASP D 78 8.95 -19.76 39.75
N ILE D 79 9.54 -19.01 40.69
CA ILE D 79 8.74 -18.25 41.64
C ILE D 79 7.88 -17.22 40.92
N VAL D 80 8.48 -16.52 39.94
CA VAL D 80 7.72 -15.55 39.15
C VAL D 80 6.64 -16.26 38.33
N TYR D 81 6.89 -17.49 37.89
CA TYR D 81 5.87 -18.25 37.19
C TYR D 81 4.69 -18.59 38.09
N LEU D 82 4.96 -18.99 39.34
CA LEU D 82 3.87 -19.19 40.31
C LEU D 82 3.10 -17.90 40.56
N ILE D 83 3.81 -16.79 40.70
CA ILE D 83 3.12 -15.52 40.94
C ILE D 83 2.29 -15.13 39.72
N ASP D 84 2.77 -15.45 38.51
CA ASP D 84 2.01 -15.16 37.31
C ASP D 84 0.75 -16.01 37.22
N MET D 85 0.84 -17.28 37.61
CA MET D 85 -0.36 -18.11 37.66
C MET D 85 -1.35 -17.59 38.70
N PHE D 86 -0.85 -17.13 39.84
CA PHE D 86 -1.72 -16.53 40.84
C PHE D 86 -2.38 -15.26 40.30
N VAL D 87 -1.64 -14.45 39.55
CA VAL D 87 -2.19 -13.24 38.94
C VAL D 87 -3.26 -13.60 37.93
N ARG D 88 -3.01 -14.61 37.09
CA ARG D 88 -3.98 -15.03 36.09
C ARG D 88 -5.24 -15.59 36.75
N THR D 89 -5.10 -16.22 37.91
CA THR D 89 -6.30 -16.57 38.68
C THR D 89 -6.99 -15.32 39.23
N ARG D 90 -6.20 -14.30 39.61
CA ARG D 90 -6.74 -13.09 40.18
C ARG D 90 -7.14 -12.03 39.15
N THR D 91 -6.78 -12.22 37.88
CA THR D 91 -7.11 -11.22 36.88
C THR D 91 -8.59 -11.28 36.52
N GLY D 92 -9.13 -10.14 36.11
CA GLY D 92 -10.55 -10.04 35.86
C GLY D 92 -10.91 -9.83 34.41
N TYR D 93 -11.75 -10.71 33.88
CA TYR D 93 -12.24 -10.58 32.51
C TYR D 93 -13.54 -9.77 32.49
N LEU D 94 -14.12 -9.63 31.31
CA LEU D 94 -15.32 -8.82 31.13
C LEU D 94 -16.48 -9.72 30.73
N GLU D 95 -17.54 -9.71 31.52
CA GLU D 95 -18.81 -10.30 31.16
C GLU D 95 -19.88 -9.22 31.21
N GLN D 96 -20.76 -9.21 30.19
CA GLN D 96 -21.77 -8.17 30.00
C GLN D 96 -21.16 -6.77 29.98
N GLY D 97 -19.89 -6.67 29.55
CA GLY D 97 -19.18 -5.42 29.55
C GLY D 97 -18.62 -4.98 30.88
N LEU D 98 -18.84 -5.75 31.94
CA LEU D 98 -18.43 -5.37 33.30
C LEU D 98 -17.33 -6.29 33.80
N LEU D 99 -16.44 -5.73 34.60
CA LEU D 99 -15.37 -6.51 35.21
C LEU D 99 -15.94 -7.52 36.21
N VAL D 100 -15.33 -8.70 36.25
CA VAL D 100 -15.78 -9.78 37.11
C VAL D 100 -14.96 -9.77 38.38
N LYS D 101 -15.62 -9.55 39.52
CA LYS D 101 -14.96 -9.50 40.81
C LYS D 101 -15.08 -10.82 41.59
N GLU D 102 -15.98 -11.71 41.18
CA GLU D 102 -16.14 -12.98 41.88
C GLU D 102 -14.94 -13.88 41.63
N GLU D 103 -14.35 -14.39 42.71
CA GLU D 103 -13.12 -15.17 42.60
C GLU D 103 -13.36 -16.49 41.87
N LEU D 104 -14.44 -17.19 42.21
CA LEU D 104 -14.68 -18.51 41.65
C LEU D 104 -14.94 -18.43 40.14
N LYS D 105 -15.62 -17.35 39.71
CA LYS D 105 -15.83 -17.15 38.27
C LYS D 105 -14.51 -16.92 37.55
N LEU D 106 -13.58 -16.18 38.17
CA LEU D 106 -12.26 -16.00 37.58
C LEU D 106 -11.51 -17.32 37.50
N ILE D 107 -11.61 -18.15 38.54
CA ILE D 107 -10.97 -19.46 38.52
C ILE D 107 -11.52 -20.31 37.38
N ASN D 108 -12.85 -20.31 37.20
CA ASN D 108 -13.46 -21.09 36.13
C ASN D 108 -13.08 -20.55 34.75
N LYS D 109 -12.98 -19.22 34.62
CA LYS D 109 -12.62 -18.64 33.33
C LYS D 109 -11.17 -18.91 32.98
N TYR D 110 -10.29 -18.91 33.97
CA TYR D 110 -8.88 -19.21 33.72
C TYR D 110 -8.68 -20.69 33.41
N LYS D 111 -9.30 -21.57 34.19
CA LYS D 111 -9.05 -23.00 34.05
C LYS D 111 -9.63 -23.54 32.74
N SER D 112 -10.79 -23.02 32.31
CA SER D 112 -11.38 -23.47 31.06
C SER D 112 -10.57 -23.02 29.85
N ASN D 113 -9.77 -21.97 29.99
CA ASN D 113 -8.95 -21.48 28.90
C ASN D 113 -7.75 -22.38 28.66
N LEU D 114 -7.22 -22.32 27.43
CA LEU D 114 -6.01 -23.05 27.09
C LEU D 114 -4.79 -22.51 27.83
N GLN D 115 -4.85 -21.25 28.28
CA GLN D 115 -3.70 -20.63 28.95
C GLN D 115 -3.37 -21.34 30.25
N PHE D 116 -4.38 -21.84 30.97
CA PHE D 116 -4.11 -22.59 32.18
C PHE D 116 -3.36 -23.88 31.87
N LYS D 117 -3.74 -24.57 30.80
CA LYS D 117 -3.02 -25.79 30.41
C LYS D 117 -1.59 -25.47 29.99
N LEU D 118 -1.40 -24.37 29.26
CA LEU D 118 -0.05 -23.98 28.84
C LEU D 118 0.81 -23.61 30.05
N ASP D 119 0.23 -22.92 31.03
CA ASP D 119 0.97 -22.54 32.22
C ASP D 119 1.31 -23.74 33.08
N VAL D 120 0.39 -24.70 33.19
CA VAL D 120 0.66 -25.91 33.97
C VAL D 120 1.73 -26.75 33.29
N LEU D 121 1.62 -26.93 31.97
CA LEU D 121 2.63 -27.69 31.24
C LEU D 121 4.00 -27.01 31.28
N SER D 122 4.01 -25.68 31.31
CA SER D 122 5.28 -24.97 31.44
C SER D 122 5.85 -25.10 32.84
N LEU D 123 5.00 -25.30 33.85
CA LEU D 123 5.42 -25.32 35.24
C LEU D 123 5.42 -26.73 35.84
N ILE D 124 5.41 -27.76 35.00
CA ILE D 124 5.63 -29.11 35.52
C ILE D 124 7.05 -29.20 36.07
N PRO D 125 7.24 -29.61 37.33
CA PRO D 125 8.61 -29.65 37.88
C PRO D 125 9.42 -30.77 37.27
N THR D 126 10.31 -30.42 36.35
CA THR D 126 11.20 -31.36 35.71
C THR D 126 12.59 -31.37 36.34
N ASP D 127 12.81 -30.56 37.39
CA ASP D 127 14.11 -30.51 38.04
C ASP D 127 14.46 -31.80 38.75
N LEU D 128 13.46 -32.65 39.03
CA LEU D 128 13.75 -33.97 39.60
C LEU D 128 14.57 -34.82 38.65
N LEU D 129 14.43 -34.58 37.34
CA LEU D 129 15.26 -35.27 36.35
C LEU D 129 16.73 -34.90 36.47
N TYR D 130 17.05 -33.77 37.15
CA TYR D 130 18.43 -33.49 37.51
C TYR D 130 19.03 -34.62 38.34
N PHE D 131 18.22 -35.25 39.19
CA PHE D 131 18.70 -36.40 39.95
C PHE D 131 18.78 -37.67 39.10
N LYS D 132 18.12 -37.69 37.95
CA LYS D 132 18.13 -38.87 37.08
C LYS D 132 19.09 -38.70 35.91
N LEU D 133 18.93 -37.63 35.12
CA LEU D 133 19.76 -37.40 33.96
C LEU D 133 21.06 -36.68 34.28
N GLY D 134 21.23 -36.16 35.49
CA GLY D 134 22.43 -35.48 35.88
C GLY D 134 22.30 -33.97 35.79
N TRP D 135 23.30 -33.29 36.36
CA TRP D 135 23.34 -31.83 36.38
C TRP D 135 23.72 -31.23 35.03
N ASN D 136 24.16 -32.04 34.07
CA ASN D 136 24.61 -31.56 32.78
C ASN D 136 23.51 -31.63 31.72
N TYR D 137 22.26 -31.82 32.12
CA TYR D 137 21.12 -31.89 31.19
C TYR D 137 20.09 -30.85 31.59
N PRO D 138 20.29 -29.58 31.22
CA PRO D 138 19.29 -28.55 31.50
C PRO D 138 18.26 -28.33 30.41
N GLU D 139 18.22 -29.20 29.40
CA GLU D 139 17.16 -29.15 28.40
C GLU D 139 15.85 -29.73 28.89
N ILE D 140 15.82 -30.26 30.13
CA ILE D 140 14.58 -30.71 30.73
C ILE D 140 13.65 -29.55 31.02
N ARG D 141 14.17 -28.33 31.09
CA ARG D 141 13.37 -27.12 31.25
C ARG D 141 12.94 -26.53 29.91
N LEU D 142 12.86 -27.36 28.86
CA LEU D 142 12.36 -26.92 27.57
C LEU D 142 10.85 -26.83 27.52
N ASN D 143 10.18 -26.89 28.66
CA ASN D 143 8.76 -26.59 28.76
C ASN D 143 8.48 -25.20 29.32
N ARG D 144 9.43 -24.63 30.06
CA ARG D 144 9.21 -23.35 30.72
C ARG D 144 9.16 -22.18 29.74
N LEU D 145 9.53 -22.38 28.48
CA LEU D 145 9.37 -21.37 27.45
C LEU D 145 8.06 -21.52 26.69
N LEU D 146 7.19 -22.44 27.13
CA LEU D 146 5.83 -22.51 26.59
C LEU D 146 4.96 -21.35 27.06
N ARG D 147 5.40 -20.59 28.04
CA ARG D 147 4.67 -19.39 28.48
C ARG D 147 5.16 -18.17 27.70
N PHE D 148 5.18 -18.30 26.38
CA PHE D 148 5.47 -17.19 25.49
C PHE D 148 4.30 -16.23 25.35
N SER D 149 3.11 -16.65 25.77
CA SER D 149 1.92 -15.82 25.64
C SER D 149 2.04 -14.55 26.48
N ARG D 150 2.61 -14.65 27.67
CA ARG D 150 2.80 -13.47 28.50
C ARG D 150 3.75 -12.48 27.85
N MET D 151 4.85 -12.97 27.27
CA MET D 151 5.81 -12.10 26.59
C MET D 151 5.18 -11.45 25.36
N PHE D 152 4.42 -12.21 24.57
CA PHE D 152 3.77 -11.65 23.40
C PHE D 152 2.70 -10.64 23.79
N GLU D 153 1.96 -10.91 24.88
CA GLU D 153 0.98 -9.96 25.37
C GLU D 153 1.64 -8.68 25.86
N PHE D 154 2.80 -8.80 26.52
CA PHE D 154 3.53 -7.61 26.94
C PHE D 154 4.01 -6.81 25.74
N PHE D 155 4.49 -7.49 24.70
CA PHE D 155 4.93 -6.80 23.50
C PHE D 155 3.77 -6.11 22.79
N GLN D 156 2.60 -6.75 22.78
CA GLN D 156 1.43 -6.13 22.17
C GLN D 156 0.93 -4.94 22.99
N ARG D 157 1.01 -5.03 24.32
CA ARG D 157 0.55 -3.95 25.17
C ARG D 157 1.54 -2.79 25.16
N THR D 158 2.84 -3.09 25.12
CA THR D 158 3.85 -2.03 25.06
C THR D 158 3.75 -1.25 23.75
N GLU D 159 3.48 -1.94 22.64
CA GLU D 159 3.42 -1.29 21.34
C GLU D 159 2.31 -0.25 21.30
N THR D 160 1.18 -0.55 21.95
CA THR D 160 0.11 0.45 22.07
C THR D 160 0.50 1.55 23.03
N ARG D 161 1.10 1.19 24.17
CA ARG D 161 1.31 2.15 25.25
C ARG D 161 2.47 3.10 24.98
N THR D 162 3.56 2.61 24.38
CA THR D 162 4.79 3.39 24.30
C THR D 162 4.63 4.59 23.37
N ASN D 163 5.44 5.62 23.61
CA ASN D 163 5.42 6.82 22.80
C ASN D 163 6.20 6.68 21.50
N TYR D 164 6.99 5.62 21.35
CA TYR D 164 7.79 5.37 20.15
C TYR D 164 7.45 3.98 19.66
N PRO D 165 6.33 3.82 18.94
CA PRO D 165 5.92 2.47 18.51
C PRO D 165 6.82 1.89 17.44
N ASN D 166 7.29 2.72 16.50
CA ASN D 166 8.20 2.22 15.46
C ASN D 166 9.53 1.76 16.05
N ILE D 167 10.08 2.53 16.99
CA ILE D 167 11.33 2.15 17.64
C ILE D 167 11.17 0.85 18.41
N PHE D 168 10.05 0.70 19.13
CA PHE D 168 9.80 -0.52 19.88
C PHE D 168 9.60 -1.71 18.95
N ARG D 169 8.91 -1.52 17.83
CA ARG D 169 8.72 -2.61 16.86
C ARG D 169 10.05 -3.04 16.26
N ILE D 170 10.90 -2.08 15.91
CA ILE D 170 12.22 -2.40 15.38
C ILE D 170 13.04 -3.15 16.43
N SER D 171 12.98 -2.70 17.68
CA SER D 171 13.71 -3.37 18.76
C SER D 171 13.19 -4.78 18.99
N ASN D 172 11.87 -4.97 18.92
CA ASN D 172 11.28 -6.29 19.11
C ASN D 172 11.70 -7.25 17.99
N LEU D 173 11.68 -6.78 16.75
CA LEU D 173 12.08 -7.65 15.65
C LEU D 173 13.57 -7.93 15.66
N VAL D 174 14.39 -6.96 16.08
CA VAL D 174 15.82 -7.19 16.26
C VAL D 174 16.06 -8.20 17.37
N MET D 175 15.25 -8.14 18.44
CA MET D 175 15.33 -9.14 19.49
C MET D 175 14.96 -10.52 18.97
N TYR D 176 13.95 -10.61 18.10
CA TYR D 176 13.62 -11.88 17.49
C TYR D 176 14.76 -12.41 16.62
N ILE D 177 15.42 -11.52 15.88
CA ILE D 177 16.59 -11.93 15.09
C ILE D 177 17.71 -12.43 15.99
N VAL D 178 17.97 -11.74 17.10
CA VAL D 178 19.02 -12.16 18.02
C VAL D 178 18.69 -13.51 18.63
N ILE D 179 17.41 -13.72 18.97
CA ILE D 179 17.00 -15.01 19.52
C ILE D 179 17.16 -16.13 18.49
N ILE D 180 16.79 -15.86 17.23
CA ILE D 180 16.91 -16.86 16.18
C ILE D 180 18.37 -17.21 15.93
N ILE D 181 19.23 -16.19 15.89
CA ILE D 181 20.66 -16.42 15.66
C ILE D 181 21.28 -17.17 16.82
N HIS D 182 20.90 -16.81 18.05
CA HIS D 182 21.40 -17.50 19.23
C HIS D 182 20.96 -18.96 19.26
N TRP D 183 19.70 -19.23 18.90
CA TRP D 183 19.21 -20.60 18.84
C TRP D 183 19.91 -21.39 17.75
N ASN D 184 20.17 -20.77 16.60
CA ASN D 184 20.90 -21.47 15.54
C ASN D 184 22.33 -21.74 15.94
N ALA D 185 22.95 -20.81 16.68
CA ALA D 185 24.30 -21.03 17.20
C ALA D 185 24.32 -22.21 18.16
N CYS D 186 23.32 -22.28 19.05
CA CYS D 186 23.23 -23.41 19.97
C CYS D 186 23.00 -24.71 19.22
N VAL D 187 22.17 -24.69 18.18
CA VAL D 187 21.91 -25.90 17.39
C VAL D 187 23.17 -26.34 16.67
N PHE D 188 23.92 -25.40 16.09
CA PHE D 188 25.18 -25.73 15.42
C PHE D 188 26.18 -26.32 16.39
N TYR D 189 26.28 -25.76 17.60
CA TYR D 189 27.19 -26.32 18.60
C TYR D 189 26.75 -27.70 19.04
N SER D 190 25.44 -27.94 19.15
CA SER D 190 24.93 -29.26 19.50
C SER D 190 25.25 -30.28 18.42
N ILE D 191 25.09 -29.89 17.14
CA ILE D 191 25.39 -30.79 16.04
C ILE D 191 26.89 -31.08 15.97
N SER D 192 27.72 -30.07 16.27
CA SER D 192 29.15 -30.31 16.39
C SER D 192 29.46 -31.24 17.56
N LYS D 193 28.69 -31.15 18.64
CA LYS D 193 28.91 -32.03 19.78
C LYS D 193 28.48 -33.45 19.48
N ALA D 194 27.33 -33.63 18.82
CA ALA D 194 26.85 -34.97 18.50
C ALA D 194 27.76 -35.66 17.50
N ILE D 195 28.19 -34.94 16.46
CA ILE D 195 29.11 -35.51 15.49
C ILE D 195 30.49 -35.70 16.10
N GLY D 196 30.95 -34.73 16.88
CA GLY D 196 32.26 -34.83 17.52
C GLY D 196 33.10 -33.63 17.11
N PHE D 197 33.70 -32.98 18.10
CA PHE D 197 34.50 -31.80 17.83
C PHE D 197 35.82 -32.18 17.17
N GLY D 198 36.11 -31.54 16.04
CA GLY D 198 37.33 -31.79 15.32
C GLY D 198 37.32 -32.99 14.40
N ASN D 199 36.23 -33.74 14.36
CA ASN D 199 36.15 -34.90 13.46
C ASN D 199 36.10 -34.46 12.00
N ASP D 200 35.45 -33.33 11.72
CA ASP D 200 35.36 -32.79 10.38
C ASP D 200 35.75 -31.32 10.40
N THR D 201 36.05 -30.78 9.22
CA THR D 201 36.38 -29.37 9.11
C THR D 201 35.17 -28.47 9.31
N TRP D 202 33.96 -29.00 9.11
CA TRP D 202 32.76 -28.18 9.24
C TRP D 202 32.38 -27.94 10.70
N VAL D 203 32.54 -28.96 11.55
CA VAL D 203 32.11 -28.88 12.95
C VAL D 203 33.02 -27.94 13.72
N TYR D 204 32.61 -27.61 14.95
CA TYR D 204 33.45 -26.80 15.82
C TYR D 204 34.76 -27.54 16.12
N PRO D 205 35.89 -26.84 16.22
CA PRO D 205 37.18 -27.51 16.45
C PRO D 205 37.27 -28.23 17.79
N ASP D 206 38.41 -28.86 18.03
CA ASP D 206 38.59 -29.71 19.20
C ASP D 206 38.54 -28.89 20.49
N ILE D 207 37.86 -29.46 21.49
CA ILE D 207 37.77 -28.80 22.80
C ILE D 207 39.14 -28.76 23.47
N ASN D 208 39.99 -29.75 23.21
CA ASN D 208 41.32 -29.80 23.81
C ASN D 208 42.21 -28.66 23.36
N ASP D 209 41.86 -27.97 22.27
CA ASP D 209 42.61 -26.79 21.86
C ASP D 209 42.42 -25.68 22.89
N PRO D 210 43.51 -25.10 23.42
CA PRO D 210 43.37 -24.04 24.43
C PRO D 210 42.63 -22.81 23.93
N GLU D 211 42.78 -22.45 22.66
CA GLU D 211 42.08 -21.28 22.13
C GLU D 211 40.60 -21.55 21.93
N PHE D 212 40.26 -22.71 21.38
CA PHE D 212 38.86 -23.05 21.10
C PHE D 212 38.18 -23.75 22.27
N GLY D 213 38.91 -24.08 23.34
CA GLY D 213 38.31 -24.71 24.49
C GLY D 213 37.63 -23.75 25.45
N ARG D 214 37.81 -22.45 25.27
CA ARG D 214 37.17 -21.47 26.14
C ARG D 214 35.69 -21.38 25.83
N LEU D 215 34.88 -21.25 26.90
CA LEU D 215 33.44 -21.17 26.74
C LEU D 215 33.02 -19.95 25.95
N ALA D 216 33.67 -18.80 26.22
CA ALA D 216 33.37 -17.58 25.48
C ALA D 216 33.69 -17.76 24.00
N ARG D 217 34.83 -18.37 23.69
CA ARG D 217 35.19 -18.62 22.29
C ARG D 217 34.21 -19.57 21.63
N LYS D 218 33.80 -20.63 22.34
CA LYS D 218 32.80 -21.56 21.80
C LYS D 218 31.51 -20.83 21.43
N TYR D 219 30.98 -20.05 22.38
CA TYR D 219 29.72 -19.36 22.13
C TYR D 219 29.85 -18.34 21.01
N VAL D 220 30.96 -17.59 20.98
CA VAL D 220 31.00 -16.50 20.02
C VAL D 220 31.33 -17.03 18.62
N TYR D 221 32.07 -18.14 18.51
CA TYR D 221 32.26 -18.73 17.20
C TYR D 221 30.99 -19.40 16.70
N SER D 222 30.22 -20.01 17.60
CA SER D 222 28.91 -20.52 17.20
C SER D 222 28.00 -19.39 16.74
N LEU D 223 28.03 -18.25 17.44
CA LEU D 223 27.24 -17.09 17.04
C LEU D 223 27.69 -16.55 15.70
N TYR D 224 29.01 -16.55 15.45
CA TYR D 224 29.54 -16.10 14.17
C TYR D 224 29.11 -17.02 13.04
N TRP D 225 29.16 -18.34 13.26
CA TRP D 225 28.71 -19.29 12.25
C TRP D 225 27.22 -19.11 11.97
N SER D 226 26.42 -18.94 13.03
CA SER D 226 24.99 -18.76 12.85
C SER D 226 24.68 -17.45 12.13
N THR D 227 25.43 -16.39 12.43
CA THR D 227 25.25 -15.13 11.73
C THR D 227 25.60 -15.25 10.25
N LEU D 228 26.69 -15.96 9.93
CA LEU D 228 27.06 -16.15 8.54
C LEU D 228 26.01 -16.97 7.80
N THR D 229 25.49 -18.02 8.42
CA THR D 229 24.55 -18.90 7.73
C THR D 229 23.18 -18.24 7.58
N LEU D 230 22.70 -17.57 8.63
CA LEU D 230 21.35 -17.00 8.58
C LEU D 230 21.28 -15.74 7.75
N THR D 231 22.32 -14.90 7.81
CA THR D 231 22.34 -13.66 7.03
C THR D 231 22.83 -13.88 5.60
N THR D 232 22.79 -15.12 5.13
CA THR D 232 23.09 -15.51 3.75
C THR D 232 24.50 -15.10 3.31
N ILE D 233 25.46 -15.16 4.22
CA ILE D 233 26.83 -14.80 3.87
C ILE D 233 27.60 -16.02 3.38
N GLY D 234 27.55 -17.11 4.13
CA GLY D 234 28.40 -18.25 3.84
C GLY D 234 29.73 -18.08 4.54
N GLU D 235 30.82 -18.19 3.78
CA GLU D 235 32.19 -18.02 4.28
C GLU D 235 32.50 -18.97 5.44
N THR D 236 31.90 -20.15 5.41
CA THR D 236 32.13 -21.21 6.40
C THR D 236 32.81 -22.39 5.74
N PRO D 237 33.51 -23.22 6.51
CA PRO D 237 34.07 -24.46 5.95
C PRO D 237 32.97 -25.34 5.39
N PRO D 238 33.21 -25.99 4.25
CA PRO D 238 32.16 -26.78 3.63
C PRO D 238 31.85 -28.02 4.45
N PRO D 239 30.63 -28.54 4.37
CA PRO D 239 30.28 -29.76 5.10
C PRO D 239 31.02 -30.97 4.54
N VAL D 240 31.19 -31.97 5.39
CA VAL D 240 31.90 -33.19 5.01
C VAL D 240 30.95 -34.37 5.07
N ARG D 241 29.98 -34.33 5.98
CA ARG D 241 29.04 -35.42 6.18
C ARG D 241 27.69 -35.09 5.56
N ASP D 242 26.92 -36.15 5.30
CA ASP D 242 25.59 -35.98 4.73
C ASP D 242 24.67 -35.20 5.67
N SER D 243 24.73 -35.50 6.97
CA SER D 243 23.93 -34.76 7.95
C SER D 243 24.34 -33.30 7.99
N GLU D 244 25.65 -33.03 7.88
CA GLU D 244 26.12 -31.64 7.84
C GLU D 244 25.59 -30.90 6.62
N TYR D 245 25.64 -31.55 5.44
CA TYR D 245 25.10 -30.92 4.23
C TYR D 245 23.61 -30.66 4.36
N VAL D 246 22.87 -31.62 4.91
CA VAL D 246 21.42 -31.46 5.06
C VAL D 246 21.10 -30.33 6.03
N PHE D 247 21.82 -30.26 7.15
CA PHE D 247 21.57 -29.19 8.12
C PHE D 247 21.96 -27.84 7.56
N VAL D 248 23.03 -27.77 6.77
CA VAL D 248 23.42 -26.51 6.14
C VAL D 248 22.35 -26.06 5.14
N VAL D 249 21.80 -26.99 4.36
CA VAL D 249 20.74 -26.66 3.43
C VAL D 249 19.51 -26.15 4.17
N VAL D 250 19.12 -26.85 5.25
CA VAL D 250 17.94 -26.47 6.01
C VAL D 250 18.13 -25.12 6.67
N ASP D 251 19.33 -24.86 7.20
CA ASP D 251 19.55 -23.60 7.90
C ASP D 251 19.69 -22.44 6.93
N PHE D 252 20.25 -22.67 5.74
CA PHE D 252 20.25 -21.60 4.73
C PHE D 252 18.84 -21.31 4.24
N LEU D 253 18.01 -22.35 4.13
CA LEU D 253 16.61 -22.12 3.77
C LEU D 253 15.87 -21.36 4.87
N ILE D 254 16.19 -21.64 6.13
CA ILE D 254 15.63 -20.89 7.25
C ILE D 254 16.07 -19.43 7.18
N GLY D 255 17.35 -19.20 6.88
CA GLY D 255 17.83 -17.83 6.77
C GLY D 255 17.22 -17.07 5.61
N VAL D 256 16.98 -17.76 4.49
CA VAL D 256 16.39 -17.10 3.33
C VAL D 256 14.90 -16.84 3.56
N LEU D 257 14.20 -17.78 4.20
CA LEU D 257 12.75 -17.68 4.33
C LEU D 257 12.33 -16.98 5.63
N ILE D 258 12.71 -17.55 6.77
CA ILE D 258 12.24 -17.02 8.06
C ILE D 258 13.02 -15.78 8.45
N PHE D 259 14.35 -15.85 8.36
CA PHE D 259 15.20 -14.75 8.81
C PHE D 259 15.04 -13.52 7.91
N ALA D 260 15.13 -13.73 6.59
CA ALA D 260 15.10 -12.60 5.67
C ALA D 260 13.72 -11.95 5.58
N THR D 261 12.66 -12.68 5.93
CA THR D 261 11.34 -12.04 6.02
C THR D 261 11.30 -11.04 7.17
N ILE D 262 11.83 -11.41 8.32
CA ILE D 262 11.93 -10.49 9.45
C ILE D 262 12.85 -9.32 9.10
N VAL D 263 13.91 -9.61 8.34
CA VAL D 263 14.83 -8.57 7.91
C VAL D 263 14.12 -7.57 7.00
N GLY D 264 13.34 -8.07 6.03
CA GLY D 264 12.56 -7.18 5.19
C GLY D 264 11.49 -6.42 5.93
N ASN D 265 10.91 -7.03 6.96
CA ASN D 265 9.96 -6.32 7.81
C ASN D 265 10.62 -5.15 8.52
N ILE D 266 11.83 -5.37 9.04
CA ILE D 266 12.56 -4.27 9.68
C ILE D 266 12.93 -3.20 8.66
N GLY D 267 13.31 -3.61 7.45
CA GLY D 267 13.61 -2.63 6.41
C GLY D 267 12.42 -1.77 6.04
N SER D 268 11.24 -2.40 5.91
CA SER D 268 10.03 -1.65 5.61
C SER D 268 9.62 -0.76 6.78
N MET D 269 9.85 -1.22 8.01
CA MET D 269 9.47 -0.42 9.18
C MET D 269 10.39 0.78 9.36
N ILE D 270 11.69 0.62 9.12
CA ILE D 270 12.61 1.75 9.15
C ILE D 270 12.31 2.70 8.00
N SER D 271 11.98 2.15 6.82
CA SER D 271 11.60 2.99 5.69
C SER D 271 10.30 3.74 5.95
N ASN D 272 9.40 3.17 6.75
CA ASN D 272 8.10 3.77 7.04
C ASN D 272 7.99 4.25 8.48
N MET D 273 9.10 4.76 9.03
CA MET D 273 9.05 5.35 10.36
C MET D 273 8.26 6.66 10.36
N ASN D 274 8.51 7.51 9.37
CA ASN D 274 7.82 8.79 9.24
C ASN D 274 6.69 8.67 8.22
N ALA D 275 5.61 8.03 8.64
CA ALA D 275 4.47 7.80 7.75
C ALA D 275 3.78 9.11 7.38
N ALA D 276 3.56 9.99 8.36
CA ALA D 276 2.94 11.27 8.08
C ALA D 276 3.83 12.14 7.18
N ARG D 277 5.14 12.13 7.44
CA ARG D 277 6.07 12.86 6.59
C ARG D 277 6.10 12.27 5.19
N ALA D 278 6.03 10.94 5.07
CA ALA D 278 5.98 10.31 3.76
C ALA D 278 4.73 10.69 2.99
N GLU D 279 3.57 10.72 3.66
CA GLU D 279 2.34 11.15 2.99
C GLU D 279 2.40 12.61 2.58
N PHE D 280 2.94 13.47 3.45
CA PHE D 280 3.10 14.88 3.11
C PHE D 280 4.01 15.05 1.90
N GLN D 281 5.14 14.34 1.88
CA GLN D 281 6.07 14.43 0.76
C GLN D 281 5.44 13.89 -0.52
N ALA D 282 4.62 12.83 -0.42
CA ALA D 282 3.92 12.32 -1.59
C ALA D 282 2.96 13.36 -2.16
N ARG D 283 2.25 14.08 -1.28
CA ARG D 283 1.42 15.20 -1.72
C ARG D 283 2.25 16.27 -2.40
N ILE D 284 3.44 16.57 -1.86
CA ILE D 284 4.32 17.57 -2.46
C ILE D 284 4.75 17.13 -3.86
N ASP D 285 5.12 15.86 -4.01
CA ASP D 285 5.54 15.37 -5.31
C ASP D 285 4.41 15.42 -6.32
N ALA D 286 3.19 15.04 -5.89
CA ALA D 286 2.05 15.08 -6.79
C ALA D 286 1.76 16.51 -7.26
N ILE D 287 1.76 17.47 -6.33
CA ILE D 287 1.45 18.85 -6.69
C ILE D 287 2.57 19.45 -7.55
N LYS D 288 3.83 19.11 -7.25
CA LYS D 288 4.95 19.63 -8.03
C LYS D 288 4.95 19.04 -9.44
N GLN D 289 4.62 17.76 -9.58
CA GLN D 289 4.51 17.16 -10.91
C GLN D 289 3.36 17.79 -11.69
N TYR D 290 2.25 18.07 -11.01
CA TYR D 290 1.14 18.76 -11.67
C TYR D 290 1.56 20.15 -12.15
N MET D 291 2.31 20.88 -11.32
CA MET D 291 2.74 22.22 -11.70
C MET D 291 3.77 22.18 -12.83
N HIS D 292 4.66 21.18 -12.82
CA HIS D 292 5.64 21.05 -13.89
C HIS D 292 4.97 20.68 -15.21
N PHE D 293 3.97 19.79 -15.17
CA PHE D 293 3.27 19.41 -16.39
C PHE D 293 2.44 20.57 -16.95
N ARG D 294 1.82 21.35 -16.07
CA ARG D 294 0.94 22.43 -16.49
C ARG D 294 1.67 23.72 -16.81
N ASN D 295 2.99 23.74 -16.66
CA ASN D 295 3.83 24.91 -16.96
C ASN D 295 3.39 26.13 -16.16
N VAL D 296 3.10 25.93 -14.87
CA VAL D 296 2.74 27.03 -14.00
C VAL D 296 3.96 27.92 -13.77
N SER D 297 3.71 29.21 -13.55
CA SER D 297 4.78 30.18 -13.38
C SER D 297 5.59 29.88 -12.11
N LYS D 298 6.85 30.30 -12.12
CA LYS D 298 7.75 29.99 -11.02
C LYS D 298 7.34 30.70 -9.73
N ASP D 299 6.71 31.88 -9.85
CA ASP D 299 6.26 32.59 -8.65
C ASP D 299 5.17 31.81 -7.93
N MET D 300 4.22 31.24 -8.68
CA MET D 300 3.17 30.44 -8.06
C MET D 300 3.72 29.17 -7.42
N GLU D 301 4.68 28.53 -8.08
CA GLU D 301 5.33 27.36 -7.50
C GLU D 301 6.08 27.72 -6.22
N LYS D 302 6.75 28.87 -6.21
CA LYS D 302 7.43 29.33 -5.00
C LYS D 302 6.44 29.61 -3.88
N ARG D 303 5.28 30.18 -4.21
CA ARG D 303 4.26 30.42 -3.20
C ARG D 303 3.71 29.12 -2.63
N VAL D 304 3.50 28.12 -3.50
CA VAL D 304 3.03 26.81 -3.03
C VAL D 304 4.07 26.16 -2.12
N ILE D 305 5.35 26.24 -2.51
CA ILE D 305 6.42 25.68 -1.70
C ILE D 305 6.50 26.38 -0.34
N LYS D 306 6.34 27.71 -0.34
CA LYS D 306 6.35 28.46 0.92
C LYS D 306 5.17 28.06 1.81
N TRP D 307 3.98 27.89 1.21
CA TRP D 307 2.81 27.47 1.98
C TRP D 307 3.01 26.10 2.59
N PHE D 308 3.57 25.16 1.83
CA PHE D 308 3.76 23.81 2.36
C PHE D 308 4.90 23.76 3.36
N ASP D 309 5.91 24.62 3.21
CA ASP D 309 6.95 24.75 4.23
C ASP D 309 6.35 25.28 5.53
N TYR D 310 5.42 26.24 5.43
CA TYR D 310 4.71 26.71 6.61
C TYR D 310 3.90 25.59 7.24
N LEU D 311 3.24 24.78 6.42
CA LEU D 311 2.43 23.67 6.93
C LEU D 311 3.29 22.65 7.67
N TRP D 312 4.46 22.32 7.10
CA TRP D 312 5.32 21.32 7.72
C TRP D 312 6.05 21.85 8.94
N THR D 313 6.45 23.12 8.93
CA THR D 313 7.25 23.67 10.02
C THR D 313 6.46 23.72 11.33
N ASN D 314 5.19 24.09 11.26
CA ASN D 314 4.34 24.17 12.44
C ASN D 314 3.55 22.88 12.68
N LYS D 315 3.89 21.80 11.98
CA LYS D 315 3.24 20.49 12.12
C LYS D 315 1.73 20.59 11.89
N LYS D 316 1.34 21.33 10.86
CA LYS D 316 -0.05 21.39 10.44
C LYS D 316 -0.36 20.41 9.32
N THR D 317 0.60 19.56 8.95
CA THR D 317 0.38 18.60 7.87
C THR D 317 -0.56 17.48 8.26
N VAL D 318 -0.70 17.18 9.55
CA VAL D 318 -1.60 16.13 10.00
C VAL D 318 -3.02 16.67 10.06
N ASP D 319 -3.97 15.85 9.62
CA ASP D 319 -5.39 16.21 9.62
C ASP D 319 -6.09 15.32 10.64
N GLU D 320 -6.59 15.94 11.72
CA GLU D 320 -7.30 15.18 12.74
C GLU D 320 -8.67 14.73 12.29
N LYS D 321 -9.19 15.25 11.18
CA LYS D 321 -10.45 14.75 10.65
C LYS D 321 -10.30 13.32 10.12
N GLU D 322 -9.18 13.03 9.46
CA GLU D 322 -8.90 11.69 8.97
C GLU D 322 -8.14 10.83 9.95
N VAL D 323 -7.60 11.41 11.02
CA VAL D 323 -6.86 10.65 12.02
C VAL D 323 -7.78 10.20 13.17
N LEU D 324 -8.59 11.11 13.69
CA LEU D 324 -9.45 10.83 14.82
C LEU D 324 -10.79 10.21 14.43
N LYS D 325 -11.02 9.99 13.14
CA LYS D 325 -12.30 9.43 12.71
C LYS D 325 -12.48 7.98 13.13
N TYR D 326 -11.38 7.28 13.42
CA TYR D 326 -11.48 5.90 13.92
C TYR D 326 -11.82 5.86 15.40
N LEU D 327 -11.67 6.97 16.11
CA LEU D 327 -12.03 7.04 17.52
C LEU D 327 -13.54 7.12 17.68
N PRO D 328 -14.06 6.71 18.83
CA PRO D 328 -15.48 6.95 19.12
C PRO D 328 -15.77 8.45 19.24
N ASP D 329 -17.03 8.80 18.99
CA ASP D 329 -17.42 10.21 18.96
C ASP D 329 -17.26 10.86 20.34
N LYS D 330 -17.53 10.11 21.41
CA LYS D 330 -17.32 10.63 22.76
C LYS D 330 -15.86 10.95 23.00
N LEU D 331 -14.97 10.00 22.71
CA LEU D 331 -13.56 10.21 22.98
C LEU D 331 -12.95 11.23 22.04
N ARG D 332 -13.42 11.26 20.77
CA ARG D 332 -12.96 12.27 19.84
C ARG D 332 -13.38 13.67 20.29
N ALA D 333 -14.62 13.80 20.80
CA ALA D 333 -15.07 15.09 21.32
C ALA D 333 -14.27 15.49 22.54
N GLU D 334 -13.96 14.53 23.42
CA GLU D 334 -13.15 14.83 24.60
C GLU D 334 -11.74 15.29 24.21
N ILE D 335 -11.15 14.63 23.21
CA ILE D 335 -9.83 15.05 22.72
C ILE D 335 -9.89 16.43 22.12
N ALA D 336 -10.94 16.72 21.34
CA ALA D 336 -11.09 18.04 20.74
C ALA D 336 -11.28 19.12 21.79
N ILE D 337 -11.98 18.80 22.88
CA ILE D 337 -12.11 19.74 23.99
C ILE D 337 -10.75 19.96 24.65
N ASN D 338 -10.05 18.88 24.95
CA ASN D 338 -8.76 18.95 25.63
C ASN D 338 -7.66 19.67 24.86
N VAL D 339 -7.64 19.49 23.55
CA VAL D 339 -6.60 20.10 22.71
C VAL D 339 -6.78 21.61 22.64
N HIS D 340 -8.01 22.06 22.40
CA HIS D 340 -8.30 23.48 22.19
C HIS D 340 -8.89 24.14 23.43
N LEU D 341 -8.45 23.73 24.63
CA LEU D 341 -9.07 24.23 25.86
C LEU D 341 -8.81 25.72 26.06
N ASP D 342 -7.69 26.22 25.55
CA ASP D 342 -7.35 27.62 25.77
C ASP D 342 -8.14 28.57 24.88
N THR D 343 -8.38 28.17 23.62
CA THR D 343 -8.95 29.10 22.65
C THR D 343 -10.47 29.17 22.70
N LEU D 344 -11.16 28.09 23.07
CA LEU D 344 -12.62 28.15 23.14
C LEU D 344 -13.10 28.91 24.37
N LYS D 345 -12.35 28.87 25.47
CA LYS D 345 -12.72 29.63 26.66
C LYS D 345 -12.61 31.14 26.44
N LYS D 346 -11.75 31.57 25.51
CA LYS D 346 -11.64 32.97 25.17
C LYS D 346 -12.78 33.47 24.28
N VAL D 347 -13.54 32.56 23.68
CA VAL D 347 -14.68 32.95 22.85
C VAL D 347 -15.86 33.30 23.74
N ARG D 348 -16.47 34.45 23.48
CA ARG D 348 -17.48 35.00 24.37
C ARG D 348 -18.90 34.49 24.07
N ILE D 349 -19.09 33.74 22.98
CA ILE D 349 -20.43 33.28 22.64
C ILE D 349 -20.83 31.98 23.34
N PHE D 350 -19.87 31.26 23.93
CA PHE D 350 -20.18 30.07 24.71
C PHE D 350 -19.19 29.97 25.86
N ALA D 351 -19.41 28.96 26.71
CA ALA D 351 -18.60 28.72 27.91
C ALA D 351 -18.58 29.94 28.83
N ASP D 352 -19.71 30.64 28.92
CA ASP D 352 -19.82 31.83 29.76
C ASP D 352 -20.85 31.68 30.87
N CYS D 353 -22.09 31.31 30.52
CA CYS D 353 -23.14 31.24 31.52
C CYS D 353 -22.95 30.05 32.46
N GLU D 354 -22.69 28.86 31.89
CA GLU D 354 -22.52 27.66 32.70
C GLU D 354 -21.32 26.82 32.30
N ALA D 355 -20.56 27.21 31.27
CA ALA D 355 -19.40 26.47 30.76
C ALA D 355 -19.78 25.03 30.40
N GLY D 356 -20.92 24.88 29.74
CA GLY D 356 -21.41 23.57 29.34
C GLY D 356 -21.82 23.50 27.88
N LEU D 357 -21.90 24.65 27.22
CA LEU D 357 -22.31 24.67 25.82
C LEU D 357 -21.18 24.19 24.91
N LEU D 358 -19.93 24.30 25.37
CA LEU D 358 -18.77 24.01 24.53
C LEU D 358 -18.71 22.55 24.09
N VAL D 359 -19.39 21.65 24.80
CA VAL D 359 -19.29 20.22 24.49
C VAL D 359 -19.95 19.90 23.15
N GLU D 360 -21.07 20.56 22.86
CA GLU D 360 -21.85 20.18 21.68
C GLU D 360 -21.20 20.65 20.38
N LEU D 361 -20.70 21.88 20.34
CA LEU D 361 -20.21 22.44 19.07
C LEU D 361 -18.73 22.20 18.85
N VAL D 362 -18.04 21.52 19.76
CA VAL D 362 -16.62 21.25 19.57
C VAL D 362 -16.41 20.21 18.46
N LEU D 363 -17.37 19.30 18.28
CA LEU D 363 -17.25 18.31 17.21
C LEU D 363 -17.52 18.94 15.84
N LYS D 364 -18.32 20.00 15.80
CA LYS D 364 -18.66 20.66 14.55
C LYS D 364 -17.62 21.69 14.12
N LEU D 365 -16.58 21.92 14.93
CA LEU D 365 -15.51 22.82 14.52
C LEU D 365 -14.68 22.17 13.42
N GLN D 366 -14.47 22.90 12.33
CA GLN D 366 -13.71 22.41 11.18
C GLN D 366 -12.53 23.34 11.04
N PRO D 367 -11.30 22.90 11.31
CA PRO D 367 -10.16 23.82 11.30
C PRO D 367 -9.73 24.19 9.89
N GLN D 368 -9.47 25.48 9.70
CA GLN D 368 -9.02 26.02 8.42
C GLN D 368 -7.79 26.87 8.63
N VAL D 369 -6.91 26.87 7.64
CA VAL D 369 -5.66 27.63 7.67
C VAL D 369 -5.66 28.58 6.49
N TYR D 370 -5.35 29.86 6.75
CA TYR D 370 -5.36 30.89 5.72
C TYR D 370 -3.99 31.56 5.64
N SER D 371 -3.55 31.82 4.41
CA SER D 371 -2.29 32.51 4.18
C SER D 371 -2.44 34.00 4.48
N PRO D 372 -1.33 34.71 4.72
CA PRO D 372 -1.41 36.16 4.85
C PRO D 372 -1.84 36.80 3.54
N GLY D 373 -2.58 37.91 3.66
CA GLY D 373 -3.10 38.58 2.49
C GLY D 373 -4.28 37.89 1.85
N ASP D 374 -4.89 36.92 2.53
CA ASP D 374 -6.02 36.17 2.00
C ASP D 374 -7.32 36.72 2.57
N TYR D 375 -8.25 37.06 1.70
CA TYR D 375 -9.56 37.58 2.11
C TYR D 375 -10.42 36.38 2.49
N ILE D 376 -10.54 36.12 3.79
CA ILE D 376 -11.35 35.00 4.24
C ILE D 376 -12.83 35.29 4.00
N CYS D 377 -13.27 36.53 4.19
CA CYS D 377 -14.65 36.91 3.95
C CYS D 377 -14.68 38.06 2.95
N LYS D 378 -15.56 37.95 1.95
CA LYS D 378 -15.72 38.99 0.95
C LYS D 378 -17.12 39.60 1.06
N LYS D 379 -17.22 40.87 0.68
CA LYS D 379 -18.48 41.58 0.77
C LYS D 379 -19.48 41.04 -0.25
N GLY D 380 -20.70 40.79 0.21
CA GLY D 380 -21.76 40.32 -0.65
C GLY D 380 -21.81 38.82 -0.87
N ASP D 381 -20.85 38.08 -0.35
CA ASP D 381 -20.85 36.63 -0.50
C ASP D 381 -21.90 35.99 0.41
N ILE D 382 -22.49 34.89 -0.07
CA ILE D 382 -23.48 34.15 0.69
C ILE D 382 -22.70 33.13 1.53
N GLY D 383 -22.29 33.56 2.72
CA GLY D 383 -21.49 32.71 3.56
C GLY D 383 -22.32 31.58 4.16
N ARG D 384 -21.82 30.35 4.05
CA ARG D 384 -22.49 29.18 4.59
C ARG D 384 -21.87 28.69 5.89
N GLU D 385 -21.00 29.49 6.51
CA GLU D 385 -20.33 29.07 7.73
C GLU D 385 -19.92 30.30 8.53
N MET D 386 -19.66 30.06 9.82
CA MET D 386 -19.19 31.09 10.74
C MET D 386 -17.79 30.73 11.21
N TYR D 387 -16.88 31.69 11.16
CA TYR D 387 -15.47 31.45 11.44
C TYR D 387 -15.13 31.94 12.84
N ILE D 388 -14.50 31.07 13.64
CA ILE D 388 -14.06 31.40 14.99
C ILE D 388 -12.54 31.43 15.00
N ILE D 389 -11.98 32.60 15.33
CA ILE D 389 -10.53 32.79 15.27
C ILE D 389 -9.88 32.13 16.48
N LYS D 390 -8.99 31.19 16.22
CA LYS D 390 -8.15 30.57 17.25
C LYS D 390 -6.72 31.07 17.22
N GLU D 391 -6.13 31.15 16.03
CA GLU D 391 -4.79 31.68 15.85
C GLU D 391 -4.79 32.68 14.72
N GLY D 392 -3.89 33.65 14.79
CA GLY D 392 -3.75 34.63 13.74
C GLY D 392 -4.47 35.93 14.06
N LYS D 393 -4.04 36.99 13.36
CA LYS D 393 -4.66 38.31 13.48
C LYS D 393 -5.37 38.65 12.18
N LEU D 394 -6.64 39.00 12.28
CA LEU D 394 -7.48 39.28 11.13
C LEU D 394 -7.95 40.73 11.16
N ALA D 395 -8.17 41.29 9.97
CA ALA D 395 -8.48 42.70 9.82
C ALA D 395 -9.79 42.89 9.07
N VAL D 396 -10.59 43.85 9.54
CA VAL D 396 -11.78 44.32 8.83
C VAL D 396 -11.32 45.31 7.78
N VAL D 397 -11.54 45.00 6.51
CA VAL D 397 -10.90 45.71 5.42
C VAL D 397 -11.89 46.69 4.81
N ALA D 398 -11.38 47.80 4.26
CA ALA D 398 -12.21 48.75 3.53
C ALA D 398 -12.51 48.22 2.13
N ASP D 399 -13.11 49.05 1.28
CA ASP D 399 -13.43 48.61 -0.07
C ASP D 399 -12.19 48.56 -0.95
N ASP D 400 -11.26 49.51 -0.77
CA ASP D 400 -10.06 49.55 -1.61
C ASP D 400 -9.09 48.44 -1.28
N GLY D 401 -9.02 48.03 -0.01
CA GLY D 401 -8.08 47.01 0.42
C GLY D 401 -6.85 47.51 1.13
N VAL D 402 -6.77 48.81 1.43
CA VAL D 402 -5.62 49.38 2.10
C VAL D 402 -5.93 49.73 3.56
N THR D 403 -7.09 50.33 3.80
CA THR D 403 -7.45 50.79 5.15
C THR D 403 -8.10 49.65 5.92
N GLN D 404 -7.57 49.37 7.10
CA GLN D 404 -8.11 48.35 8.00
C GLN D 404 -8.68 49.02 9.25
N PHE D 405 -9.95 48.74 9.54
CA PHE D 405 -10.61 49.39 10.66
C PHE D 405 -10.28 48.71 11.99
N VAL D 406 -10.66 47.44 12.13
CA VAL D 406 -10.53 46.72 13.38
C VAL D 406 -9.67 45.48 13.14
N VAL D 407 -8.65 45.31 13.98
CA VAL D 407 -7.78 44.14 13.93
C VAL D 407 -8.31 43.13 14.95
N LEU D 408 -8.63 41.93 14.48
CA LEU D 408 -9.22 40.89 15.32
C LEU D 408 -8.13 39.95 15.80
N SER D 409 -8.00 39.83 17.11
CA SER D 409 -7.00 38.95 17.71
C SER D 409 -7.58 37.55 17.86
N ASP D 410 -6.89 36.70 18.61
CA ASP D 410 -7.37 35.34 18.83
C ASP D 410 -8.58 35.33 19.77
N GLY D 411 -9.43 34.33 19.60
CA GLY D 411 -10.63 34.20 20.41
C GLY D 411 -11.77 35.10 20.01
N SER D 412 -11.63 35.87 18.93
CA SER D 412 -12.65 36.81 18.50
C SER D 412 -13.46 36.18 17.37
N TYR D 413 -14.75 35.98 17.60
CA TYR D 413 -15.64 35.41 16.60
C TYR D 413 -16.02 36.47 15.57
N PHE D 414 -16.29 36.01 14.35
CA PHE D 414 -16.77 36.90 13.30
C PHE D 414 -17.51 36.06 12.27
N GLY D 415 -18.13 36.74 11.32
CA GLY D 415 -18.89 36.06 10.29
C GLY D 415 -20.20 35.48 10.76
N GLU D 416 -20.78 36.02 11.82
CA GLU D 416 -22.01 35.49 12.40
C GLU D 416 -23.26 36.19 11.87
N ILE D 417 -23.12 37.09 10.90
CA ILE D 417 -24.29 37.79 10.37
C ILE D 417 -25.03 36.94 9.34
N SER D 418 -24.29 36.41 8.36
CA SER D 418 -24.93 35.74 7.23
C SER D 418 -25.48 34.36 7.59
N ILE D 419 -25.07 33.79 8.73
CA ILE D 419 -25.51 32.44 9.06
C ILE D 419 -26.99 32.42 9.44
N LEU D 420 -27.45 33.42 10.20
CA LEU D 420 -28.85 33.47 10.62
C LEU D 420 -29.46 34.80 10.19
N ASN D 421 -30.70 34.74 9.73
CA ASN D 421 -31.44 35.93 9.34
C ASN D 421 -32.15 36.53 10.54
N ILE D 422 -32.09 37.85 10.66
CA ILE D 422 -32.72 38.57 11.75
C ILE D 422 -33.60 39.66 11.18
N LYS D 423 -34.71 39.94 11.88
CA LYS D 423 -35.69 40.90 11.39
C LYS D 423 -35.14 42.32 11.48
N GLY D 424 -35.44 43.12 10.46
CA GLY D 424 -35.00 44.50 10.44
C GLY D 424 -33.54 44.71 10.07
N SER D 425 -32.97 43.79 9.29
CA SER D 425 -31.57 43.88 8.90
C SER D 425 -31.45 43.80 7.39
N LYS D 426 -30.48 44.53 6.85
CA LYS D 426 -30.18 44.52 5.43
C LYS D 426 -29.13 43.47 5.12
N ALA D 427 -29.31 42.78 3.99
CA ALA D 427 -28.40 41.72 3.52
C ALA D 427 -28.24 40.62 4.56
N GLY D 428 -29.37 39.96 4.86
CA GLY D 428 -29.35 38.89 5.85
C GLY D 428 -28.55 37.68 5.41
N ASN D 429 -28.57 37.37 4.11
CA ASN D 429 -27.85 36.24 3.57
C ASN D 429 -26.50 36.63 2.97
N ARG D 430 -26.05 37.86 3.19
CA ARG D 430 -24.80 38.35 2.65
C ARG D 430 -23.94 38.92 3.78
N ARG D 431 -22.63 38.89 3.56
CA ARG D 431 -21.69 39.44 4.54
C ARG D 431 -21.77 40.97 4.55
N THR D 432 -21.84 41.55 5.75
CA THR D 432 -21.88 43.00 5.87
C THR D 432 -20.51 43.63 5.65
N ALA D 433 -19.43 42.92 5.96
CA ALA D 433 -18.09 43.44 5.81
C ALA D 433 -17.17 42.34 5.28
N ASN D 434 -16.02 42.77 4.77
CA ASN D 434 -15.01 41.84 4.28
C ASN D 434 -13.83 41.78 5.24
N ILE D 435 -13.33 40.56 5.45
CA ILE D 435 -12.33 40.24 6.45
C ILE D 435 -11.16 39.59 5.74
N LYS D 436 -9.95 40.06 6.04
CA LYS D 436 -8.73 39.46 5.51
C LYS D 436 -7.84 39.00 6.65
N SER D 437 -6.89 38.12 6.33
CA SER D 437 -5.93 37.62 7.29
C SER D 437 -4.62 38.40 7.12
N ILE D 438 -4.21 39.11 8.17
CA ILE D 438 -2.94 39.83 8.13
C ILE D 438 -1.78 38.85 8.08
N GLY D 439 -1.82 37.81 8.89
CA GLY D 439 -0.82 36.77 8.86
C GLY D 439 -1.44 35.40 8.68
N TYR D 440 -0.70 34.35 8.99
CA TYR D 440 -1.25 33.00 8.95
C TYR D 440 -2.27 32.84 10.08
N SER D 441 -3.44 32.31 9.75
CA SER D 441 -4.52 32.16 10.73
C SER D 441 -5.00 30.72 10.75
N ASP D 442 -5.01 30.12 11.93
CA ASP D 442 -5.53 28.77 12.15
C ASP D 442 -6.83 28.91 12.91
N LEU D 443 -7.94 28.98 12.17
CA LEU D 443 -9.24 29.26 12.75
C LEU D 443 -10.24 28.19 12.34
N PHE D 444 -11.17 27.90 13.25
CA PHE D 444 -12.25 26.97 12.96
C PHE D 444 -13.35 27.67 12.16
N CYS D 445 -14.15 26.86 11.47
CA CYS D 445 -15.32 27.36 10.73
C CYS D 445 -16.53 26.54 11.15
N LEU D 446 -17.43 27.18 11.90
CA LEU D 446 -18.68 26.54 12.29
C LEU D 446 -19.70 26.67 11.17
N SER D 447 -20.28 25.55 10.75
CA SER D 447 -21.21 25.56 9.65
C SER D 447 -22.53 26.22 10.05
N LYS D 448 -23.27 26.66 9.03
CA LYS D 448 -24.54 27.34 9.26
C LYS D 448 -25.58 26.39 9.83
N ASP D 449 -25.68 25.18 9.25
CA ASP D 449 -26.73 24.25 9.65
C ASP D 449 -26.46 23.65 11.02
N ASP D 450 -25.19 23.36 11.33
CA ASP D 450 -24.87 22.70 12.59
C ASP D 450 -25.05 23.62 13.78
N LEU D 451 -24.83 24.93 13.60
CA LEU D 451 -25.00 25.86 14.70
C LEU D 451 -26.47 26.02 15.08
N MET D 452 -27.38 25.88 14.10
CA MET D 452 -28.81 25.99 14.39
C MET D 452 -29.27 24.91 15.36
N GLU D 453 -28.74 23.70 15.22
CA GLU D 453 -29.10 22.61 16.13
C GLU D 453 -28.63 22.90 17.55
N ALA D 454 -27.42 23.45 17.69
CA ALA D 454 -26.87 23.71 19.03
C ALA D 454 -27.44 24.99 19.65
N LEU D 455 -27.73 26.01 18.83
CA LEU D 455 -28.18 27.28 19.37
C LEU D 455 -29.63 27.24 19.85
N THR D 456 -30.44 26.31 19.34
CA THR D 456 -31.82 26.19 19.80
C THR D 456 -31.91 25.70 21.24
N GLU D 457 -30.86 25.08 21.76
CA GLU D 457 -30.89 24.60 23.14
C GLU D 457 -30.88 25.77 24.13
N TYR D 458 -30.04 26.78 23.89
CA TYR D 458 -29.89 27.89 24.81
C TYR D 458 -30.38 29.18 24.16
N PRO D 459 -31.60 29.63 24.46
CA PRO D 459 -32.09 30.89 23.86
C PRO D 459 -31.32 32.13 24.27
N ASP D 460 -30.66 32.11 25.45
CA ASP D 460 -29.89 33.27 25.88
C ASP D 460 -28.71 33.53 24.95
N ALA D 461 -28.03 32.46 24.52
CA ALA D 461 -26.96 32.62 23.54
C ALA D 461 -27.50 33.14 22.21
N LYS D 462 -28.68 32.67 21.81
CA LYS D 462 -29.31 33.12 20.57
C LYS D 462 -29.58 34.62 20.62
N THR D 463 -30.20 35.09 21.71
CA THR D 463 -30.54 36.52 21.78
C THR D 463 -29.30 37.38 22.00
N MET D 464 -28.26 36.85 22.67
CA MET D 464 -27.01 37.59 22.79
C MET D 464 -26.35 37.75 21.42
N LEU D 465 -26.32 36.68 20.63
CA LEU D 465 -25.76 36.76 19.29
C LEU D 465 -26.56 37.71 18.40
N GLU D 466 -27.89 37.67 18.51
CA GLU D 466 -28.72 38.56 17.71
C GLU D 466 -28.54 40.01 18.13
N GLU D 467 -28.40 40.28 19.43
CA GLU D 467 -28.16 41.64 19.89
C GLU D 467 -26.82 42.16 19.41
N LYS D 468 -25.76 41.33 19.48
CA LYS D 468 -24.46 41.75 18.99
C LYS D 468 -24.48 41.97 17.49
N GLY D 469 -25.21 41.12 16.75
CA GLY D 469 -25.33 41.31 15.31
C GLY D 469 -26.05 42.59 14.95
N LYS D 470 -27.13 42.90 15.67
CA LYS D 470 -27.83 44.16 15.43
C LYS D 470 -26.95 45.36 15.78
N GLN D 471 -26.18 45.24 16.86
CA GLN D 471 -25.29 46.33 17.27
C GLN D 471 -24.21 46.59 16.21
N ILE D 472 -23.66 45.54 15.62
CA ILE D 472 -22.62 45.73 14.60
C ILE D 472 -23.19 45.97 13.21
N LEU D 473 -24.49 45.71 13.00
CA LEU D 473 -25.10 45.91 11.70
C LEU D 473 -25.81 47.25 11.57
N MET D 474 -26.21 47.87 12.68
CA MET D 474 -26.91 49.15 12.62
C MET D 474 -26.03 50.25 12.05
N LYS D 475 -24.71 50.13 12.18
CA LYS D 475 -23.79 51.13 11.63
C LYS D 475 -23.22 50.65 10.31
PA PCG E . -35.15 9.33 23.27
O1A PCG E . -35.70 10.48 24.01
O2A PCG E . -35.11 9.39 21.79
O5' PCG E . -33.63 9.04 23.79
C5' PCG E . -33.43 8.49 25.12
C4' PCG E . -34.29 7.22 25.26
O4' PCG E . -34.28 6.56 26.54
C3' PCG E . -35.74 7.55 25.08
O3' PCG E . -35.92 7.97 23.73
C2' PCG E . -36.40 6.25 25.41
O2' PCG E . -36.38 5.38 24.28
C1' PCG E . -35.44 5.64 26.47
N9 PCG E . -36.05 5.47 27.81
C8 PCG E . -36.02 4.34 28.55
N7 PCG E . -36.68 4.55 29.70
C5 PCG E . -37.12 5.81 29.70
C6 PCG E . -37.85 6.55 30.62
O6 PCG E . -38.20 6.05 31.70
N1 PCG E . -38.17 7.89 30.33
C2 PCG E . -37.74 8.45 29.09
N2 PCG E . -38.04 9.71 28.80
N3 PCG E . -37.04 7.69 28.23
C4 PCG E . -36.72 6.39 28.50
PA PCG F . -44.16 -9.67 -9.30
O1A PCG F . -45.47 -10.07 -8.72
O2A PCG F . -43.63 -8.32 -9.02
O5' PCG F . -43.03 -10.75 -8.81
C5' PCG F . -43.06 -12.10 -9.36
C4' PCG F . -43.06 -12.02 -10.89
O4' PCG F . -43.17 -13.25 -11.63
C3' PCG F . -44.28 -11.28 -11.35
O3' PCG F . -44.17 -9.92 -10.92
C2' PCG F . -44.21 -11.45 -12.85
O2' PCG F . -43.32 -10.49 -13.41
C1' PCG F . -43.53 -12.84 -12.99
N9 PCG F . -44.41 -13.85 -13.63
C8 PCG F . -44.25 -14.36 -14.87
N7 PCG F . -45.21 -15.25 -15.12
C5 PCG F . -45.99 -15.32 -14.05
C6 PCG F . -47.12 -16.07 -13.75
O6 PCG F . -47.59 -16.87 -14.57
N1 PCG F . -47.73 -15.92 -12.49
C2 PCG F . -47.19 -15.01 -11.56
N2 PCG F . -47.76 -14.86 -10.36
N3 PCG F . -46.08 -14.30 -11.88
C4 PCG F . -45.48 -14.44 -13.10
PA PCG G . -28.70 24.85 -24.61
O1A PCG G . -29.92 24.55 -25.41
O2A PCG G . -28.84 25.02 -23.15
O5' PCG G . -27.61 23.67 -24.87
C5' PCG G . -26.96 23.60 -26.17
C4' PCG G . -26.35 24.98 -26.49
O4' PCG G . -25.71 25.13 -27.78
C3' PCG G . -27.41 26.02 -26.55
O3' PCG G . -27.95 26.16 -25.24
C2' PCG G . -26.66 27.22 -27.02
O2' PCG G . -25.92 27.79 -25.94
C1' PCG G . -25.63 26.59 -28.00
N9 PCG G . -25.85 26.91 -29.44
C8 PCG G . -24.87 27.10 -30.33
N7 PCG G . -25.41 27.36 -31.53
C5 PCG G . -26.73 27.33 -31.40
C6 PCG G . -27.77 27.51 -32.31
O6 PCG G . -27.53 27.78 -33.50
N1 PCG G . -29.10 27.42 -31.87
C2 PCG G . -29.35 27.12 -30.51
N2 PCG G . -30.60 27.01 -30.08
N3 PCG G . -28.31 26.94 -29.66
C4 PCG G . -27.02 27.04 -30.07
PA PCG H . -20.44 38.90 8.46
O1A PCG H . -21.04 40.09 7.80
O2A PCG H . -21.12 37.59 8.33
O5' PCG H . -18.91 38.72 7.89
C5' PCG H . -17.90 39.67 8.29
C4' PCG H . -17.88 39.78 9.82
O4' PCG H . -17.00 40.73 10.42
C3' PCG H . -19.22 40.24 10.31
O3' PCG H . -20.16 39.22 10.04
C2' PCG H . -18.97 40.47 11.78
O2' PCG H . -19.09 39.23 12.48
C1' PCG H . -17.47 40.86 11.81
N9 PCG H . -17.25 42.24 12.33
C8 PCG H . -16.45 42.56 13.37
N7 PCG H . -16.49 43.89 13.54
C5 PCG H . -17.31 44.40 12.63
C6 PCG H . -17.71 45.71 12.36
O6 PCG H . -17.30 46.65 13.03
N1 PCG H . -18.61 45.93 11.30
C2 PCG H . -19.07 44.84 10.53
N2 PCG H . -19.92 45.05 9.53
N3 PCG H . -18.66 43.59 10.83
C4 PCG H . -17.79 43.36 11.85
#